data_2M87
#
_entry.id   2M87
#
_entity_poly.entity_id   1
_entity_poly.type   'polypeptide(L)'
_entity_poly.pdbx_seq_one_letter_code
;NQGDNEISVGNLRLNVTRRLVWLGETALDLTPKEYALLSRLMMKAGSPVHREILYNDIYSWDNEPATNTLEVHIHNLREK
IGKSRIRTVRGFGYMLANNIDTE
;
_entity_poly.pdbx_strand_id   A
#
# COMPACT_ATOMS: atom_id res chain seq x y z
N ASN A 1 1.68 -18.53 -4.43
CA ASN A 1 0.78 -18.93 -5.55
C ASN A 1 0.37 -20.39 -5.38
N GLN A 2 1.22 -21.19 -4.76
CA GLN A 2 0.88 -22.62 -4.57
C GLN A 2 -0.19 -22.75 -3.47
N GLY A 3 -1.28 -22.07 -3.61
CA GLY A 3 -2.35 -22.15 -2.57
C GLY A 3 -1.88 -21.44 -1.30
N ASP A 4 -0.89 -20.61 -1.41
CA ASP A 4 -0.38 -19.89 -0.20
C ASP A 4 0.57 -18.77 -0.63
N ASN A 5 0.46 -17.63 -0.01
CA ASN A 5 1.36 -16.49 -0.38
C ASN A 5 1.18 -15.36 0.63
N GLU A 6 2.26 -14.92 1.24
CA GLU A 6 2.16 -13.83 2.24
C GLU A 6 3.52 -13.18 2.45
N ILE A 7 3.54 -11.95 2.90
CA ILE A 7 4.85 -11.25 3.14
C ILE A 7 4.69 -10.29 4.32
N SER A 8 5.77 -9.84 4.89
CA SER A 8 5.68 -8.90 6.07
C SER A 8 6.83 -7.89 5.99
N VAL A 9 6.62 -6.75 6.58
CA VAL A 9 7.67 -5.68 6.58
C VAL A 9 7.65 -4.97 7.93
N GLY A 10 8.55 -5.33 8.81
CA GLY A 10 8.58 -4.68 10.15
C GLY A 10 7.45 -5.25 11.01
N ASN A 11 6.55 -4.41 11.45
CA ASN A 11 5.41 -4.87 12.29
C ASN A 11 4.15 -5.03 11.42
N LEU A 12 4.30 -4.98 10.11
CA LEU A 12 3.12 -5.12 9.20
C LEU A 12 3.16 -6.50 8.52
N ARG A 13 2.05 -7.20 8.55
CA ARG A 13 1.98 -8.56 7.90
C ARG A 13 0.92 -8.51 6.81
N LEU A 14 1.17 -9.15 5.69
CA LEU A 14 0.19 -9.15 4.55
C LEU A 14 -0.08 -10.59 4.10
N ASN A 15 -1.30 -10.88 3.72
CA ASN A 15 -1.65 -12.26 3.26
C ASN A 15 -2.51 -12.19 2.00
N VAL A 16 -1.91 -12.40 0.86
CA VAL A 16 -2.69 -12.35 -0.42
C VAL A 16 -3.67 -13.51 -0.47
N THR A 17 -3.33 -14.61 0.14
CA THR A 17 -4.25 -15.79 0.12
C THR A 17 -5.58 -15.41 0.77
N ARG A 18 -5.53 -14.82 1.94
CA ARG A 18 -6.80 -14.41 2.63
C ARG A 18 -7.08 -12.95 2.28
N ARG A 19 -6.11 -12.28 1.74
CA ARG A 19 -6.29 -10.85 1.34
C ARG A 19 -6.54 -10.00 2.60
N LEU A 20 -5.72 -10.16 3.61
CA LEU A 20 -5.88 -9.37 4.87
C LEU A 20 -4.52 -8.82 5.29
N VAL A 21 -4.50 -7.71 6.01
CA VAL A 21 -3.21 -7.10 6.46
C VAL A 21 -3.31 -6.73 7.94
N TRP A 22 -2.30 -7.06 8.72
CA TRP A 22 -2.32 -6.71 10.17
C TRP A 22 -1.41 -5.51 10.42
N LEU A 23 -1.62 -4.80 11.50
CA LEU A 23 -0.76 -3.61 11.80
C LEU A 23 -0.59 -3.50 13.32
N GLY A 24 0.61 -3.61 13.81
CA GLY A 24 0.80 -3.54 15.28
C GLY A 24 0.09 -4.73 15.90
N GLU A 25 0.23 -5.87 15.28
CA GLU A 25 -0.43 -7.11 15.79
C GLU A 25 -1.95 -6.93 15.79
N THR A 26 -2.46 -5.81 15.32
CA THR A 26 -3.96 -5.60 15.29
C THR A 26 -4.46 -5.68 13.86
N ALA A 27 -5.60 -6.29 13.65
CA ALA A 27 -6.16 -6.41 12.27
C ALA A 27 -6.59 -5.04 11.76
N LEU A 28 -5.94 -4.54 10.74
CA LEU A 28 -6.30 -3.20 10.20
C LEU A 28 -7.45 -3.36 9.19
N ASP A 29 -8.39 -2.44 9.18
CA ASP A 29 -9.54 -2.54 8.23
C ASP A 29 -9.30 -1.63 7.02
N LEU A 30 -9.01 -2.21 5.89
CA LEU A 30 -8.76 -1.39 4.64
C LEU A 30 -9.63 -1.94 3.51
N THR A 31 -10.18 -1.07 2.70
CA THR A 31 -11.06 -1.54 1.59
C THR A 31 -10.25 -2.45 0.65
N PRO A 32 -10.85 -3.48 0.07
CA PRO A 32 -10.12 -4.39 -0.88
C PRO A 32 -9.27 -3.60 -1.89
N LYS A 33 -9.81 -2.54 -2.43
CA LYS A 33 -9.04 -1.75 -3.43
C LYS A 33 -7.68 -1.36 -2.85
N GLU A 34 -7.65 -0.84 -1.65
CA GLU A 34 -6.35 -0.45 -1.03
C GLU A 34 -5.43 -1.67 -0.95
N TYR A 35 -5.99 -2.84 -0.75
CA TYR A 35 -5.14 -4.06 -0.65
C TYR A 35 -4.37 -4.24 -1.96
N ALA A 36 -4.95 -3.85 -3.06
CA ALA A 36 -4.25 -4.01 -4.37
C ALA A 36 -3.13 -2.98 -4.50
N LEU A 37 -3.44 -1.73 -4.32
CA LEU A 37 -2.38 -0.69 -4.42
C LEU A 37 -1.38 -0.92 -3.28
N LEU A 38 -1.87 -1.28 -2.13
CA LEU A 38 -0.98 -1.53 -0.97
C LEU A 38 -0.09 -2.74 -1.29
N SER A 39 -0.67 -3.80 -1.79
CA SER A 39 0.13 -5.01 -2.11
C SER A 39 1.34 -4.61 -2.96
N ARG A 40 1.22 -3.58 -3.74
CA ARG A 40 2.37 -3.13 -4.59
C ARG A 40 3.37 -2.39 -3.71
N LEU A 41 2.89 -1.61 -2.78
CA LEU A 41 3.81 -0.85 -1.89
C LEU A 41 4.76 -1.84 -1.19
N MET A 42 4.24 -2.90 -0.65
CA MET A 42 5.11 -3.90 0.05
C MET A 42 5.93 -4.67 -0.98
N MET A 43 5.40 -4.87 -2.16
CA MET A 43 6.15 -5.62 -3.21
C MET A 43 7.55 -5.00 -3.37
N LYS A 44 7.63 -3.70 -3.25
CA LYS A 44 8.95 -2.98 -3.40
C LYS A 44 9.26 -2.22 -2.10
N ALA A 45 9.23 -2.90 -0.99
CA ALA A 45 9.53 -2.22 0.30
C ALA A 45 11.02 -1.89 0.40
N GLY A 46 11.38 -0.65 0.21
CA GLY A 46 12.83 -0.25 0.29
C GLY A 46 13.08 0.91 -0.67
N SER A 47 12.19 1.13 -1.60
CA SER A 47 12.35 2.24 -2.58
C SER A 47 10.98 2.88 -2.85
N PRO A 48 10.95 4.09 -3.35
CA PRO A 48 9.67 4.81 -3.63
C PRO A 48 8.91 4.17 -4.81
N VAL A 49 7.72 3.71 -4.57
CA VAL A 49 6.93 3.08 -5.67
C VAL A 49 6.22 4.16 -6.49
N HIS A 50 6.30 4.10 -7.79
CA HIS A 50 5.63 5.13 -8.62
C HIS A 50 4.13 5.12 -8.31
N ARG A 51 3.49 6.26 -8.38
CA ARG A 51 2.03 6.33 -8.07
C ARG A 51 1.21 5.84 -9.27
N GLU A 52 1.78 5.85 -10.44
CA GLU A 52 1.02 5.39 -11.64
C GLU A 52 0.86 3.87 -11.60
N ILE A 53 1.84 3.16 -11.07
CA ILE A 53 1.73 1.68 -11.02
C ILE A 53 0.61 1.29 -10.05
N LEU A 54 0.42 2.05 -9.02
CA LEU A 54 -0.68 1.71 -8.05
C LEU A 54 -2.01 1.84 -8.79
N TYR A 55 -2.21 2.95 -9.43
CA TYR A 55 -3.47 3.16 -10.20
C TYR A 55 -3.60 2.04 -11.22
N ASN A 56 -2.50 1.59 -11.76
CA ASN A 56 -2.53 0.50 -12.76
C ASN A 56 -2.90 -0.82 -12.08
N ASP A 57 -2.69 -0.92 -10.79
CA ASP A 57 -3.02 -2.19 -10.10
C ASP A 57 -4.48 -2.58 -10.38
N ILE A 58 -5.40 -1.70 -10.10
CA ILE A 58 -6.85 -2.02 -10.35
C ILE A 58 -7.20 -1.76 -11.81
N TYR A 59 -6.64 -0.73 -12.39
CA TYR A 59 -6.96 -0.43 -13.82
C TYR A 59 -5.92 0.54 -14.40
N SER A 60 -5.49 0.30 -15.62
CA SER A 60 -4.49 1.19 -16.28
C SER A 60 -5.09 1.78 -17.55
N TRP A 61 -6.40 1.80 -17.64
CA TRP A 61 -7.06 2.36 -18.85
C TRP A 61 -7.01 3.90 -18.78
N ASP A 62 -6.93 4.43 -17.58
CA ASP A 62 -6.88 5.92 -17.41
C ASP A 62 -7.95 6.58 -18.29
N ASN A 63 -9.06 6.90 -17.71
CA ASN A 63 -10.16 7.57 -18.49
C ASN A 63 -9.83 9.06 -18.64
N GLU A 64 -10.61 9.92 -18.04
CA GLU A 64 -10.34 11.38 -18.15
C GLU A 64 -10.84 12.09 -16.88
N PRO A 65 -10.29 11.75 -15.74
CA PRO A 65 -10.69 12.35 -14.44
C PRO A 65 -10.09 13.75 -14.25
N ALA A 66 -10.73 14.76 -14.79
CA ALA A 66 -10.20 16.14 -14.64
C ALA A 66 -10.44 16.63 -13.21
N THR A 67 -11.52 16.22 -12.61
CA THR A 67 -11.81 16.66 -11.21
C THR A 67 -10.89 15.92 -10.24
N ASN A 68 -10.56 16.54 -9.14
CA ASN A 68 -9.65 15.87 -8.16
C ASN A 68 -10.44 14.79 -7.40
N THR A 69 -9.96 13.57 -7.40
CA THR A 69 -10.68 12.49 -6.69
C THR A 69 -9.75 11.28 -6.56
N LEU A 70 -9.02 10.97 -7.58
CA LEU A 70 -8.10 9.81 -7.54
C LEU A 70 -7.04 10.07 -6.46
N GLU A 71 -6.45 11.23 -6.46
CA GLU A 71 -5.42 11.56 -5.43
C GLU A 71 -6.10 11.72 -4.08
N VAL A 72 -7.31 12.20 -4.07
CA VAL A 72 -8.02 12.38 -2.77
C VAL A 72 -8.42 11.02 -2.21
N HIS A 73 -8.82 10.11 -3.06
CA HIS A 73 -9.19 8.76 -2.57
C HIS A 73 -7.99 8.22 -1.81
N ILE A 74 -6.82 8.43 -2.34
CA ILE A 74 -5.59 7.94 -1.65
C ILE A 74 -5.46 8.65 -0.32
N HIS A 75 -5.80 9.91 -0.27
CA HIS A 75 -5.71 10.64 1.03
C HIS A 75 -6.68 9.98 2.02
N ASN A 76 -7.82 9.57 1.52
CA ASN A 76 -8.82 8.91 2.41
C ASN A 76 -8.26 7.55 2.84
N LEU A 77 -7.69 6.82 1.92
CA LEU A 77 -7.12 5.49 2.28
C LEU A 77 -5.85 5.71 3.10
N ARG A 78 -5.16 6.80 2.86
CA ARG A 78 -3.90 7.08 3.63
C ARG A 78 -4.17 6.95 5.13
N GLU A 79 -5.22 7.58 5.60
CA GLU A 79 -5.54 7.50 7.06
C GLU A 79 -5.87 6.06 7.46
N LYS A 80 -6.37 5.26 6.55
CA LYS A 80 -6.71 3.87 6.90
C LYS A 80 -5.45 3.03 7.11
N ILE A 81 -4.48 3.17 6.26
CA ILE A 81 -3.23 2.37 6.39
C ILE A 81 -2.41 2.89 7.58
N GLY A 82 -2.72 4.06 8.06
CA GLY A 82 -1.96 4.61 9.20
C GLY A 82 -0.59 5.11 8.74
N LYS A 83 -0.54 6.30 8.21
CA LYS A 83 0.75 6.86 7.72
C LYS A 83 1.84 6.65 8.77
N SER A 84 1.46 6.37 9.98
CA SER A 84 2.47 6.17 11.06
C SER A 84 3.44 5.05 10.67
N ARG A 85 2.93 3.91 10.30
CA ARG A 85 3.83 2.77 9.93
C ARG A 85 4.23 2.85 8.46
N ILE A 86 3.91 3.93 7.80
CA ILE A 86 4.27 4.10 6.34
C ILE A 86 5.15 5.35 6.19
N ARG A 87 5.79 5.50 5.05
CA ARG A 87 6.67 6.70 4.82
C ARG A 87 6.49 7.16 3.37
N THR A 88 5.94 8.32 3.17
CA THR A 88 5.75 8.84 1.78
C THR A 88 7.00 9.57 1.31
N VAL A 89 7.41 9.36 0.09
CA VAL A 89 8.63 10.05 -0.45
C VAL A 89 8.21 11.15 -1.42
N ARG A 90 8.06 12.35 -0.93
CA ARG A 90 7.64 13.48 -1.81
C ARG A 90 6.41 13.07 -2.62
N GLY A 91 5.94 13.94 -3.49
CA GLY A 91 4.74 13.60 -4.31
C GLY A 91 5.18 12.82 -5.55
N PHE A 92 5.86 11.72 -5.36
CA PHE A 92 6.34 10.90 -6.52
C PHE A 92 6.06 9.41 -6.24
N GLY A 93 6.11 8.99 -5.00
CA GLY A 93 5.85 7.55 -4.72
C GLY A 93 5.67 7.31 -3.22
N TYR A 94 5.61 6.06 -2.83
CA TYR A 94 5.44 5.70 -1.38
C TYR A 94 6.52 4.67 -1.02
N MET A 95 6.85 4.57 0.24
CA MET A 95 7.90 3.59 0.65
C MET A 95 7.65 3.15 2.11
N LEU A 96 7.70 1.87 2.36
CA LEU A 96 7.49 1.36 3.75
C LEU A 96 8.84 1.28 4.47
N ALA A 97 8.86 1.54 5.75
CA ALA A 97 10.14 1.47 6.50
C ALA A 97 10.66 0.03 6.48
N ASN A 98 11.68 -0.22 5.70
CA ASN A 98 12.25 -1.61 5.63
C ASN A 98 12.90 -1.96 6.96
N ASN A 99 12.11 -2.12 7.99
CA ASN A 99 12.68 -2.47 9.33
C ASN A 99 13.80 -1.50 9.68
N ILE A 100 13.60 -0.23 9.42
CA ILE A 100 14.65 0.78 9.74
C ILE A 100 14.62 1.05 11.24
N ASP A 101 13.60 0.59 11.90
CA ASP A 101 13.50 0.81 13.37
C ASP A 101 14.62 0.06 14.08
N THR A 102 14.88 -1.15 13.68
CA THR A 102 15.97 -1.95 14.32
C THR A 102 17.32 -1.51 13.75
N GLU A 103 17.57 -0.23 13.71
CA GLU A 103 18.86 0.26 13.18
C GLU A 103 19.10 -0.32 11.78
N ASN A 1 -3.73 -23.00 -3.09
CA ASN A 1 -3.02 -24.12 -2.38
C ASN A 1 -1.59 -24.23 -2.92
N GLN A 2 -0.66 -24.61 -2.09
CA GLN A 2 0.76 -24.73 -2.56
C GLN A 2 1.18 -23.44 -3.26
N GLY A 3 0.82 -22.32 -2.72
CA GLY A 3 1.20 -21.02 -3.37
C GLY A 3 0.99 -19.89 -2.37
N ASP A 4 1.00 -20.17 -1.10
CA ASP A 4 0.81 -19.11 -0.08
C ASP A 4 1.79 -17.96 -0.34
N ASN A 5 1.57 -16.83 0.25
CA ASN A 5 2.50 -15.68 0.04
C ASN A 5 2.24 -14.63 1.12
N GLU A 6 3.25 -14.23 1.83
CA GLU A 6 3.07 -13.21 2.91
C GLU A 6 4.43 -12.63 3.29
N ILE A 7 4.43 -11.45 3.87
CA ILE A 7 5.71 -10.81 4.29
C ILE A 7 5.45 -9.94 5.53
N SER A 8 6.48 -9.55 6.23
CA SER A 8 6.30 -8.71 7.47
C SER A 8 7.21 -7.48 7.39
N VAL A 9 6.66 -6.32 7.67
CA VAL A 9 7.47 -5.05 7.63
C VAL A 9 7.42 -4.40 9.01
N GLY A 10 8.35 -4.71 9.85
CA GLY A 10 8.35 -4.12 11.22
C GLY A 10 7.21 -4.74 12.02
N ASN A 11 6.29 -3.93 12.49
CA ASN A 11 5.12 -4.47 13.26
C ASN A 11 3.93 -4.67 12.33
N LEU A 12 4.15 -4.60 11.04
CA LEU A 12 3.05 -4.78 10.04
C LEU A 12 3.18 -6.17 9.41
N ARG A 13 2.13 -6.96 9.45
CA ARG A 13 2.16 -8.33 8.85
C ARG A 13 1.28 -8.32 7.59
N LEU A 14 1.87 -8.59 6.44
CA LEU A 14 1.09 -8.58 5.15
C LEU A 14 0.79 -10.03 4.74
N ASN A 15 -0.43 -10.31 4.35
CA ASN A 15 -0.81 -11.69 3.91
C ASN A 15 -1.66 -11.62 2.63
N VAL A 16 -1.04 -11.81 1.50
CA VAL A 16 -1.80 -11.76 0.21
C VAL A 16 -2.65 -13.02 0.07
N THR A 17 -2.25 -14.09 0.70
CA THR A 17 -3.02 -15.36 0.60
C THR A 17 -4.45 -15.13 1.11
N ARG A 18 -4.60 -14.54 2.27
CA ARG A 18 -5.96 -14.28 2.83
C ARG A 18 -6.33 -12.82 2.55
N ARG A 19 -5.41 -12.09 1.99
CA ARG A 19 -5.65 -10.66 1.68
C ARG A 19 -6.04 -9.93 2.96
N LEU A 20 -5.09 -9.66 3.81
CA LEU A 20 -5.38 -8.94 5.08
C LEU A 20 -4.08 -8.42 5.66
N VAL A 21 -4.11 -7.31 6.37
CA VAL A 21 -2.86 -6.75 6.98
C VAL A 21 -3.13 -6.35 8.43
N TRP A 22 -2.14 -6.47 9.29
CA TRP A 22 -2.29 -6.10 10.72
C TRP A 22 -1.40 -4.89 11.03
N LEU A 23 -1.88 -3.98 11.85
CA LEU A 23 -1.10 -2.76 12.22
C LEU A 23 -0.94 -2.75 13.74
N GLY A 24 0.24 -3.06 14.23
CA GLY A 24 0.41 -3.08 15.71
C GLY A 24 -0.34 -4.30 16.26
N GLU A 25 -0.24 -5.40 15.56
CA GLU A 25 -0.94 -6.65 16.00
C GLU A 25 -2.45 -6.49 15.81
N THR A 26 -2.91 -5.29 15.53
CA THR A 26 -4.38 -5.08 15.34
C THR A 26 -4.73 -5.23 13.86
N ALA A 27 -5.86 -5.80 13.55
CA ALA A 27 -6.24 -5.99 12.12
C ALA A 27 -6.37 -4.63 11.43
N LEU A 28 -5.50 -4.34 10.50
CA LEU A 28 -5.59 -3.05 9.76
C LEU A 28 -6.76 -3.14 8.78
N ASP A 29 -7.65 -2.17 8.80
CA ASP A 29 -8.83 -2.22 7.88
C ASP A 29 -8.55 -1.38 6.62
N LEU A 30 -8.21 -2.03 5.54
CA LEU A 30 -7.91 -1.30 4.25
C LEU A 30 -8.87 -1.82 3.16
N THR A 31 -9.46 -0.93 2.41
CA THR A 31 -10.39 -1.36 1.34
C THR A 31 -9.70 -2.41 0.44
N PRO A 32 -10.44 -3.29 -0.18
CA PRO A 32 -9.83 -4.34 -1.07
C PRO A 32 -9.04 -3.69 -2.22
N LYS A 33 -9.61 -2.70 -2.84
CA LYS A 33 -8.88 -2.00 -3.94
C LYS A 33 -7.54 -1.52 -3.41
N GLU A 34 -7.55 -0.87 -2.27
CA GLU A 34 -6.28 -0.38 -1.67
C GLU A 34 -5.31 -1.54 -1.55
N TYR A 35 -5.80 -2.71 -1.22
CA TYR A 35 -4.89 -3.88 -1.09
C TYR A 35 -4.13 -4.09 -2.40
N ALA A 36 -4.75 -3.77 -3.51
CA ALA A 36 -4.06 -3.94 -4.81
C ALA A 36 -2.89 -2.95 -4.89
N LEU A 37 -3.13 -1.71 -4.60
CA LEU A 37 -2.02 -0.71 -4.65
C LEU A 37 -0.94 -1.16 -3.67
N LEU A 38 -1.36 -1.68 -2.54
CA LEU A 38 -0.37 -2.15 -1.53
C LEU A 38 0.53 -3.20 -2.17
N SER A 39 -0.03 -4.09 -2.93
CA SER A 39 0.79 -5.15 -3.58
C SER A 39 1.93 -4.51 -4.37
N ARG A 40 1.67 -3.41 -5.02
CA ARG A 40 2.75 -2.74 -5.80
C ARG A 40 3.68 -2.00 -4.85
N LEU A 41 3.14 -1.29 -3.90
CA LEU A 41 4.00 -0.53 -2.94
C LEU A 41 4.92 -1.49 -2.19
N MET A 42 4.38 -2.52 -1.59
CA MET A 42 5.25 -3.46 -0.82
C MET A 42 6.23 -4.16 -1.76
N MET A 43 5.82 -4.50 -2.95
CA MET A 43 6.74 -5.19 -3.88
C MET A 43 7.99 -4.33 -4.07
N LYS A 44 7.84 -3.04 -3.94
CA LYS A 44 9.00 -2.11 -4.10
C LYS A 44 9.20 -1.33 -2.79
N ALA A 45 9.10 -2.00 -1.67
CA ALA A 45 9.28 -1.30 -0.37
C ALA A 45 10.72 -0.76 -0.26
N GLY A 46 10.86 0.48 0.14
CA GLY A 46 12.24 1.07 0.27
C GLY A 46 12.64 1.73 -1.04
N SER A 47 11.84 1.56 -2.07
CA SER A 47 12.15 2.17 -3.41
C SER A 47 10.98 3.09 -3.81
N PRO A 48 11.19 4.39 -3.96
CA PRO A 48 10.07 5.31 -4.35
C PRO A 48 9.29 4.76 -5.55
N VAL A 49 8.01 4.53 -5.37
CA VAL A 49 7.17 3.99 -6.48
C VAL A 49 6.42 5.12 -7.18
N HIS A 50 6.38 5.08 -8.49
CA HIS A 50 5.64 6.13 -9.23
C HIS A 50 4.16 6.05 -8.87
N ARG A 51 3.61 7.11 -8.35
CA ARG A 51 2.17 7.11 -7.96
C ARG A 51 1.34 6.66 -9.17
N GLU A 52 1.92 6.73 -10.33
CA GLU A 52 1.18 6.32 -11.55
C GLU A 52 0.90 4.82 -11.50
N ILE A 53 1.89 4.02 -11.20
CA ILE A 53 1.67 2.54 -11.13
C ILE A 53 0.59 2.22 -10.10
N LEU A 54 0.47 3.00 -9.07
CA LEU A 54 -0.58 2.72 -8.05
C LEU A 54 -1.96 2.94 -8.68
N TYR A 55 -2.07 3.88 -9.59
CA TYR A 55 -3.38 4.12 -10.24
C TYR A 55 -3.64 2.98 -11.23
N ASN A 56 -2.61 2.47 -11.82
CA ASN A 56 -2.77 1.35 -12.80
C ASN A 56 -3.31 0.11 -12.07
N ASP A 57 -3.12 0.03 -10.78
CA ASP A 57 -3.61 -1.17 -10.04
C ASP A 57 -5.12 -1.32 -10.29
N ILE A 58 -5.88 -0.29 -10.01
CA ILE A 58 -7.36 -0.38 -10.23
C ILE A 58 -7.67 -0.22 -11.72
N TYR A 59 -6.71 0.22 -12.50
CA TYR A 59 -6.93 0.41 -13.96
C TYR A 59 -5.65 0.06 -14.73
N SER A 60 -5.30 -1.20 -14.78
CA SER A 60 -4.07 -1.60 -15.50
C SER A 60 -4.36 -1.75 -17.00
N TRP A 61 -5.41 -2.44 -17.34
CA TRP A 61 -5.76 -2.62 -18.79
C TRP A 61 -6.62 -1.44 -19.26
N ASP A 62 -6.29 -0.24 -18.86
CA ASP A 62 -7.10 0.94 -19.29
C ASP A 62 -6.25 2.21 -19.17
N ASN A 63 -5.73 2.47 -18.02
CA ASN A 63 -4.89 3.70 -17.81
C ASN A 63 -5.68 4.94 -18.26
N GLU A 64 -6.21 5.68 -17.33
CA GLU A 64 -6.99 6.90 -17.69
C GLU A 64 -7.01 7.87 -16.50
N PRO A 65 -5.86 8.35 -16.11
CA PRO A 65 -5.74 9.30 -14.96
C PRO A 65 -6.13 10.74 -15.36
N ALA A 66 -6.74 10.90 -16.50
CA ALA A 66 -7.14 12.27 -16.93
C ALA A 66 -8.27 12.78 -16.03
N THR A 67 -9.07 11.89 -15.51
CA THR A 67 -10.19 12.32 -14.63
C THR A 67 -9.62 12.99 -13.37
N ASN A 68 -10.23 12.76 -12.24
CA ASN A 68 -9.73 13.38 -10.97
C ASN A 68 -10.20 12.54 -9.78
N THR A 69 -10.16 13.10 -8.60
CA THR A 69 -10.60 12.36 -7.38
C THR A 69 -9.69 11.14 -7.16
N LEU A 70 -8.80 10.85 -8.07
CA LEU A 70 -7.90 9.68 -7.88
C LEU A 70 -6.89 10.00 -6.78
N GLU A 71 -6.33 11.18 -6.79
CA GLU A 71 -5.35 11.54 -5.73
C GLU A 71 -6.08 11.75 -4.41
N VAL A 72 -7.29 12.23 -4.46
CA VAL A 72 -8.04 12.45 -3.20
C VAL A 72 -8.43 11.10 -2.60
N HIS A 73 -8.79 10.17 -3.43
CA HIS A 73 -9.14 8.82 -2.91
C HIS A 73 -7.94 8.32 -2.11
N ILE A 74 -6.77 8.58 -2.61
CA ILE A 74 -5.55 8.13 -1.89
C ILE A 74 -5.48 8.89 -0.57
N HIS A 75 -5.87 10.14 -0.57
CA HIS A 75 -5.83 10.91 0.70
C HIS A 75 -6.78 10.24 1.70
N ASN A 76 -7.88 9.73 1.23
CA ASN A 76 -8.85 9.05 2.12
C ASN A 76 -8.26 7.72 2.57
N LEU A 77 -7.65 7.00 1.68
CA LEU A 77 -7.04 5.69 2.05
C LEU A 77 -5.82 5.92 2.94
N ARG A 78 -5.05 6.93 2.65
CA ARG A 78 -3.84 7.22 3.46
C ARG A 78 -4.22 7.25 4.95
N GLU A 79 -5.26 7.95 5.29
CA GLU A 79 -5.67 8.02 6.72
C GLU A 79 -6.05 6.62 7.24
N LYS A 80 -6.45 5.73 6.38
CA LYS A 80 -6.84 4.37 6.85
C LYS A 80 -5.60 3.54 7.19
N ILE A 81 -4.58 3.59 6.38
CA ILE A 81 -3.36 2.79 6.64
C ILE A 81 -2.53 3.47 7.73
N GLY A 82 -2.72 4.74 7.94
CA GLY A 82 -1.91 5.45 8.98
C GLY A 82 -0.56 5.83 8.39
N LYS A 83 -0.48 6.97 7.77
CA LYS A 83 0.80 7.42 7.14
C LYS A 83 1.97 7.18 8.09
N SER A 84 1.69 6.98 9.35
CA SER A 84 2.79 6.75 10.33
C SER A 84 3.71 5.64 9.82
N ARG A 85 3.15 4.53 9.39
CA ARG A 85 3.99 3.41 8.90
C ARG A 85 4.40 3.64 7.43
N ILE A 86 4.15 4.81 6.89
CA ILE A 86 4.51 5.08 5.46
C ILE A 86 5.16 6.46 5.35
N ARG A 87 5.91 6.68 4.30
CA ARG A 87 6.58 8.01 4.07
C ARG A 87 6.13 8.55 2.72
N THR A 88 5.65 9.78 2.68
CA THR A 88 5.19 10.36 1.39
C THR A 88 6.32 11.16 0.74
N VAL A 89 6.44 11.07 -0.56
CA VAL A 89 7.51 11.82 -1.28
C VAL A 89 6.86 12.98 -2.05
N ARG A 90 7.00 14.18 -1.56
CA ARG A 90 6.38 15.35 -2.26
C ARG A 90 6.77 15.33 -3.74
N GLY A 91 7.70 14.49 -4.11
CA GLY A 91 8.12 14.42 -5.53
C GLY A 91 6.96 13.93 -6.40
N PHE A 92 6.77 12.65 -6.51
CA PHE A 92 5.67 12.12 -7.35
C PHE A 92 5.52 10.61 -7.12
N GLY A 93 5.96 10.12 -5.99
CA GLY A 93 5.87 8.66 -5.69
C GLY A 93 5.63 8.46 -4.20
N TYR A 94 5.86 7.26 -3.72
CA TYR A 94 5.64 6.98 -2.27
C TYR A 94 6.59 5.85 -1.86
N MET A 95 6.70 5.59 -0.58
CA MET A 95 7.62 4.50 -0.13
C MET A 95 7.28 4.06 1.29
N LEU A 96 7.27 2.78 1.53
CA LEU A 96 6.97 2.26 2.90
C LEU A 96 8.28 2.17 3.69
N ALA A 97 8.25 2.54 4.94
CA ALA A 97 9.49 2.48 5.77
C ALA A 97 9.81 1.02 6.09
N ASN A 98 11.05 0.63 5.92
CA ASN A 98 11.43 -0.79 6.21
C ASN A 98 10.99 -1.15 7.64
N ASN A 99 11.75 -0.75 8.62
CA ASN A 99 11.37 -1.07 10.02
C ASN A 99 12.16 -0.19 10.99
N ILE A 100 11.62 0.96 11.34
CA ILE A 100 12.35 1.87 12.26
C ILE A 100 12.28 1.29 13.68
N ASP A 101 11.47 0.30 13.86
CA ASP A 101 11.35 -0.34 15.21
C ASP A 101 12.66 -1.03 15.57
N THR A 102 13.40 -1.47 14.58
CA THR A 102 14.69 -2.15 14.87
C THR A 102 15.65 -1.18 15.56
N GLU A 103 15.36 0.09 15.50
CA GLU A 103 16.25 1.10 16.14
C GLU A 103 16.26 0.86 17.65
N ASN A 1 3.62 -18.36 -3.45
CA ASN A 1 3.11 -19.02 -4.68
C ASN A 1 2.64 -20.44 -4.34
N GLN A 2 3.24 -21.06 -3.37
CA GLN A 2 2.83 -22.42 -2.98
C GLN A 2 1.48 -22.37 -2.23
N GLY A 3 0.48 -21.81 -2.85
CA GLY A 3 -0.84 -21.72 -2.18
C GLY A 3 -0.71 -20.91 -0.89
N ASP A 4 0.19 -19.98 -0.86
CA ASP A 4 0.37 -19.14 0.37
C ASP A 4 1.32 -17.98 0.08
N ASN A 5 1.03 -16.82 0.61
CA ASN A 5 1.91 -15.64 0.37
C ASN A 5 1.68 -14.61 1.48
N GLU A 6 2.72 -14.26 2.19
CA GLU A 6 2.57 -13.27 3.29
C GLU A 6 3.93 -12.67 3.66
N ILE A 7 3.94 -11.48 4.22
CA ILE A 7 5.24 -10.84 4.60
C ILE A 7 5.00 -9.98 5.85
N SER A 8 6.06 -9.59 6.52
CA SER A 8 5.92 -8.75 7.76
C SER A 8 7.04 -7.73 7.83
N VAL A 9 6.80 -6.62 8.47
CA VAL A 9 7.84 -5.56 8.59
C VAL A 9 7.63 -4.84 9.93
N GLY A 10 8.37 -5.24 10.94
CA GLY A 10 8.21 -4.58 12.27
C GLY A 10 6.97 -5.14 12.96
N ASN A 11 5.99 -4.31 13.20
CA ASN A 11 4.73 -4.78 13.89
C ASN A 11 3.61 -4.92 12.85
N LEU A 12 3.93 -4.78 11.58
CA LEU A 12 2.88 -4.89 10.52
C LEU A 12 2.99 -6.27 9.85
N ARG A 13 1.90 -7.01 9.81
CA ARG A 13 1.92 -8.37 9.16
C ARG A 13 0.94 -8.37 7.99
N LEU A 14 1.40 -8.70 6.81
CA LEU A 14 0.51 -8.72 5.60
C LEU A 14 0.23 -10.18 5.20
N ASN A 15 -0.98 -10.47 4.81
CA ASN A 15 -1.35 -11.87 4.40
C ASN A 15 -2.18 -11.82 3.11
N VAL A 16 -1.55 -12.00 1.98
CA VAL A 16 -2.28 -11.97 0.68
C VAL A 16 -3.19 -13.19 0.59
N THR A 17 -2.80 -14.26 1.20
CA THR A 17 -3.65 -15.49 1.16
C THR A 17 -4.99 -15.22 1.85
N ARG A 18 -4.95 -14.78 3.07
CA ARG A 18 -6.21 -14.49 3.81
C ARG A 18 -6.69 -13.08 3.41
N ARG A 19 -5.81 -12.32 2.82
CA ARG A 19 -6.17 -10.94 2.41
C ARG A 19 -6.52 -10.11 3.65
N LEU A 20 -5.53 -9.80 4.44
CA LEU A 20 -5.77 -8.99 5.66
C LEU A 20 -4.43 -8.45 6.15
N VAL A 21 -4.43 -7.34 6.86
CA VAL A 21 -3.14 -6.75 7.37
C VAL A 21 -3.31 -6.30 8.83
N TRP A 22 -2.29 -6.47 9.62
CA TRP A 22 -2.35 -6.05 11.07
C TRP A 22 -1.48 -4.80 11.25
N LEU A 23 -1.90 -3.92 12.12
CA LEU A 23 -1.13 -2.66 12.40
C LEU A 23 -0.94 -2.55 13.91
N GLY A 24 0.24 -2.83 14.39
CA GLY A 24 0.43 -2.76 15.87
C GLY A 24 -0.28 -3.96 16.50
N GLU A 25 -0.10 -5.11 15.91
CA GLU A 25 -0.76 -6.35 16.42
C GLU A 25 -2.29 -6.23 16.31
N THR A 26 -2.80 -5.10 15.87
CA THR A 26 -4.29 -4.94 15.73
C THR A 26 -4.70 -5.16 14.28
N ALA A 27 -5.79 -5.83 14.05
CA ALA A 27 -6.24 -6.09 12.65
C ALA A 27 -6.53 -4.77 11.93
N LEU A 28 -5.79 -4.48 10.89
CA LEU A 28 -6.02 -3.22 10.12
C LEU A 28 -7.13 -3.49 9.08
N ASP A 29 -8.13 -2.66 9.04
CA ASP A 29 -9.25 -2.87 8.05
C ASP A 29 -9.11 -1.90 6.89
N LEU A 30 -8.98 -2.40 5.71
CA LEU A 30 -8.84 -1.53 4.49
C LEU A 30 -9.65 -2.12 3.33
N THR A 31 -10.15 -1.29 2.46
CA THR A 31 -10.97 -1.81 1.33
C THR A 31 -10.07 -2.62 0.36
N PRO A 32 -10.60 -3.59 -0.34
CA PRO A 32 -9.80 -4.42 -1.30
C PRO A 32 -8.91 -3.54 -2.20
N LYS A 33 -9.40 -2.43 -2.66
CA LYS A 33 -8.58 -1.55 -3.53
C LYS A 33 -7.25 -1.23 -2.84
N GLU A 34 -7.28 -0.80 -1.62
CA GLU A 34 -6.01 -0.48 -0.91
C GLU A 34 -5.15 -1.75 -0.83
N TYR A 35 -5.76 -2.90 -0.84
CA TYR A 35 -4.96 -4.16 -0.77
C TYR A 35 -4.23 -4.36 -2.10
N ALA A 36 -4.80 -3.92 -3.18
CA ALA A 36 -4.14 -4.08 -4.50
C ALA A 36 -2.99 -3.09 -4.63
N LEU A 37 -3.25 -1.83 -4.39
CA LEU A 37 -2.15 -0.82 -4.47
C LEU A 37 -1.08 -1.21 -3.47
N LEU A 38 -1.49 -1.71 -2.34
CA LEU A 38 -0.52 -2.12 -1.30
C LEU A 38 0.36 -3.27 -1.83
N SER A 39 -0.24 -4.23 -2.47
CA SER A 39 0.55 -5.38 -2.99
C SER A 39 1.72 -4.89 -3.85
N ARG A 40 1.51 -3.84 -4.61
CA ARG A 40 2.60 -3.31 -5.45
C ARG A 40 3.54 -2.44 -4.60
N LEU A 41 2.98 -1.62 -3.75
CA LEU A 41 3.83 -0.74 -2.91
C LEU A 41 4.70 -1.58 -1.97
N MET A 42 4.16 -2.63 -1.40
CA MET A 42 4.98 -3.47 -0.48
C MET A 42 6.02 -4.27 -1.29
N MET A 43 5.63 -4.75 -2.43
CA MET A 43 6.58 -5.54 -3.28
C MET A 43 7.84 -4.72 -3.49
N LYS A 44 7.70 -3.41 -3.48
CA LYS A 44 8.87 -2.50 -3.68
C LYS A 44 9.07 -1.67 -2.40
N ALA A 45 9.00 -2.32 -1.26
CA ALA A 45 9.17 -1.58 0.03
C ALA A 45 10.64 -1.20 0.22
N GLY A 46 10.88 0.00 0.73
CA GLY A 46 12.29 0.46 0.95
C GLY A 46 12.74 1.33 -0.22
N SER A 47 12.06 1.25 -1.33
CA SER A 47 12.41 2.07 -2.54
C SER A 47 11.22 2.96 -2.89
N PRO A 48 11.45 4.11 -3.50
CA PRO A 48 10.33 5.03 -3.86
C PRO A 48 9.51 4.48 -5.03
N VAL A 49 8.24 4.24 -4.82
CA VAL A 49 7.37 3.70 -5.92
C VAL A 49 6.58 4.83 -6.57
N HIS A 50 6.51 4.82 -7.87
CA HIS A 50 5.74 5.87 -8.58
C HIS A 50 4.23 5.60 -8.39
N ARG A 51 3.50 6.55 -7.90
CA ARG A 51 2.04 6.34 -7.68
C ARG A 51 1.41 5.89 -9.00
N GLU A 52 2.12 6.08 -10.07
CA GLU A 52 1.58 5.69 -11.39
C GLU A 52 1.34 4.18 -11.41
N ILE A 53 2.36 3.40 -11.15
CA ILE A 53 2.19 1.92 -11.16
C ILE A 53 1.06 1.50 -10.23
N LEU A 54 0.82 2.26 -9.20
CA LEU A 54 -0.28 1.90 -8.27
C LEU A 54 -1.61 2.15 -8.97
N TYR A 55 -1.75 3.28 -9.60
CA TYR A 55 -3.03 3.58 -10.31
C TYR A 55 -3.36 2.42 -11.26
N ASN A 56 -2.35 1.83 -11.83
CA ASN A 56 -2.56 0.70 -12.78
C ASN A 56 -3.15 -0.51 -12.03
N ASP A 57 -2.99 -0.57 -10.74
CA ASP A 57 -3.54 -1.75 -10.00
C ASP A 57 -5.05 -1.87 -10.26
N ILE A 58 -5.79 -0.83 -9.99
CA ILE A 58 -7.26 -0.89 -10.19
C ILE A 58 -7.62 -0.63 -11.67
N TYR A 59 -6.92 0.26 -12.31
CA TYR A 59 -7.21 0.59 -13.75
C TYR A 59 -6.17 -0.09 -14.64
N SER A 60 -6.53 -0.38 -15.87
CA SER A 60 -5.57 -1.04 -16.79
C SER A 60 -6.08 -0.95 -18.23
N TRP A 61 -6.97 -0.03 -18.49
CA TRP A 61 -7.52 0.11 -19.86
C TRP A 61 -8.27 1.44 -19.97
N ASP A 62 -8.30 2.19 -18.91
CA ASP A 62 -9.01 3.50 -18.94
C ASP A 62 -8.36 4.41 -19.99
N ASN A 63 -7.73 5.47 -19.59
CA ASN A 63 -7.09 6.39 -20.57
C ASN A 63 -6.00 7.21 -19.87
N GLU A 64 -6.35 8.34 -19.34
CA GLU A 64 -5.34 9.19 -18.65
C GLU A 64 -6.04 10.31 -17.88
N PRO A 65 -6.88 9.96 -16.93
CA PRO A 65 -7.63 10.97 -16.12
C PRO A 65 -6.73 11.62 -15.05
N ALA A 66 -5.90 12.55 -15.45
CA ALA A 66 -5.01 13.22 -14.47
C ALA A 66 -5.83 14.17 -13.60
N THR A 67 -7.07 14.38 -13.94
CA THR A 67 -7.91 15.30 -13.13
C THR A 67 -7.90 14.85 -11.66
N ASN A 68 -8.30 15.70 -10.77
CA ASN A 68 -8.30 15.33 -9.32
C ASN A 68 -9.37 14.26 -9.07
N THR A 69 -8.96 13.04 -8.85
CA THR A 69 -9.94 11.95 -8.60
C THR A 69 -9.23 10.74 -8.02
N LEU A 70 -8.51 10.02 -8.83
CA LEU A 70 -7.79 8.82 -8.33
C LEU A 70 -6.86 9.23 -7.18
N GLU A 71 -6.25 10.38 -7.27
CA GLU A 71 -5.34 10.83 -6.18
C GLU A 71 -6.15 11.10 -4.92
N VAL A 72 -7.38 11.52 -5.06
CA VAL A 72 -8.22 11.80 -3.86
C VAL A 72 -8.63 10.48 -3.22
N HIS A 73 -8.98 9.52 -4.02
CA HIS A 73 -9.37 8.20 -3.44
C HIS A 73 -8.19 7.71 -2.61
N ILE A 74 -6.99 7.95 -3.08
CA ILE A 74 -5.79 7.53 -2.34
C ILE A 74 -5.75 8.29 -1.02
N HIS A 75 -6.16 9.53 -1.03
CA HIS A 75 -6.14 10.33 0.23
C HIS A 75 -7.18 9.77 1.20
N ASN A 76 -8.28 9.27 0.68
CA ASN A 76 -9.33 8.72 1.56
C ASN A 76 -8.85 7.40 2.17
N LEU A 77 -8.21 6.57 1.40
CA LEU A 77 -7.73 5.27 1.95
C LEU A 77 -6.54 5.51 2.89
N ARG A 78 -5.64 6.37 2.54
CA ARG A 78 -4.47 6.64 3.44
C ARG A 78 -4.97 6.91 4.86
N GLU A 79 -6.01 7.69 5.00
CA GLU A 79 -6.54 7.99 6.35
C GLU A 79 -7.05 6.69 7.01
N LYS A 80 -7.46 5.73 6.23
CA LYS A 80 -7.99 4.46 6.82
C LYS A 80 -6.83 3.61 7.34
N ILE A 81 -5.76 3.49 6.60
CA ILE A 81 -4.61 2.66 7.05
C ILE A 81 -3.75 3.46 8.01
N GLY A 82 -3.70 4.75 7.85
CA GLY A 82 -2.86 5.61 8.74
C GLY A 82 -1.54 5.89 8.03
N LYS A 83 -1.51 6.89 7.20
CA LYS A 83 -0.26 7.24 6.45
C LYS A 83 0.95 7.20 7.38
N SER A 84 0.73 7.22 8.67
CA SER A 84 1.87 7.18 9.63
C SER A 84 2.78 6.00 9.28
N ARG A 85 2.22 4.85 9.01
CA ARG A 85 3.06 3.67 8.66
C ARG A 85 3.62 3.84 7.24
N ILE A 86 3.44 5.00 6.65
CA ILE A 86 3.95 5.24 5.25
C ILE A 86 4.61 6.62 5.19
N ARG A 87 5.45 6.84 4.21
CA ARG A 87 6.14 8.16 4.06
C ARG A 87 6.14 8.58 2.60
N THR A 88 5.62 9.74 2.29
CA THR A 88 5.59 10.20 0.87
C THR A 88 6.88 10.95 0.54
N VAL A 89 7.39 10.78 -0.65
CA VAL A 89 8.68 11.45 -1.05
C VAL A 89 8.38 12.68 -1.91
N ARG A 90 8.56 13.85 -1.35
CA ARG A 90 8.31 15.10 -2.13
C ARG A 90 6.96 15.03 -2.85
N GLY A 91 5.97 14.45 -2.22
CA GLY A 91 4.63 14.37 -2.86
C GLY A 91 4.77 13.83 -4.29
N PHE A 92 5.44 12.72 -4.45
CA PHE A 92 5.64 12.11 -5.80
C PHE A 92 5.32 10.62 -5.72
N GLY A 93 6.25 9.82 -5.26
CA GLY A 93 5.99 8.35 -5.16
C GLY A 93 5.62 8.00 -3.72
N TYR A 94 5.99 6.83 -3.27
CA TYR A 94 5.69 6.42 -1.87
C TYR A 94 6.76 5.45 -1.40
N MET A 95 6.88 5.24 -0.12
CA MET A 95 7.93 4.31 0.39
C MET A 95 7.64 3.91 1.83
N LEU A 96 7.78 2.64 2.13
CA LEU A 96 7.54 2.14 3.51
C LEU A 96 8.86 2.18 4.29
N ALA A 97 8.87 2.80 5.44
CA ALA A 97 10.12 2.88 6.24
C ALA A 97 10.43 1.51 6.83
N ASN A 98 11.32 0.78 6.22
CA ASN A 98 11.67 -0.58 6.74
C ASN A 98 12.08 -0.46 8.22
N ASN A 99 11.34 -1.09 9.09
CA ASN A 99 11.68 -1.02 10.54
C ASN A 99 11.82 0.45 10.97
N ILE A 100 10.79 1.01 11.54
CA ILE A 100 10.88 2.43 11.98
C ILE A 100 11.77 2.52 13.20
N ASP A 101 12.10 1.40 13.77
CA ASP A 101 12.98 1.38 14.97
C ASP A 101 13.32 -0.06 15.32
N THR A 102 12.50 -1.00 14.94
CA THR A 102 12.77 -2.43 15.26
C THR A 102 14.12 -2.84 14.65
N GLU A 103 14.58 -4.01 14.96
CA GLU A 103 15.88 -4.47 14.41
C GLU A 103 15.84 -4.42 12.88
N ASN A 1 -3.85 -20.46 1.31
CA ASN A 1 -3.14 -21.56 0.60
C ASN A 1 -3.56 -21.57 -0.87
N GLN A 2 -4.42 -20.67 -1.26
CA GLN A 2 -4.87 -20.62 -2.69
C GLN A 2 -3.91 -19.74 -3.49
N GLY A 3 -2.63 -19.99 -3.39
CA GLY A 3 -1.64 -19.18 -4.14
C GLY A 3 -0.25 -19.37 -3.54
N ASP A 4 -0.19 -19.66 -2.27
CA ASP A 4 1.14 -19.87 -1.61
C ASP A 4 2.07 -18.68 -1.92
N ASN A 5 1.73 -17.52 -1.41
CA ASN A 5 2.59 -16.31 -1.68
C ASN A 5 2.37 -15.29 -0.56
N GLU A 6 3.40 -14.96 0.17
CA GLU A 6 3.24 -13.97 1.27
C GLU A 6 4.61 -13.41 1.66
N ILE A 7 4.63 -12.24 2.26
CA ILE A 7 5.94 -11.63 2.67
C ILE A 7 5.72 -10.82 3.95
N SER A 8 6.78 -10.49 4.66
CA SER A 8 6.64 -9.71 5.93
C SER A 8 7.83 -8.77 6.08
N VAL A 9 7.66 -7.73 6.84
CA VAL A 9 8.77 -6.75 7.05
C VAL A 9 8.56 -6.06 8.41
N GLY A 10 9.28 -6.47 9.40
CA GLY A 10 9.11 -5.86 10.75
C GLY A 10 7.84 -6.41 11.39
N ASN A 11 6.82 -5.59 11.52
CA ASN A 11 5.53 -6.04 12.13
C ASN A 11 4.42 -6.07 11.07
N LEU A 12 4.76 -5.81 9.83
CA LEU A 12 3.72 -5.82 8.75
C LEU A 12 3.77 -7.17 8.00
N ARG A 13 2.66 -7.86 7.92
CA ARG A 13 2.62 -9.18 7.21
C ARG A 13 1.64 -9.07 6.04
N LEU A 14 2.09 -9.41 4.85
CA LEU A 14 1.22 -9.33 3.63
C LEU A 14 0.99 -10.75 3.08
N ASN A 15 -0.26 -11.20 3.11
CA ASN A 15 -0.58 -12.57 2.59
C ASN A 15 -1.46 -12.45 1.34
N VAL A 16 -0.88 -12.61 0.19
CA VAL A 16 -1.66 -12.51 -1.08
C VAL A 16 -2.53 -13.75 -1.25
N THR A 17 -2.09 -14.85 -0.70
CA THR A 17 -2.88 -16.11 -0.83
C THR A 17 -4.27 -15.92 -0.21
N ARG A 18 -4.33 -15.48 1.03
CA ARG A 18 -5.65 -15.27 1.69
C ARG A 18 -6.07 -13.82 1.48
N ARG A 19 -5.15 -13.00 1.05
CA ARG A 19 -5.46 -11.56 0.82
C ARG A 19 -5.77 -10.88 2.15
N LEU A 20 -4.79 -10.77 3.02
CA LEU A 20 -5.00 -10.12 4.34
C LEU A 20 -3.74 -9.32 4.71
N VAL A 21 -3.85 -8.36 5.58
CA VAL A 21 -2.67 -7.53 5.98
C VAL A 21 -2.73 -7.21 7.47
N TRP A 22 -1.74 -7.61 8.23
CA TRP A 22 -1.73 -7.30 9.69
C TRP A 22 -0.83 -6.09 9.93
N LEU A 23 -1.12 -5.33 10.96
CA LEU A 23 -0.32 -4.12 11.29
C LEU A 23 -0.10 -4.07 12.80
N GLY A 24 1.09 -4.36 13.25
CA GLY A 24 1.32 -4.36 14.73
C GLY A 24 0.55 -5.53 15.32
N GLU A 25 0.64 -6.67 14.67
CA GLU A 25 -0.06 -7.89 15.15
C GLU A 25 -1.58 -7.69 15.09
N THR A 26 -2.04 -6.51 14.70
CA THR A 26 -3.54 -6.28 14.62
C THR A 26 -3.99 -6.40 13.17
N ALA A 27 -5.12 -7.00 12.95
CA ALA A 27 -5.62 -7.17 11.55
C ALA A 27 -5.95 -5.81 10.94
N LEU A 28 -5.23 -5.42 9.92
CA LEU A 28 -5.50 -4.10 9.26
C LEU A 28 -6.72 -4.26 8.34
N ASP A 29 -7.67 -3.35 8.42
CA ASP A 29 -8.90 -3.44 7.56
C ASP A 29 -8.80 -2.46 6.40
N LEU A 30 -8.68 -2.96 5.19
CA LEU A 30 -8.58 -2.07 3.99
C LEU A 30 -9.42 -2.66 2.85
N THR A 31 -9.97 -1.83 2.00
CA THR A 31 -10.80 -2.35 0.89
C THR A 31 -9.92 -3.25 0.00
N PRO A 32 -10.50 -4.21 -0.69
CA PRO A 32 -9.72 -5.14 -1.58
C PRO A 32 -8.95 -4.38 -2.66
N LYS A 33 -9.58 -3.39 -3.26
CA LYS A 33 -8.87 -2.61 -4.33
C LYS A 33 -7.54 -2.09 -3.77
N GLU A 34 -7.56 -1.55 -2.58
CA GLU A 34 -6.31 -1.02 -1.98
C GLU A 34 -5.30 -2.17 -1.83
N TYR A 35 -5.77 -3.36 -1.55
CA TYR A 35 -4.84 -4.52 -1.40
C TYR A 35 -4.01 -4.64 -2.68
N ALA A 36 -4.59 -4.32 -3.81
CA ALA A 36 -3.82 -4.42 -5.09
C ALA A 36 -2.72 -3.35 -5.10
N LEU A 37 -3.08 -2.12 -4.87
CA LEU A 37 -2.05 -1.05 -4.86
C LEU A 37 -1.04 -1.38 -3.77
N LEU A 38 -1.52 -1.86 -2.65
CA LEU A 38 -0.62 -2.21 -1.53
C LEU A 38 0.39 -3.26 -1.99
N SER A 39 -0.06 -4.26 -2.71
CA SER A 39 0.87 -5.33 -3.17
C SER A 39 2.04 -4.68 -3.91
N ARG A 40 1.80 -3.60 -4.60
CA ARG A 40 2.91 -2.92 -5.33
C ARG A 40 3.73 -2.07 -4.34
N LEU A 41 3.07 -1.34 -3.48
CA LEU A 41 3.83 -0.51 -2.50
C LEU A 41 4.76 -1.41 -1.69
N MET A 42 4.30 -2.57 -1.31
CA MET A 42 5.17 -3.49 -0.52
C MET A 42 6.20 -4.14 -1.43
N MET A 43 5.84 -4.42 -2.65
CA MET A 43 6.80 -5.06 -3.59
C MET A 43 8.08 -4.23 -3.65
N LYS A 44 7.97 -2.95 -3.36
CA LYS A 44 9.16 -2.04 -3.41
C LYS A 44 9.24 -1.24 -2.09
N ALA A 45 9.04 -1.88 -0.97
CA ALA A 45 9.11 -1.16 0.33
C ALA A 45 10.56 -0.73 0.60
N GLY A 46 10.73 0.42 1.20
CA GLY A 46 12.11 0.92 1.52
C GLY A 46 12.55 1.97 0.49
N SER A 47 11.96 1.94 -0.69
CA SER A 47 12.32 2.93 -1.77
C SER A 47 11.06 3.68 -2.19
N PRO A 48 11.18 4.87 -2.72
CA PRO A 48 10.00 5.67 -3.17
C PRO A 48 9.34 5.04 -4.40
N VAL A 49 8.08 4.68 -4.29
CA VAL A 49 7.37 4.05 -5.44
C VAL A 49 6.67 5.11 -6.27
N HIS A 50 6.76 5.01 -7.57
CA HIS A 50 6.07 5.99 -8.45
C HIS A 50 4.55 5.80 -8.33
N ARG A 51 3.85 6.82 -7.93
CA ARG A 51 2.37 6.69 -7.77
C ARG A 51 1.76 6.13 -9.05
N GLU A 52 2.49 6.17 -10.13
CA GLU A 52 1.96 5.63 -11.41
C GLU A 52 1.75 4.12 -11.30
N ILE A 53 2.73 3.40 -10.81
CA ILE A 53 2.59 1.92 -10.69
C ILE A 53 1.33 1.59 -9.88
N LEU A 54 0.96 2.44 -8.96
CA LEU A 54 -0.26 2.16 -8.14
C LEU A 54 -1.50 2.31 -9.02
N TYR A 55 -1.47 3.23 -9.95
CA TYR A 55 -2.64 3.40 -10.84
C TYR A 55 -2.70 2.18 -11.78
N ASN A 56 -1.56 1.69 -12.16
CA ASN A 56 -1.52 0.51 -13.06
C ASN A 56 -2.22 -0.69 -12.42
N ASP A 57 -2.37 -0.67 -11.12
CA ASP A 57 -3.03 -1.81 -10.43
C ASP A 57 -4.48 -1.94 -10.92
N ILE A 58 -5.23 -0.87 -10.86
CA ILE A 58 -6.67 -0.89 -11.28
C ILE A 58 -6.93 0.21 -12.31
N TYR A 59 -5.88 0.75 -12.88
CA TYR A 59 -6.07 1.84 -13.89
C TYR A 59 -4.84 1.90 -14.82
N SER A 60 -4.93 1.29 -15.97
CA SER A 60 -3.78 1.30 -16.93
C SER A 60 -3.90 2.53 -17.84
N TRP A 61 -5.07 3.10 -17.93
CA TRP A 61 -5.24 4.30 -18.81
C TRP A 61 -4.21 5.36 -18.44
N ASP A 62 -3.76 5.37 -17.20
CA ASP A 62 -2.75 6.38 -16.78
C ASP A 62 -3.26 7.79 -17.12
N ASN A 63 -4.51 7.91 -17.47
CA ASN A 63 -5.07 9.25 -17.81
C ASN A 63 -4.80 10.22 -16.67
N GLU A 64 -4.95 9.77 -15.45
CA GLU A 64 -4.71 10.65 -14.28
C GLU A 64 -5.49 11.96 -14.44
N PRO A 65 -6.79 11.90 -14.29
CA PRO A 65 -7.68 13.10 -14.41
C PRO A 65 -7.14 14.29 -13.60
N ALA A 66 -7.04 15.44 -14.21
CA ALA A 66 -6.53 16.63 -13.48
C ALA A 66 -7.52 17.03 -12.38
N THR A 67 -8.78 16.72 -12.56
CA THR A 67 -9.79 17.09 -11.53
C THR A 67 -9.61 16.19 -10.30
N ASN A 68 -9.79 16.73 -9.13
CA ASN A 68 -9.63 15.90 -7.90
C ASN A 68 -10.62 14.74 -7.94
N THR A 69 -10.14 13.53 -7.74
CA THR A 69 -11.04 12.35 -7.78
C THR A 69 -10.33 11.14 -7.19
N LEU A 70 -9.40 10.58 -7.92
CA LEU A 70 -8.67 9.39 -7.41
C LEU A 70 -7.74 9.82 -6.27
N GLU A 71 -7.13 10.97 -6.37
CA GLU A 71 -6.22 11.43 -5.28
C GLU A 71 -7.00 11.54 -3.97
N VAL A 72 -8.26 11.87 -4.03
CA VAL A 72 -9.05 11.97 -2.78
C VAL A 72 -9.28 10.58 -2.22
N HIS A 73 -9.53 9.62 -3.07
CA HIS A 73 -9.73 8.24 -2.58
C HIS A 73 -8.49 7.84 -1.79
N ILE A 74 -7.35 8.26 -2.26
CA ILE A 74 -6.08 7.95 -1.54
C ILE A 74 -6.13 8.62 -0.18
N HIS A 75 -6.65 9.81 -0.11
CA HIS A 75 -6.72 10.50 1.20
C HIS A 75 -7.58 9.66 2.14
N ASN A 76 -8.60 9.03 1.62
CA ASN A 76 -9.47 8.18 2.48
C ASN A 76 -8.72 6.90 2.82
N LEU A 77 -8.03 6.34 1.86
CA LEU A 77 -7.28 5.07 2.11
C LEU A 77 -6.14 5.38 3.09
N ARG A 78 -5.47 6.47 2.90
CA ARG A 78 -4.33 6.84 3.79
C ARG A 78 -4.75 6.75 5.27
N GLU A 79 -5.84 7.37 5.64
CA GLU A 79 -6.25 7.32 7.07
C GLU A 79 -6.60 5.90 7.50
N LYS A 80 -7.07 5.08 6.59
CA LYS A 80 -7.44 3.69 6.96
C LYS A 80 -6.18 2.90 7.37
N ILE A 81 -5.14 2.96 6.58
CA ILE A 81 -3.91 2.20 6.91
C ILE A 81 -3.16 2.88 8.06
N GLY A 82 -3.35 4.15 8.23
CA GLY A 82 -2.64 4.88 9.32
C GLY A 82 -1.26 5.28 8.81
N LYS A 83 -1.18 6.39 8.13
CA LYS A 83 0.13 6.86 7.57
C LYS A 83 1.24 6.73 8.63
N SER A 84 0.87 6.58 9.87
CA SER A 84 1.90 6.46 10.94
C SER A 84 2.87 5.32 10.62
N ARG A 85 2.36 4.17 10.28
CA ARG A 85 3.25 3.01 9.98
C ARG A 85 3.79 3.10 8.55
N ILE A 86 3.56 4.21 7.87
CA ILE A 86 4.07 4.37 6.46
C ILE A 86 4.80 5.71 6.36
N ARG A 87 5.60 5.90 5.34
CA ARG A 87 6.35 7.20 5.17
C ARG A 87 5.93 7.87 3.87
N THR A 88 4.97 8.75 3.92
CA THR A 88 4.51 9.43 2.69
C THR A 88 5.63 10.33 2.16
N VAL A 89 5.87 10.27 0.87
CA VAL A 89 6.95 11.11 0.25
C VAL A 89 6.31 12.32 -0.45
N ARG A 90 6.28 13.44 0.20
CA ARG A 90 5.66 14.65 -0.42
C ARG A 90 6.43 14.99 -1.70
N GLY A 91 6.16 14.29 -2.77
CA GLY A 91 6.88 14.56 -4.04
C GLY A 91 6.14 13.90 -5.20
N PHE A 92 6.16 12.60 -5.27
CA PHE A 92 5.46 11.90 -6.37
C PHE A 92 5.44 10.38 -6.10
N GLY A 93 5.64 9.97 -4.87
CA GLY A 93 5.65 8.51 -4.57
C GLY A 93 5.37 8.26 -3.10
N TYR A 94 5.59 7.06 -2.65
CA TYR A 94 5.35 6.70 -1.22
C TYR A 94 6.39 5.67 -0.79
N MET A 95 6.48 5.37 0.47
CA MET A 95 7.50 4.37 0.91
C MET A 95 7.14 3.82 2.29
N LEU A 96 7.09 2.52 2.43
CA LEU A 96 6.75 1.90 3.74
C LEU A 96 8.01 1.89 4.62
N ALA A 97 7.87 2.16 5.89
CA ALA A 97 9.05 2.16 6.79
C ALA A 97 9.48 0.72 7.07
N ASN A 98 10.56 0.29 6.49
CA ASN A 98 11.03 -1.11 6.71
C ASN A 98 11.54 -1.25 8.15
N ASN A 99 11.01 -2.17 8.89
CA ASN A 99 11.46 -2.36 10.31
C ASN A 99 11.44 -1.02 11.05
N ILE A 100 10.39 -0.75 11.78
CA ILE A 100 10.31 0.54 12.52
C ILE A 100 11.36 0.54 13.64
N ASP A 101 11.92 -0.59 13.91
CA ASP A 101 12.96 -0.68 14.97
C ASP A 101 14.28 -0.13 14.45
N THR A 102 14.40 0.04 13.17
CA THR A 102 15.67 0.58 12.60
C THR A 102 15.45 0.97 11.13
N GLU A 103 16.19 1.92 10.64
CA GLU A 103 16.02 2.34 9.22
C GLU A 103 17.22 3.20 8.80
N ASN A 1 4.87 -19.62 -2.36
CA ASN A 1 4.16 -20.20 -3.55
C ASN A 1 3.69 -21.62 -3.21
N GLN A 2 4.12 -22.16 -2.10
CA GLN A 2 3.70 -23.52 -1.72
C GLN A 2 2.23 -23.51 -1.30
N GLY A 3 1.34 -23.22 -2.22
CA GLY A 3 -0.10 -23.19 -1.87
C GLY A 3 -0.37 -22.05 -0.88
N ASP A 4 0.38 -20.99 -0.97
CA ASP A 4 0.17 -19.85 -0.03
C ASP A 4 0.87 -18.60 -0.58
N ASN A 5 0.77 -17.50 0.12
CA ASN A 5 1.41 -16.25 -0.36
C ASN A 5 1.31 -15.19 0.74
N GLU A 6 2.39 -14.85 1.39
CA GLU A 6 2.33 -13.83 2.46
C GLU A 6 3.73 -13.30 2.75
N ILE A 7 3.83 -12.09 3.26
CA ILE A 7 5.16 -11.49 3.57
C ILE A 7 5.02 -10.59 4.80
N SER A 8 6.12 -10.25 5.42
CA SER A 8 6.08 -9.38 6.65
C SER A 8 7.21 -8.38 6.60
N VAL A 9 7.02 -7.24 7.23
CA VAL A 9 8.08 -6.19 7.26
C VAL A 9 8.00 -5.45 8.59
N GLY A 10 8.83 -5.82 9.52
CA GLY A 10 8.78 -5.15 10.86
C GLY A 10 7.56 -5.65 11.64
N ASN A 11 6.61 -4.79 11.88
CA ASN A 11 5.39 -5.20 12.65
C ASN A 11 4.19 -5.33 11.70
N LEU A 12 4.41 -5.20 10.41
CA LEU A 12 3.29 -5.30 9.42
C LEU A 12 3.30 -6.70 8.78
N ARG A 13 2.20 -7.39 8.83
CA ARG A 13 2.12 -8.76 8.22
C ARG A 13 1.08 -8.75 7.11
N LEU A 14 1.46 -9.15 5.92
CA LEU A 14 0.52 -9.16 4.75
C LEU A 14 0.13 -10.60 4.41
N ASN A 15 -1.12 -10.82 4.06
CA ASN A 15 -1.58 -12.20 3.70
C ASN A 15 -2.44 -12.13 2.43
N VAL A 16 -1.85 -12.42 1.30
CA VAL A 16 -2.61 -12.36 0.01
C VAL A 16 -3.51 -13.60 -0.11
N THR A 17 -3.11 -14.68 0.47
CA THR A 17 -3.93 -15.93 0.38
C THR A 17 -5.33 -15.66 0.93
N ARG A 18 -5.42 -15.15 2.13
CA ARG A 18 -6.76 -14.86 2.73
C ARG A 18 -7.09 -13.38 2.51
N ARG A 19 -6.13 -12.63 2.06
CA ARG A 19 -6.33 -11.17 1.82
C ARG A 19 -6.62 -10.47 3.15
N LEU A 20 -5.61 -10.30 3.96
CA LEU A 20 -5.81 -9.62 5.28
C LEU A 20 -4.46 -9.06 5.72
N VAL A 21 -4.46 -8.03 6.55
CA VAL A 21 -3.17 -7.42 7.01
C VAL A 21 -3.28 -7.04 8.49
N TRP A 22 -2.29 -7.39 9.29
CA TRP A 22 -2.33 -7.04 10.74
C TRP A 22 -1.45 -5.80 10.98
N LEU A 23 -1.88 -4.95 11.90
CA LEU A 23 -1.12 -3.69 12.23
C LEU A 23 -0.67 -3.75 13.69
N GLY A 24 0.56 -4.10 13.94
CA GLY A 24 1.04 -4.17 15.34
C GLY A 24 0.34 -5.33 16.05
N GLU A 25 -0.92 -5.17 16.37
CA GLU A 25 -1.66 -6.26 17.08
C GLU A 25 -3.15 -6.13 16.78
N THR A 26 -3.50 -5.50 15.68
CA THR A 26 -4.94 -5.33 15.31
C THR A 26 -5.14 -5.54 13.82
N ALA A 27 -6.22 -6.16 13.44
CA ALA A 27 -6.48 -6.42 12.00
C ALA A 27 -6.73 -5.09 11.28
N LEU A 28 -5.94 -4.79 10.28
CA LEU A 28 -6.13 -3.52 9.54
C LEU A 28 -7.31 -3.68 8.57
N ASP A 29 -8.25 -2.78 8.60
CA ASP A 29 -9.44 -2.88 7.69
C ASP A 29 -9.27 -1.92 6.51
N LEU A 30 -9.07 -2.46 5.33
CA LEU A 30 -8.90 -1.61 4.11
C LEU A 30 -9.75 -2.18 2.97
N THR A 31 -10.29 -1.35 2.13
CA THR A 31 -11.13 -1.86 1.00
C THR A 31 -10.30 -2.82 0.14
N PRO A 32 -10.87 -3.92 -0.34
CA PRO A 32 -10.11 -4.88 -1.20
C PRO A 32 -9.28 -4.15 -2.27
N LYS A 33 -9.86 -3.17 -2.92
CA LYS A 33 -9.12 -2.43 -3.98
C LYS A 33 -7.80 -1.92 -3.39
N GLU A 34 -7.84 -1.34 -2.23
CA GLU A 34 -6.60 -0.83 -1.60
C GLU A 34 -5.61 -1.99 -1.42
N TYR A 35 -6.10 -3.16 -1.12
CA TYR A 35 -5.20 -4.32 -0.93
C TYR A 35 -4.35 -4.51 -2.20
N ALA A 36 -4.90 -4.21 -3.34
CA ALA A 36 -4.13 -4.36 -4.62
C ALA A 36 -3.00 -3.32 -4.65
N LEU A 37 -3.33 -2.08 -4.46
CA LEU A 37 -2.27 -1.03 -4.49
C LEU A 37 -1.32 -1.29 -3.33
N LEU A 38 -1.83 -1.74 -2.22
CA LEU A 38 -0.97 -2.03 -1.04
C LEU A 38 -0.01 -3.17 -1.38
N SER A 39 -0.51 -4.23 -1.96
CA SER A 39 0.36 -5.37 -2.32
C SER A 39 1.55 -4.90 -3.16
N ARG A 40 1.38 -3.84 -3.91
CA ARG A 40 2.51 -3.34 -4.75
C ARG A 40 3.52 -2.60 -3.88
N LEU A 41 3.07 -1.82 -2.93
CA LEU A 41 4.03 -1.08 -2.06
C LEU A 41 4.93 -2.05 -1.30
N MET A 42 4.37 -3.10 -0.75
CA MET A 42 5.21 -4.07 0.00
C MET A 42 6.18 -4.78 -0.96
N MET A 43 5.74 -5.06 -2.15
CA MET A 43 6.63 -5.74 -3.13
C MET A 43 7.89 -4.90 -3.34
N LYS A 44 7.75 -3.60 -3.24
CA LYS A 44 8.91 -2.68 -3.43
C LYS A 44 9.17 -1.93 -2.11
N ALA A 45 9.14 -2.62 -1.00
CA ALA A 45 9.39 -1.95 0.30
C ALA A 45 10.85 -1.52 0.40
N GLY A 46 11.08 -0.28 0.75
CA GLY A 46 12.48 0.24 0.89
C GLY A 46 12.85 1.10 -0.32
N SER A 47 12.05 1.07 -1.36
CA SER A 47 12.33 1.88 -2.59
C SER A 47 11.10 2.76 -2.89
N PRO A 48 11.28 3.90 -3.52
CA PRO A 48 10.13 4.81 -3.84
C PRO A 48 9.28 4.25 -4.98
N VAL A 49 8.02 4.02 -4.74
CA VAL A 49 7.12 3.47 -5.80
C VAL A 49 6.37 4.61 -6.49
N HIS A 50 6.34 4.60 -7.79
CA HIS A 50 5.61 5.67 -8.52
C HIS A 50 4.10 5.43 -8.35
N ARG A 51 3.38 6.40 -7.89
CA ARG A 51 1.90 6.23 -7.70
C ARG A 51 1.27 5.67 -8.97
N GLU A 52 1.99 5.72 -10.06
CA GLU A 52 1.42 5.19 -11.33
C GLU A 52 1.25 3.67 -11.24
N ILE A 53 2.25 2.97 -10.75
CA ILE A 53 2.12 1.48 -10.64
C ILE A 53 0.91 1.12 -9.78
N LEU A 54 0.59 1.93 -8.82
CA LEU A 54 -0.59 1.63 -7.96
C LEU A 54 -1.86 1.81 -8.79
N TYR A 55 -1.93 2.86 -9.54
CA TYR A 55 -3.14 3.08 -10.40
C TYR A 55 -3.20 1.93 -11.41
N ASN A 56 -2.07 1.49 -11.87
CA ASN A 56 -2.03 0.38 -12.85
C ASN A 56 -2.42 -0.94 -12.16
N ASP A 57 -2.30 -1.01 -10.86
CA ASP A 57 -2.66 -2.29 -10.18
C ASP A 57 -4.10 -2.67 -10.54
N ILE A 58 -5.03 -1.78 -10.34
CA ILE A 58 -6.46 -2.08 -10.67
C ILE A 58 -6.78 -1.57 -12.08
N TYR A 59 -6.24 -0.44 -12.45
CA TYR A 59 -6.50 0.14 -13.80
C TYR A 59 -5.29 -0.09 -14.70
N SER A 60 -5.22 0.63 -15.78
CA SER A 60 -4.08 0.50 -16.72
C SER A 60 -4.18 1.61 -17.76
N TRP A 61 -5.37 2.01 -18.10
CA TRP A 61 -5.55 3.10 -19.10
C TRP A 61 -5.22 4.44 -18.43
N ASP A 62 -3.97 4.78 -18.35
CA ASP A 62 -3.56 6.06 -17.71
C ASP A 62 -4.16 7.24 -18.49
N ASN A 63 -3.35 8.16 -18.92
CA ASN A 63 -3.88 9.34 -19.68
C ASN A 63 -5.01 9.99 -18.87
N GLU A 64 -5.10 9.68 -17.61
CA GLU A 64 -6.18 10.27 -16.77
C GLU A 64 -5.89 11.77 -16.56
N PRO A 65 -6.91 12.59 -16.38
CA PRO A 65 -6.71 14.06 -16.16
C PRO A 65 -6.15 14.36 -14.77
N ALA A 66 -5.33 15.37 -14.65
CA ALA A 66 -4.75 15.71 -13.33
C ALA A 66 -5.82 16.37 -12.46
N THR A 67 -7.04 16.37 -12.91
CA THR A 67 -8.13 17.00 -12.11
C THR A 67 -8.21 16.34 -10.73
N ASN A 68 -8.46 17.10 -9.71
CA ASN A 68 -8.55 16.51 -8.34
C ASN A 68 -9.75 15.57 -8.27
N THR A 69 -9.52 14.30 -8.03
CA THR A 69 -10.64 13.34 -7.94
C THR A 69 -10.14 12.04 -7.31
N LEU A 70 -9.43 11.24 -8.05
CA LEU A 70 -8.91 9.96 -7.49
C LEU A 70 -7.82 10.25 -6.46
N GLU A 71 -7.06 11.29 -6.67
CA GLU A 71 -5.98 11.62 -5.70
C GLU A 71 -6.59 11.90 -4.33
N VAL A 72 -7.75 12.49 -4.29
CA VAL A 72 -8.40 12.77 -2.99
C VAL A 72 -8.93 11.46 -2.42
N HIS A 73 -9.47 10.62 -3.26
CA HIS A 73 -9.97 9.32 -2.75
C HIS A 73 -8.78 8.61 -2.11
N ILE A 74 -7.64 8.70 -2.73
CA ILE A 74 -6.44 8.04 -2.15
C ILE A 74 -6.14 8.67 -0.80
N HIS A 75 -6.44 9.91 -0.63
CA HIS A 75 -6.17 10.55 0.69
C HIS A 75 -7.19 10.00 1.69
N ASN A 76 -8.30 9.52 1.18
CA ASN A 76 -9.36 8.96 2.07
C ASN A 76 -8.97 7.57 2.55
N LEU A 77 -8.49 6.72 1.67
CA LEU A 77 -8.11 5.34 2.12
C LEU A 77 -6.80 5.40 2.89
N ARG A 78 -5.85 6.13 2.38
CA ARG A 78 -4.53 6.24 3.07
C ARG A 78 -4.73 6.59 4.55
N GLU A 79 -5.57 7.55 4.84
CA GLU A 79 -5.79 7.93 6.27
C GLU A 79 -6.45 6.77 7.03
N LYS A 80 -6.96 5.79 6.33
CA LYS A 80 -7.62 4.65 7.02
C LYS A 80 -6.57 3.65 7.50
N ILE A 81 -5.55 3.41 6.72
CA ILE A 81 -4.49 2.43 7.12
C ILE A 81 -3.54 3.10 8.11
N GLY A 82 -3.58 4.40 8.21
CA GLY A 82 -2.66 5.10 9.16
C GLY A 82 -1.33 5.36 8.44
N LYS A 83 -1.29 6.40 7.65
CA LYS A 83 -0.04 6.73 6.89
C LYS A 83 1.19 6.62 7.79
N SER A 84 0.99 6.59 9.09
CA SER A 84 2.16 6.47 10.02
C SER A 84 3.06 5.32 9.57
N ARG A 85 2.49 4.21 9.22
CA ARG A 85 3.32 3.05 8.80
C ARG A 85 3.80 3.25 7.35
N ILE A 86 3.59 4.42 6.80
CA ILE A 86 4.03 4.70 5.39
C ILE A 86 4.65 6.11 5.33
N ARG A 87 5.47 6.35 4.33
CA ARG A 87 6.12 7.69 4.17
C ARG A 87 6.17 8.07 2.69
N THR A 88 5.59 9.19 2.34
CA THR A 88 5.60 9.63 0.90
C THR A 88 6.85 10.46 0.63
N VAL A 89 7.43 10.30 -0.53
CA VAL A 89 8.68 11.08 -0.88
C VAL A 89 8.33 12.26 -1.79
N ARG A 90 8.69 13.45 -1.38
CA ARG A 90 8.42 14.67 -2.21
C ARG A 90 6.96 14.63 -2.73
N GLY A 91 6.08 13.99 -2.01
CA GLY A 91 4.66 13.93 -2.48
C GLY A 91 4.62 13.47 -3.94
N PHE A 92 5.21 12.34 -4.23
CA PHE A 92 5.24 11.82 -5.64
C PHE A 92 4.98 10.30 -5.60
N GLY A 93 5.92 9.54 -5.08
CA GLY A 93 5.77 8.06 -5.01
C GLY A 93 5.37 7.65 -3.60
N TYR A 94 5.80 6.49 -3.19
CA TYR A 94 5.47 6.00 -1.81
C TYR A 94 6.60 5.08 -1.35
N MET A 95 6.73 4.87 -0.07
CA MET A 95 7.83 3.99 0.43
C MET A 95 7.56 3.58 1.88
N LEU A 96 7.60 2.30 2.15
CA LEU A 96 7.36 1.80 3.53
C LEU A 96 8.71 1.73 4.26
N ALA A 97 8.78 2.23 5.47
CA ALA A 97 10.06 2.19 6.22
C ALA A 97 10.55 0.74 6.32
N ASN A 98 11.83 0.52 6.12
CA ASN A 98 12.36 -0.87 6.20
C ASN A 98 11.92 -1.52 7.51
N ASN A 99 12.54 -1.13 8.60
CA ASN A 99 12.16 -1.73 9.92
C ASN A 99 12.58 -0.78 11.04
N ILE A 100 12.37 0.51 10.86
CA ILE A 100 12.76 1.48 11.92
C ILE A 100 11.67 1.51 12.98
N ASP A 101 10.63 0.75 12.80
CA ASP A 101 9.53 0.72 13.79
C ASP A 101 9.96 -0.10 15.00
N THR A 102 10.81 -1.07 14.79
CA THR A 102 11.28 -1.92 15.92
C THR A 102 11.94 -1.03 16.98
N GLU A 103 11.20 -0.66 18.00
CA GLU A 103 11.78 0.21 19.06
C GLU A 103 12.41 1.45 18.42
N ASN A 1 -0.29 -20.81 -6.38
CA ASN A 1 -0.81 -21.49 -5.15
C ASN A 1 -1.66 -20.51 -4.34
N GLN A 2 -2.93 -20.46 -4.60
CA GLN A 2 -3.80 -19.52 -3.84
C GLN A 2 -3.97 -20.00 -2.39
N GLY A 3 -2.90 -20.48 -1.80
CA GLY A 3 -2.98 -20.97 -0.40
C GLY A 3 -1.58 -21.01 0.20
N ASP A 4 -0.65 -20.30 -0.39
CA ASP A 4 0.74 -20.29 0.15
C ASP A 4 1.51 -19.11 -0.43
N ASN A 5 1.29 -17.93 0.09
CA ASN A 5 2.01 -16.73 -0.43
C ASN A 5 1.85 -15.58 0.56
N GLU A 6 2.93 -15.16 1.18
CA GLU A 6 2.82 -14.06 2.17
C GLU A 6 4.21 -13.46 2.43
N ILE A 7 4.26 -12.23 2.89
CA ILE A 7 5.57 -11.57 3.17
C ILE A 7 5.42 -10.67 4.41
N SER A 8 6.51 -10.28 5.01
CA SER A 8 6.44 -9.40 6.22
C SER A 8 7.59 -8.40 6.20
N VAL A 9 7.40 -7.27 6.82
CA VAL A 9 8.47 -6.23 6.87
C VAL A 9 8.34 -5.45 8.17
N GLY A 10 9.13 -5.78 9.15
CA GLY A 10 9.04 -5.08 10.46
C GLY A 10 7.82 -5.60 11.22
N ASN A 11 6.86 -4.74 11.47
CA ASN A 11 5.62 -5.17 12.21
C ASN A 11 4.46 -5.32 11.21
N LEU A 12 4.72 -5.20 9.94
CA LEU A 12 3.64 -5.31 8.92
C LEU A 12 3.66 -6.70 8.28
N ARG A 13 2.57 -7.43 8.38
CA ARG A 13 2.50 -8.80 7.78
C ARG A 13 1.47 -8.79 6.65
N LEU A 14 1.79 -9.36 5.52
CA LEU A 14 0.84 -9.38 4.36
C LEU A 14 0.63 -10.81 3.88
N ASN A 15 -0.61 -11.23 3.75
CA ASN A 15 -0.92 -12.63 3.28
C ASN A 15 -1.79 -12.56 2.02
N VAL A 16 -1.21 -12.82 0.88
CA VAL A 16 -2.00 -12.77 -0.40
C VAL A 16 -2.99 -13.93 -0.41
N THR A 17 -2.65 -15.02 0.21
CA THR A 17 -3.57 -16.20 0.22
C THR A 17 -4.85 -15.82 0.98
N ARG A 18 -4.71 -15.34 2.19
CA ARG A 18 -5.92 -14.94 2.98
C ARG A 18 -6.30 -13.52 2.58
N ARG A 19 -5.40 -12.83 1.94
CA ARG A 19 -5.68 -11.43 1.51
C ARG A 19 -6.04 -10.58 2.73
N LEU A 20 -5.05 -10.22 3.51
CA LEU A 20 -5.32 -9.39 4.72
C LEU A 20 -3.98 -8.92 5.31
N VAL A 21 -3.84 -7.63 5.51
CA VAL A 21 -2.57 -7.07 6.09
C VAL A 21 -2.78 -6.71 7.56
N TRP A 22 -1.82 -7.02 8.41
CA TRP A 22 -1.93 -6.69 9.86
C TRP A 22 -1.03 -5.50 10.18
N LEU A 23 -1.48 -4.63 11.06
CA LEU A 23 -0.67 -3.42 11.45
C LEU A 23 -0.39 -3.51 12.95
N GLY A 24 0.80 -3.90 13.32
CA GLY A 24 1.10 -4.03 14.76
C GLY A 24 0.33 -5.24 15.31
N GLU A 25 0.38 -6.32 14.56
CA GLU A 25 -0.34 -7.57 14.98
C GLU A 25 -1.85 -7.34 14.95
N THR A 26 -2.31 -6.15 14.62
CA THR A 26 -3.78 -5.88 14.58
C THR A 26 -4.27 -5.96 13.14
N ALA A 27 -5.43 -6.52 12.92
CA ALA A 27 -5.96 -6.63 11.53
C ALA A 27 -6.20 -5.22 10.95
N LEU A 28 -5.41 -4.84 10.00
CA LEU A 28 -5.58 -3.49 9.39
C LEU A 28 -6.85 -3.50 8.54
N ASP A 29 -7.68 -2.49 8.67
CA ASP A 29 -8.96 -2.45 7.87
C ASP A 29 -8.74 -1.72 6.55
N LEU A 30 -8.45 -2.46 5.51
CA LEU A 30 -8.21 -1.84 4.16
C LEU A 30 -9.11 -2.55 3.12
N THR A 31 -9.75 -1.80 2.26
CA THR A 31 -10.65 -2.42 1.25
C THR A 31 -9.81 -3.32 0.31
N PRO A 32 -10.40 -4.34 -0.27
CA PRO A 32 -9.65 -5.25 -1.21
C PRO A 32 -8.79 -4.47 -2.21
N LYS A 33 -9.35 -3.47 -2.84
CA LYS A 33 -8.56 -2.68 -3.83
C LYS A 33 -7.28 -2.19 -3.18
N GLU A 34 -7.37 -1.62 -2.01
CA GLU A 34 -6.14 -1.13 -1.33
C GLU A 34 -5.13 -2.28 -1.21
N TYR A 35 -5.59 -3.44 -0.81
CA TYR A 35 -4.65 -4.60 -0.69
C TYR A 35 -3.83 -4.75 -1.97
N ALA A 36 -4.38 -4.37 -3.09
CA ALA A 36 -3.62 -4.49 -4.36
C ALA A 36 -2.49 -3.45 -4.38
N LEU A 37 -2.80 -2.22 -4.08
CA LEU A 37 -1.74 -1.18 -4.07
C LEU A 37 -0.66 -1.59 -3.06
N LEU A 38 -1.05 -2.03 -1.90
CA LEU A 38 -0.05 -2.43 -0.88
C LEU A 38 0.83 -3.54 -1.48
N SER A 39 0.24 -4.46 -2.17
CA SER A 39 1.04 -5.56 -2.78
C SER A 39 2.20 -4.98 -3.57
N ARG A 40 2.01 -3.87 -4.23
CA ARG A 40 3.12 -3.25 -5.01
C ARG A 40 4.06 -2.48 -4.08
N LEU A 41 3.51 -1.72 -3.17
CA LEU A 41 4.38 -0.94 -2.24
C LEU A 41 5.29 -1.88 -1.46
N MET A 42 4.75 -2.92 -0.87
CA MET A 42 5.61 -3.86 -0.10
C MET A 42 6.57 -4.58 -1.03
N MET A 43 6.14 -4.88 -2.23
CA MET A 43 7.03 -5.59 -3.19
C MET A 43 8.30 -4.77 -3.38
N LYS A 44 8.19 -3.47 -3.22
CA LYS A 44 9.38 -2.56 -3.37
C LYS A 44 9.67 -1.87 -2.03
N ALA A 45 9.56 -2.59 -0.94
CA ALA A 45 9.83 -1.97 0.37
C ALA A 45 11.32 -1.62 0.50
N GLY A 46 11.66 -0.37 0.36
CA GLY A 46 13.11 0.06 0.47
C GLY A 46 13.42 1.08 -0.63
N SER A 47 12.55 1.20 -1.60
CA SER A 47 12.78 2.15 -2.73
C SER A 47 11.49 2.97 -2.96
N PRO A 48 11.59 4.17 -3.47
CA PRO A 48 10.39 5.02 -3.72
C PRO A 48 9.57 4.50 -4.91
N VAL A 49 8.33 4.16 -4.69
CA VAL A 49 7.48 3.63 -5.78
C VAL A 49 6.73 4.79 -6.45
N HIS A 50 6.72 4.84 -7.75
CA HIS A 50 5.99 5.94 -8.44
C HIS A 50 4.49 5.79 -8.14
N ARG A 51 3.88 6.79 -7.59
CA ARG A 51 2.43 6.70 -7.26
C ARG A 51 1.65 6.23 -8.48
N GLU A 52 2.26 6.30 -9.63
CA GLU A 52 1.56 5.86 -10.87
C GLU A 52 1.29 4.36 -10.82
N ILE A 53 2.29 3.57 -10.52
CA ILE A 53 2.09 2.09 -10.46
C ILE A 53 1.00 1.75 -9.46
N LEU A 54 0.86 2.53 -8.41
CA LEU A 54 -0.21 2.23 -7.42
C LEU A 54 -1.56 2.45 -8.09
N TYR A 55 -1.64 3.39 -8.99
CA TYR A 55 -2.92 3.64 -9.70
C TYR A 55 -3.15 2.50 -10.69
N ASN A 56 -2.09 2.01 -11.28
CA ASN A 56 -2.20 0.89 -12.25
C ASN A 56 -2.73 -0.36 -11.56
N ASP A 57 -2.60 -0.45 -10.27
CA ASP A 57 -3.10 -1.66 -9.55
C ASP A 57 -4.58 -1.87 -9.91
N ILE A 58 -5.39 -0.87 -9.72
CA ILE A 58 -6.85 -1.00 -10.02
C ILE A 58 -7.10 -0.69 -11.51
N TYR A 59 -6.40 0.27 -12.06
CA TYR A 59 -6.62 0.61 -13.50
C TYR A 59 -5.69 1.76 -13.91
N SER A 60 -5.58 2.02 -15.18
CA SER A 60 -4.70 3.14 -15.66
C SER A 60 -4.87 3.31 -17.16
N TRP A 61 -5.15 2.25 -17.87
CA TRP A 61 -5.34 2.36 -19.35
C TRP A 61 -6.39 3.44 -19.64
N ASP A 62 -7.09 3.90 -18.63
CA ASP A 62 -8.12 4.94 -18.85
C ASP A 62 -8.35 5.69 -17.53
N ASN A 63 -9.58 5.97 -17.20
CA ASN A 63 -9.86 6.71 -15.93
C ASN A 63 -9.05 7.99 -15.90
N GLU A 64 -9.65 9.11 -16.26
CA GLU A 64 -8.91 10.40 -16.24
C GLU A 64 -9.91 11.55 -16.33
N PRO A 65 -10.78 11.68 -15.37
CA PRO A 65 -11.81 12.77 -15.35
C PRO A 65 -11.20 14.11 -14.91
N ALA A 66 -11.84 15.19 -15.26
CA ALA A 66 -11.31 16.52 -14.87
C ALA A 66 -11.47 16.71 -13.36
N THR A 67 -12.64 16.50 -12.84
CA THR A 67 -12.86 16.67 -11.37
C THR A 67 -11.87 15.78 -10.61
N ASN A 68 -11.49 16.19 -9.43
CA ASN A 68 -10.52 15.37 -8.64
C ASN A 68 -11.23 14.13 -8.10
N THR A 69 -10.58 13.00 -8.12
CA THR A 69 -11.21 11.75 -7.60
C THR A 69 -10.14 10.68 -7.41
N LEU A 70 -9.18 10.64 -8.29
CA LEU A 70 -8.10 9.61 -8.16
C LEU A 70 -7.23 9.97 -6.96
N GLU A 71 -6.79 11.20 -6.86
CA GLU A 71 -5.93 11.60 -5.72
C GLU A 71 -6.77 11.62 -4.44
N VAL A 72 -8.06 11.80 -4.56
CA VAL A 72 -8.92 11.84 -3.34
C VAL A 72 -9.12 10.42 -2.83
N HIS A 73 -9.36 9.48 -3.70
CA HIS A 73 -9.53 8.07 -3.25
C HIS A 73 -8.29 7.70 -2.44
N ILE A 74 -7.15 8.15 -2.89
CA ILE A 74 -5.90 7.85 -2.15
C ILE A 74 -5.94 8.57 -0.82
N HIS A 75 -6.43 9.78 -0.80
CA HIS A 75 -6.49 10.53 0.49
C HIS A 75 -7.37 9.76 1.48
N ASN A 76 -8.38 9.11 0.98
CA ASN A 76 -9.28 8.33 1.88
C ASN A 76 -8.58 7.03 2.26
N LEU A 77 -7.94 6.40 1.31
CA LEU A 77 -7.23 5.12 1.61
C LEU A 77 -6.06 5.40 2.54
N ARG A 78 -5.33 6.44 2.28
CA ARG A 78 -4.16 6.80 3.14
C ARG A 78 -4.57 6.84 4.61
N GLU A 79 -5.63 7.54 4.93
CA GLU A 79 -6.07 7.64 6.35
C GLU A 79 -6.51 6.28 6.89
N LYS A 80 -6.97 5.40 6.04
CA LYS A 80 -7.43 4.08 6.52
C LYS A 80 -6.23 3.22 6.96
N ILE A 81 -5.18 3.19 6.18
CA ILE A 81 -4.01 2.35 6.56
C ILE A 81 -3.20 3.01 7.68
N GLY A 82 -3.38 4.28 7.90
CA GLY A 82 -2.62 4.97 8.98
C GLY A 82 -1.21 5.32 8.46
N LYS A 83 -1.12 6.37 7.71
CA LYS A 83 0.20 6.80 7.15
C LYS A 83 1.28 6.77 8.23
N SER A 84 0.90 6.72 9.48
CA SER A 84 1.90 6.71 10.58
C SER A 84 3.01 5.69 10.29
N ARG A 85 2.65 4.51 9.84
CA ARG A 85 3.68 3.46 9.55
C ARG A 85 4.14 3.55 8.09
N ILE A 86 3.77 4.60 7.39
CA ILE A 86 4.20 4.76 5.96
C ILE A 86 5.11 6.00 5.84
N ARG A 87 5.82 6.12 4.75
CA ARG A 87 6.73 7.31 4.55
C ARG A 87 6.56 7.82 3.12
N THR A 88 6.12 9.05 2.96
CA THR A 88 5.92 9.63 1.60
C THR A 88 7.16 10.42 1.18
N VAL A 89 7.58 10.27 -0.05
CA VAL A 89 8.79 10.99 -0.55
C VAL A 89 8.36 12.20 -1.40
N ARG A 90 8.42 13.38 -0.84
CA ARG A 90 8.03 14.59 -1.62
C ARG A 90 6.62 14.38 -2.22
N GLY A 91 5.82 13.57 -1.60
CA GLY A 91 4.45 13.32 -2.14
C GLY A 91 4.55 12.75 -3.55
N PHE A 92 5.75 12.53 -4.03
CA PHE A 92 5.92 11.97 -5.40
C PHE A 92 5.58 10.47 -5.36
N GLY A 93 6.52 9.66 -4.95
CA GLY A 93 6.29 8.19 -4.88
C GLY A 93 5.95 7.80 -3.44
N TYR A 94 6.27 6.60 -3.04
CA TYR A 94 5.96 6.15 -1.66
C TYR A 94 7.00 5.11 -1.24
N MET A 95 7.19 4.92 0.04
CA MET A 95 8.19 3.93 0.52
C MET A 95 7.84 3.51 1.96
N LEU A 96 7.78 2.22 2.19
CA LEU A 96 7.46 1.73 3.57
C LEU A 96 8.75 1.66 4.38
N ALA A 97 8.72 2.10 5.61
CA ALA A 97 9.94 2.07 6.46
C ALA A 97 10.46 0.63 6.56
N ASN A 98 11.59 0.35 5.99
CA ASN A 98 12.15 -1.03 6.06
C ASN A 98 12.74 -1.28 7.45
N ASN A 99 11.91 -1.60 8.41
CA ASN A 99 12.42 -1.84 9.78
C ASN A 99 13.26 -0.65 10.24
N ILE A 100 12.63 0.34 10.84
CA ILE A 100 13.39 1.53 11.32
C ILE A 100 12.74 2.03 12.62
N ASP A 101 11.69 1.39 13.04
CA ASP A 101 11.01 1.80 14.30
C ASP A 101 11.84 1.35 15.50
N THR A 102 12.47 0.21 15.39
CA THR A 102 13.31 -0.28 16.52
C THR A 102 14.65 0.46 16.54
N GLU A 103 14.87 1.29 17.52
CA GLU A 103 16.15 2.04 17.58
C GLU A 103 17.31 1.05 17.75
N ASN A 1 5.04 -19.20 -2.61
CA ASN A 1 4.09 -19.67 -3.67
C ASN A 1 3.77 -21.15 -3.45
N GLN A 2 4.37 -21.74 -2.45
CA GLN A 2 4.10 -23.20 -2.18
C GLN A 2 2.74 -23.34 -1.51
N GLY A 3 1.69 -22.96 -2.19
CA GLY A 3 0.33 -23.09 -1.59
C GLY A 3 0.14 -22.01 -0.52
N ASP A 4 0.93 -20.98 -0.55
CA ASP A 4 0.79 -19.90 0.47
C ASP A 4 1.67 -18.71 0.07
N ASN A 5 1.33 -17.54 0.53
CA ASN A 5 2.14 -16.33 0.17
C ASN A 5 1.90 -15.25 1.23
N GLU A 6 2.94 -14.83 1.91
CA GLU A 6 2.78 -13.78 2.96
C GLU A 6 4.15 -13.21 3.33
N ILE A 7 4.18 -12.02 3.89
CA ILE A 7 5.47 -11.40 4.28
C ILE A 7 5.24 -10.49 5.49
N SER A 8 6.29 -10.11 6.18
CA SER A 8 6.15 -9.21 7.37
C SER A 8 7.23 -8.14 7.34
N VAL A 9 6.94 -6.99 7.90
CA VAL A 9 7.94 -5.88 7.91
C VAL A 9 7.83 -5.13 9.24
N GLY A 10 8.63 -5.49 10.20
CA GLY A 10 8.56 -4.82 11.52
C GLY A 10 7.28 -5.25 12.24
N ASN A 11 6.32 -4.36 12.34
CA ASN A 11 5.03 -4.70 13.03
C ASN A 11 3.92 -4.92 11.99
N LEU A 12 4.26 -4.85 10.72
CA LEU A 12 3.22 -5.02 9.66
C LEU A 12 3.24 -6.46 9.13
N ARG A 13 2.18 -7.20 9.35
CA ARG A 13 2.10 -8.62 8.85
C ARG A 13 1.15 -8.67 7.66
N LEU A 14 1.65 -8.99 6.49
CA LEU A 14 0.79 -9.04 5.26
C LEU A 14 0.51 -10.51 4.89
N ASN A 15 -0.72 -10.80 4.51
CA ASN A 15 -1.09 -12.20 4.11
C ASN A 15 -1.94 -12.15 2.84
N VAL A 16 -1.36 -12.44 1.71
CA VAL A 16 -2.12 -12.40 0.42
C VAL A 16 -3.00 -13.65 0.31
N THR A 17 -2.59 -14.72 0.91
CA THR A 17 -3.39 -15.98 0.83
C THR A 17 -4.81 -15.70 1.35
N ARG A 18 -4.93 -15.18 2.54
CA ARG A 18 -6.27 -14.87 3.11
C ARG A 18 -6.61 -13.41 2.80
N ARG A 19 -5.66 -12.68 2.31
CA ARG A 19 -5.89 -11.24 1.96
C ARG A 19 -6.25 -10.45 3.21
N LEU A 20 -5.27 -10.10 4.01
CA LEU A 20 -5.55 -9.32 5.25
C LEU A 20 -4.22 -8.80 5.80
N VAL A 21 -4.25 -7.70 6.52
CA VAL A 21 -2.99 -7.11 7.09
C VAL A 21 -3.22 -6.65 8.53
N TRP A 22 -2.21 -6.73 9.36
CA TRP A 22 -2.34 -6.28 10.79
C TRP A 22 -1.42 -5.09 11.03
N LEU A 23 -1.90 -4.10 11.73
CA LEU A 23 -1.08 -2.89 12.04
C LEU A 23 -0.82 -2.87 13.54
N GLY A 24 0.38 -3.18 13.97
CA GLY A 24 0.65 -3.21 15.43
C GLY A 24 -0.09 -4.42 16.01
N GLU A 25 -0.07 -5.50 15.29
CA GLU A 25 -0.77 -6.74 15.74
C GLU A 25 -2.29 -6.54 15.69
N THR A 26 -2.75 -5.35 15.35
CA THR A 26 -4.23 -5.10 15.29
C THR A 26 -4.71 -5.21 13.84
N ALA A 27 -5.85 -5.80 13.63
CA ALA A 27 -6.38 -5.95 12.24
C ALA A 27 -6.77 -4.59 11.68
N LEU A 28 -6.08 -4.14 10.67
CA LEU A 28 -6.41 -2.81 10.05
C LEU A 28 -7.53 -3.02 9.02
N ASP A 29 -8.47 -2.12 8.96
CA ASP A 29 -9.60 -2.27 7.99
C ASP A 29 -9.31 -1.52 6.70
N LEU A 30 -8.95 -2.23 5.65
CA LEU A 30 -8.65 -1.58 4.33
C LEU A 30 -9.51 -2.27 3.26
N THR A 31 -10.12 -1.52 2.39
CA THR A 31 -10.98 -2.16 1.35
C THR A 31 -10.10 -3.04 0.44
N PRO A 32 -10.65 -4.09 -0.15
CA PRO A 32 -9.87 -4.99 -1.05
C PRO A 32 -9.00 -4.20 -2.03
N LYS A 33 -9.54 -3.18 -2.62
CA LYS A 33 -8.75 -2.37 -3.60
C LYS A 33 -7.44 -1.91 -2.94
N GLU A 34 -7.51 -1.33 -1.77
CA GLU A 34 -6.27 -0.87 -1.09
C GLU A 34 -5.28 -2.03 -0.99
N TYR A 35 -5.75 -3.20 -0.68
CA TYR A 35 -4.82 -4.35 -0.56
C TYR A 35 -4.06 -4.53 -1.88
N ALA A 36 -4.66 -4.17 -2.98
CA ALA A 36 -3.97 -4.31 -4.30
C ALA A 36 -2.81 -3.31 -4.39
N LEU A 37 -3.07 -2.05 -4.15
CA LEU A 37 -1.97 -1.06 -4.22
C LEU A 37 -0.88 -1.50 -3.25
N LEU A 38 -1.27 -2.02 -2.13
CA LEU A 38 -0.27 -2.50 -1.13
C LEU A 38 0.59 -3.58 -1.79
N SER A 39 -0.02 -4.48 -2.51
CA SER A 39 0.75 -5.57 -3.18
C SER A 39 1.94 -4.97 -3.96
N ARG A 40 1.75 -3.85 -4.61
CA ARG A 40 2.88 -3.26 -5.39
C ARG A 40 3.82 -2.51 -4.44
N LEU A 41 3.29 -1.78 -3.51
CA LEU A 41 4.16 -1.02 -2.56
C LEU A 41 5.08 -1.99 -1.81
N MET A 42 4.54 -3.05 -1.28
CA MET A 42 5.39 -4.01 -0.53
C MET A 42 6.35 -4.72 -1.48
N MET A 43 5.92 -5.00 -2.67
CA MET A 43 6.82 -5.69 -3.65
C MET A 43 8.10 -4.90 -3.78
N LYS A 44 8.02 -3.60 -3.57
CA LYS A 44 9.23 -2.72 -3.68
C LYS A 44 9.40 -1.95 -2.36
N ALA A 45 9.28 -2.60 -1.24
CA ALA A 45 9.45 -1.91 0.06
C ALA A 45 10.89 -1.42 0.21
N GLY A 46 11.07 -0.19 0.63
CA GLY A 46 12.44 0.37 0.82
C GLY A 46 12.83 1.25 -0.37
N SER A 47 12.05 1.22 -1.42
CA SER A 47 12.36 2.04 -2.64
C SER A 47 11.11 2.86 -3.00
N PRO A 48 11.27 4.02 -3.62
CA PRO A 48 10.11 4.87 -4.01
C PRO A 48 9.34 4.29 -5.19
N VAL A 49 8.08 3.99 -5.01
CA VAL A 49 7.26 3.40 -6.11
C VAL A 49 6.49 4.52 -6.82
N HIS A 50 6.45 4.50 -8.13
CA HIS A 50 5.70 5.54 -8.87
C HIS A 50 4.22 5.45 -8.49
N ARG A 51 3.69 6.50 -7.94
CA ARG A 51 2.26 6.49 -7.53
C ARG A 51 1.38 6.16 -8.73
N GLU A 52 1.91 6.31 -9.91
CA GLU A 52 1.14 6.01 -11.13
C GLU A 52 0.83 4.50 -11.16
N ILE A 53 1.83 3.68 -10.96
CA ILE A 53 1.61 2.21 -10.99
C ILE A 53 0.58 1.81 -9.92
N LEU A 54 0.51 2.53 -8.84
CA LEU A 54 -0.48 2.18 -7.79
C LEU A 54 -1.90 2.47 -8.32
N TYR A 55 -2.03 3.43 -9.18
CA TYR A 55 -3.38 3.73 -9.74
C TYR A 55 -3.76 2.60 -10.69
N ASN A 56 -2.79 2.03 -11.35
CA ASN A 56 -3.07 0.92 -12.31
C ASN A 56 -3.60 -0.29 -11.54
N ASP A 57 -3.33 -0.38 -10.27
CA ASP A 57 -3.83 -1.56 -9.50
C ASP A 57 -5.35 -1.67 -9.66
N ILE A 58 -6.06 -0.63 -9.33
CA ILE A 58 -7.54 -0.67 -9.45
C ILE A 58 -7.98 -0.60 -10.92
N TYR A 59 -7.28 0.19 -11.71
CA TYR A 59 -7.65 0.31 -13.17
C TYR A 59 -6.63 -0.45 -14.02
N SER A 60 -7.09 -1.33 -14.85
CA SER A 60 -6.15 -2.12 -15.73
C SER A 60 -6.83 -2.40 -17.08
N TRP A 61 -7.83 -1.64 -17.42
CA TRP A 61 -8.52 -1.87 -18.72
C TRP A 61 -9.47 -0.70 -19.01
N ASP A 62 -9.79 0.07 -18.01
CA ASP A 62 -10.71 1.23 -18.21
C ASP A 62 -9.95 2.36 -18.91
N ASN A 63 -8.80 2.69 -18.40
CA ASN A 63 -8.00 3.79 -19.02
C ASN A 63 -8.87 5.03 -19.19
N GLU A 64 -8.80 5.96 -18.26
CA GLU A 64 -9.62 7.20 -18.37
C GLU A 64 -9.11 8.24 -17.36
N PRO A 65 -7.96 8.81 -17.61
CA PRO A 65 -7.36 9.82 -16.71
C PRO A 65 -8.37 10.91 -16.29
N ALA A 66 -8.98 10.75 -15.15
CA ALA A 66 -9.97 11.77 -14.69
C ALA A 66 -9.24 13.03 -14.22
N THR A 67 -7.97 12.92 -13.93
CA THR A 67 -7.20 14.11 -13.48
C THR A 67 -7.87 14.68 -12.23
N ASN A 68 -8.80 13.97 -11.64
CA ASN A 68 -9.48 14.47 -10.43
C ASN A 68 -10.19 13.32 -9.71
N THR A 69 -10.56 13.51 -8.48
CA THR A 69 -11.24 12.43 -7.70
C THR A 69 -10.24 11.33 -7.35
N LEU A 70 -9.22 11.14 -8.15
CA LEU A 70 -8.22 10.08 -7.84
C LEU A 70 -7.42 10.47 -6.60
N GLU A 71 -7.09 11.73 -6.46
CA GLU A 71 -6.30 12.17 -5.26
C GLU A 71 -7.20 12.13 -4.03
N VAL A 72 -8.48 12.26 -4.20
CA VAL A 72 -9.40 12.23 -3.03
C VAL A 72 -9.55 10.79 -2.56
N HIS A 73 -9.80 9.88 -3.45
CA HIS A 73 -9.94 8.46 -3.05
C HIS A 73 -8.65 8.08 -2.31
N ILE A 74 -7.55 8.59 -2.79
CA ILE A 74 -6.26 8.30 -2.13
C ILE A 74 -6.26 8.95 -0.75
N HIS A 75 -6.78 10.14 -0.63
CA HIS A 75 -6.81 10.79 0.70
C HIS A 75 -7.62 9.92 1.67
N ASN A 76 -8.65 9.31 1.17
CA ASN A 76 -9.49 8.44 2.04
C ASN A 76 -8.74 7.14 2.31
N LEU A 77 -8.11 6.60 1.31
CA LEU A 77 -7.35 5.33 1.49
C LEU A 77 -6.14 5.60 2.40
N ARG A 78 -5.47 6.70 2.18
CA ARG A 78 -4.29 7.03 3.01
C ARG A 78 -4.62 6.90 4.50
N GLU A 79 -5.69 7.51 4.94
CA GLU A 79 -6.07 7.44 6.38
C GLU A 79 -6.36 6.00 6.79
N LYS A 80 -6.78 5.17 5.88
CA LYS A 80 -7.09 3.75 6.24
C LYS A 80 -5.80 2.96 6.49
N ILE A 81 -4.81 3.13 5.66
CA ILE A 81 -3.53 2.37 5.86
C ILE A 81 -2.75 2.95 7.04
N GLY A 82 -3.06 4.16 7.43
CA GLY A 82 -2.31 4.77 8.57
C GLY A 82 -0.96 5.25 8.08
N LYS A 83 -0.92 6.41 7.49
CA LYS A 83 0.38 6.95 6.98
C LYS A 83 1.44 6.93 8.09
N SER A 84 1.02 6.82 9.32
CA SER A 84 2.00 6.81 10.44
C SER A 84 3.07 5.75 10.20
N ARG A 85 2.67 4.56 9.81
CA ARG A 85 3.68 3.48 9.56
C ARG A 85 4.17 3.54 8.11
N ILE A 86 3.84 4.60 7.39
CA ILE A 86 4.29 4.74 5.96
C ILE A 86 5.16 6.00 5.82
N ARG A 87 5.83 6.15 4.71
CA ARG A 87 6.70 7.35 4.48
C ARG A 87 6.54 7.80 3.04
N THR A 88 5.98 8.96 2.81
CA THR A 88 5.78 9.46 1.42
C THR A 88 7.08 10.09 0.91
N VAL A 89 7.43 9.82 -0.32
CA VAL A 89 8.69 10.40 -0.92
C VAL A 89 8.32 11.54 -1.86
N ARG A 90 8.27 12.75 -1.36
CA ARG A 90 7.92 13.91 -2.24
C ARG A 90 6.63 13.59 -3.01
N GLY A 91 6.20 14.47 -3.87
CA GLY A 91 4.96 14.23 -4.66
C GLY A 91 5.31 13.44 -5.93
N PHE A 92 5.96 12.31 -5.77
CA PHE A 92 6.34 11.48 -6.96
C PHE A 92 6.03 10.01 -6.69
N GLY A 93 6.06 9.59 -5.46
CA GLY A 93 5.76 8.15 -5.17
C GLY A 93 5.52 7.93 -3.67
N TYR A 94 5.78 6.72 -3.22
CA TYR A 94 5.59 6.38 -1.78
C TYR A 94 6.62 5.33 -1.39
N MET A 95 6.74 5.04 -0.13
CA MET A 95 7.74 4.02 0.29
C MET A 95 7.46 3.57 1.72
N LEU A 96 7.39 2.28 1.94
CA LEU A 96 7.12 1.74 3.30
C LEU A 96 8.43 1.70 4.10
N ALA A 97 8.37 1.98 5.37
CA ALA A 97 9.60 1.94 6.20
C ALA A 97 10.01 0.50 6.47
N ASN A 98 11.18 0.11 6.06
CA ASN A 98 11.63 -1.29 6.29
C ASN A 98 11.76 -1.55 7.79
N ASN A 99 11.80 -0.50 8.57
CA ASN A 99 11.92 -0.68 10.05
C ASN A 99 11.75 0.67 10.74
N ILE A 100 10.87 0.75 11.70
CA ILE A 100 10.66 2.05 12.40
C ILE A 100 11.99 2.49 13.03
N ASP A 101 12.91 1.58 13.12
CA ASP A 101 14.24 1.90 13.71
C ASP A 101 15.12 2.57 12.64
N THR A 102 14.67 2.61 11.42
CA THR A 102 15.47 3.25 10.35
C THR A 102 15.88 4.65 10.77
N GLU A 103 17.08 5.07 10.44
CA GLU A 103 17.53 6.43 10.82
C GLU A 103 17.36 6.62 12.33
N ASN A 1 -4.85 -23.43 -4.96
CA ASN A 1 -3.73 -22.59 -5.44
C ASN A 1 -3.70 -21.27 -4.66
N GLN A 2 -2.75 -20.41 -4.95
CA GLN A 2 -2.65 -19.11 -4.23
C GLN A 2 -2.81 -19.33 -2.72
N GLY A 3 -2.43 -20.49 -2.26
CA GLY A 3 -2.54 -20.78 -0.79
C GLY A 3 -1.24 -20.36 -0.09
N ASP A 4 -0.12 -20.53 -0.75
CA ASP A 4 1.20 -20.15 -0.14
C ASP A 4 1.68 -18.84 -0.78
N ASN A 5 1.46 -17.73 -0.12
CA ASN A 5 1.92 -16.43 -0.69
C ASN A 5 1.77 -15.33 0.37
N GLU A 6 2.85 -14.96 1.00
CA GLU A 6 2.77 -13.90 2.06
C GLU A 6 4.16 -13.34 2.34
N ILE A 7 4.23 -12.12 2.84
CA ILE A 7 5.55 -11.49 3.15
C ILE A 7 5.38 -10.56 4.35
N SER A 8 6.46 -10.17 4.98
CA SER A 8 6.37 -9.27 6.17
C SER A 8 7.57 -8.31 6.20
N VAL A 9 7.43 -7.22 6.89
CA VAL A 9 8.53 -6.22 6.98
C VAL A 9 8.46 -5.54 8.35
N GLY A 10 9.29 -5.95 9.28
CA GLY A 10 9.25 -5.33 10.62
C GLY A 10 7.99 -5.81 11.35
N ASN A 11 7.02 -4.94 11.53
CA ASN A 11 5.76 -5.32 12.23
C ASN A 11 4.60 -5.39 11.22
N LEU A 12 4.91 -5.21 9.94
CA LEU A 12 3.84 -5.24 8.90
C LEU A 12 3.78 -6.65 8.29
N ARG A 13 2.63 -7.29 8.33
CA ARG A 13 2.51 -8.68 7.75
C ARG A 13 1.48 -8.65 6.62
N LEU A 14 1.83 -9.16 5.46
CA LEU A 14 0.91 -9.17 4.28
C LEU A 14 0.60 -10.63 3.90
N ASN A 15 -0.68 -10.95 3.79
CA ASN A 15 -1.08 -12.36 3.41
C ASN A 15 -1.94 -12.31 2.13
N VAL A 16 -1.34 -12.57 1.00
CA VAL A 16 -2.10 -12.56 -0.27
C VAL A 16 -3.02 -13.77 -0.32
N THR A 17 -2.65 -14.82 0.36
CA THR A 17 -3.48 -16.06 0.37
C THR A 17 -4.82 -15.77 1.03
N ARG A 18 -4.81 -15.24 2.23
CA ARG A 18 -6.09 -14.93 2.94
C ARG A 18 -6.50 -13.50 2.62
N ARG A 19 -5.60 -12.75 2.05
CA ARG A 19 -5.89 -11.32 1.70
C ARG A 19 -6.12 -10.53 3.00
N LEU A 20 -5.13 -10.46 3.85
CA LEU A 20 -5.26 -9.71 5.13
C LEU A 20 -3.95 -8.95 5.41
N VAL A 21 -4.02 -7.88 6.16
CA VAL A 21 -2.79 -7.08 6.47
C VAL A 21 -2.82 -6.64 7.93
N TRP A 22 -1.77 -6.93 8.68
CA TRP A 22 -1.74 -6.51 10.12
C TRP A 22 -0.83 -5.29 10.26
N LEU A 23 -1.14 -4.43 11.21
CA LEU A 23 -0.32 -3.20 11.45
C LEU A 23 0.01 -3.16 12.93
N GLY A 24 1.22 -3.51 13.31
CA GLY A 24 1.56 -3.51 14.75
C GLY A 24 0.93 -4.75 15.39
N GLU A 25 1.09 -5.87 14.74
CA GLU A 25 0.51 -7.14 15.25
C GLU A 25 -1.01 -7.05 15.32
N THR A 26 -1.59 -5.92 14.96
CA THR A 26 -3.08 -5.78 15.01
C THR A 26 -3.66 -5.88 13.59
N ALA A 27 -4.78 -6.53 13.44
CA ALA A 27 -5.39 -6.67 12.09
C ALA A 27 -5.79 -5.30 11.55
N LEU A 28 -5.10 -4.84 10.53
CA LEU A 28 -5.44 -3.51 9.95
C LEU A 28 -6.69 -3.66 9.09
N ASP A 29 -7.63 -2.76 9.21
CA ASP A 29 -8.90 -2.84 8.41
C ASP A 29 -8.82 -1.86 7.23
N LEU A 30 -8.74 -2.36 6.03
CA LEU A 30 -8.66 -1.46 4.82
C LEU A 30 -9.50 -2.05 3.68
N THR A 31 -10.02 -1.21 2.83
CA THR A 31 -10.85 -1.70 1.70
C THR A 31 -10.03 -2.67 0.85
N PRO A 32 -10.67 -3.60 0.17
CA PRO A 32 -9.94 -4.58 -0.70
C PRO A 32 -9.17 -3.86 -1.82
N LYS A 33 -9.72 -2.81 -2.35
CA LYS A 33 -9.02 -2.07 -3.44
C LYS A 33 -7.63 -1.66 -2.94
N GLU A 34 -7.56 -1.10 -1.76
CA GLU A 34 -6.24 -0.69 -1.22
C GLU A 34 -5.33 -1.91 -1.13
N TYR A 35 -5.86 -3.04 -0.75
CA TYR A 35 -5.02 -4.27 -0.66
C TYR A 35 -4.29 -4.47 -1.99
N ALA A 36 -4.90 -4.09 -3.08
CA ALA A 36 -4.25 -4.26 -4.40
C ALA A 36 -3.13 -3.23 -4.56
N LEU A 37 -3.44 -1.97 -4.36
CA LEU A 37 -2.37 -0.93 -4.49
C LEU A 37 -1.26 -1.27 -3.49
N LEU A 38 -1.66 -1.69 -2.31
CA LEU A 38 -0.66 -2.04 -1.26
C LEU A 38 0.11 -3.30 -1.70
N SER A 39 -0.59 -4.28 -2.22
CA SER A 39 0.09 -5.54 -2.63
C SER A 39 1.33 -5.26 -3.49
N ARG A 40 1.26 -4.32 -4.40
CA ARG A 40 2.46 -4.02 -5.24
C ARG A 40 3.42 -3.12 -4.44
N LEU A 41 2.90 -2.24 -3.65
CA LEU A 41 3.77 -1.34 -2.85
C LEU A 41 4.66 -2.16 -1.94
N MET A 42 4.14 -3.25 -1.41
CA MET A 42 4.97 -4.10 -0.50
C MET A 42 5.96 -4.91 -1.34
N MET A 43 5.54 -5.37 -2.48
CA MET A 43 6.45 -6.16 -3.36
C MET A 43 7.74 -5.36 -3.57
N LYS A 44 7.64 -4.07 -3.49
CA LYS A 44 8.83 -3.17 -3.66
C LYS A 44 9.03 -2.38 -2.36
N ALA A 45 8.92 -3.02 -1.24
CA ALA A 45 9.10 -2.31 0.06
C ALA A 45 10.55 -1.88 0.23
N GLY A 46 10.77 -0.68 0.69
CA GLY A 46 12.17 -0.17 0.89
C GLY A 46 12.61 0.62 -0.34
N SER A 47 11.90 0.51 -1.43
CA SER A 47 12.25 1.26 -2.68
C SER A 47 11.10 2.22 -3.02
N PRO A 48 11.36 3.32 -3.67
CA PRO A 48 10.28 4.30 -4.02
C PRO A 48 9.40 3.80 -5.17
N VAL A 49 8.12 3.64 -4.91
CA VAL A 49 7.18 3.15 -5.97
C VAL A 49 6.36 4.32 -6.50
N HIS A 50 6.19 4.43 -7.79
CA HIS A 50 5.38 5.54 -8.34
C HIS A 50 3.91 5.26 -8.04
N ARG A 51 3.24 6.20 -7.42
CA ARG A 51 1.80 6.02 -7.07
C ARG A 51 1.01 5.77 -8.35
N GLU A 52 1.59 6.06 -9.48
CA GLU A 52 0.87 5.83 -10.76
C GLU A 52 0.70 4.33 -10.98
N ILE A 53 1.76 3.58 -10.87
CA ILE A 53 1.66 2.10 -11.09
C ILE A 53 0.64 1.50 -10.12
N LEU A 54 0.41 2.12 -9.01
CA LEU A 54 -0.60 1.56 -8.05
C LEU A 54 -1.99 1.78 -8.63
N TYR A 55 -2.26 2.97 -9.08
CA TYR A 55 -3.61 3.24 -9.67
C TYR A 55 -3.92 2.20 -10.75
N ASN A 56 -2.92 1.75 -11.46
CA ASN A 56 -3.14 0.73 -12.53
C ASN A 56 -3.63 -0.58 -11.90
N ASP A 57 -3.39 -0.76 -10.63
CA ASP A 57 -3.85 -2.02 -9.97
C ASP A 57 -5.32 -2.27 -10.27
N ILE A 58 -6.17 -1.31 -9.99
CA ILE A 58 -7.64 -1.50 -10.25
C ILE A 58 -8.03 -0.96 -11.62
N TYR A 59 -7.47 0.12 -12.06
CA TYR A 59 -7.83 0.67 -13.40
C TYR A 59 -6.86 1.78 -13.81
N SER A 60 -7.03 2.31 -15.00
CA SER A 60 -6.13 3.39 -15.47
C SER A 60 -6.71 4.01 -16.73
N TRP A 61 -7.35 3.21 -17.56
CA TRP A 61 -7.94 3.75 -18.82
C TRP A 61 -9.33 4.35 -18.52
N ASP A 62 -9.78 4.24 -17.29
CA ASP A 62 -11.11 4.80 -16.94
C ASP A 62 -11.09 6.31 -17.12
N ASN A 63 -10.56 7.02 -16.16
CA ASN A 63 -10.51 8.52 -16.26
C ASN A 63 -9.37 9.04 -15.38
N GLU A 64 -8.21 9.27 -15.96
CA GLU A 64 -7.06 9.77 -15.16
C GLU A 64 -7.22 11.27 -14.83
N PRO A 65 -7.80 12.06 -15.71
CA PRO A 65 -7.97 13.52 -15.47
C PRO A 65 -9.31 13.83 -14.78
N ALA A 66 -9.64 13.11 -13.75
CA ALA A 66 -10.92 13.35 -13.03
C ALA A 66 -10.75 14.53 -12.07
N THR A 67 -9.64 15.21 -12.15
CA THR A 67 -9.40 16.37 -11.25
C THR A 67 -9.42 15.89 -9.78
N ASN A 68 -10.20 16.52 -8.94
CA ASN A 68 -10.26 16.10 -7.52
C ASN A 68 -11.01 14.77 -7.40
N THR A 69 -10.30 13.68 -7.32
CA THR A 69 -10.98 12.36 -7.20
C THR A 69 -9.96 11.30 -6.78
N LEU A 70 -9.10 10.90 -7.66
CA LEU A 70 -8.08 9.88 -7.33
C LEU A 70 -7.27 10.33 -6.13
N GLU A 71 -6.77 11.54 -6.14
CA GLU A 71 -5.96 12.02 -4.99
C GLU A 71 -6.80 11.98 -3.72
N VAL A 72 -8.09 12.16 -3.84
CA VAL A 72 -8.96 12.13 -2.62
C VAL A 72 -9.03 10.69 -2.10
N HIS A 73 -9.14 9.73 -2.97
CA HIS A 73 -9.19 8.32 -2.51
C HIS A 73 -7.95 8.07 -1.66
N ILE A 74 -6.85 8.66 -2.06
CA ILE A 74 -5.60 8.49 -1.27
C ILE A 74 -5.80 9.16 0.09
N HIS A 75 -6.42 10.31 0.10
CA HIS A 75 -6.64 11.01 1.40
C HIS A 75 -7.60 10.18 2.26
N ASN A 76 -8.61 9.63 1.67
CA ASN A 76 -9.57 8.81 2.48
C ASN A 76 -8.86 7.54 2.94
N LEU A 77 -8.15 6.91 2.06
CA LEU A 77 -7.44 5.65 2.45
C LEU A 77 -6.28 5.97 3.40
N ARG A 78 -5.58 7.06 3.16
CA ARG A 78 -4.44 7.40 4.06
C ARG A 78 -4.88 7.32 5.52
N GLU A 79 -5.99 7.92 5.85
CA GLU A 79 -6.47 7.87 7.25
C GLU A 79 -6.63 6.42 7.72
N LYS A 80 -6.88 5.51 6.80
CA LYS A 80 -7.06 4.08 7.19
C LYS A 80 -5.70 3.42 7.44
N ILE A 81 -4.72 3.70 6.63
CA ILE A 81 -3.38 3.06 6.83
C ILE A 81 -2.56 3.85 7.84
N GLY A 82 -2.62 5.16 7.80
CA GLY A 82 -1.80 5.98 8.73
C GLY A 82 -0.49 6.27 8.02
N LYS A 83 -0.30 7.50 7.59
CA LYS A 83 0.94 7.88 6.86
C LYS A 83 2.17 7.29 7.55
N SER A 84 2.04 6.90 8.79
CA SER A 84 3.21 6.30 9.48
C SER A 84 3.62 5.01 8.76
N ARG A 85 2.69 4.11 8.60
CA ARG A 85 2.99 2.82 7.92
C ARG A 85 3.60 3.06 6.52
N ILE A 86 3.57 4.28 6.03
CA ILE A 86 4.14 4.55 4.66
C ILE A 86 4.82 5.92 4.63
N ARG A 87 6.10 5.95 4.36
CA ARG A 87 6.84 7.25 4.28
C ARG A 87 6.70 7.81 2.86
N THR A 88 6.32 9.05 2.73
CA THR A 88 6.16 9.65 1.37
C THR A 88 7.54 10.07 0.84
N VAL A 89 7.87 9.65 -0.36
CA VAL A 89 9.20 10.03 -0.97
C VAL A 89 8.98 11.11 -2.02
N ARG A 90 9.07 12.35 -1.63
CA ARG A 90 8.87 13.45 -2.62
C ARG A 90 7.55 13.25 -3.36
N GLY A 91 7.18 14.16 -4.22
CA GLY A 91 5.91 14.01 -4.98
C GLY A 91 6.14 13.14 -6.21
N PHE A 92 6.66 11.95 -6.01
CA PHE A 92 6.94 11.04 -7.16
C PHE A 92 6.54 9.60 -6.80
N GLY A 93 6.61 9.23 -5.55
CA GLY A 93 6.22 7.84 -5.18
C GLY A 93 6.02 7.70 -3.67
N TYR A 94 6.17 6.50 -3.16
CA TYR A 94 5.99 6.24 -1.70
C TYR A 94 6.96 5.15 -1.30
N MET A 95 7.11 4.89 -0.03
CA MET A 95 8.07 3.83 0.39
C MET A 95 7.81 3.39 1.83
N LEU A 96 7.96 2.12 2.09
CA LEU A 96 7.75 1.59 3.47
C LEU A 96 9.06 1.66 4.26
N ALA A 97 9.03 2.17 5.46
CA ALA A 97 10.27 2.25 6.27
C ALA A 97 10.89 0.85 6.38
N ASN A 98 12.11 0.69 5.93
CA ASN A 98 12.75 -0.65 6.01
C ASN A 98 13.03 -1.00 7.47
N ASN A 99 12.00 -1.22 8.25
CA ASN A 99 12.20 -1.57 9.69
C ASN A 99 13.18 -0.58 10.33
N ILE A 100 13.05 0.68 10.01
CA ILE A 100 13.97 1.70 10.61
C ILE A 100 13.50 2.02 12.03
N ASP A 101 12.43 1.42 12.44
CA ASP A 101 11.91 1.68 13.82
C ASP A 101 12.92 1.15 14.85
N THR A 102 13.68 0.15 14.48
CA THR A 102 14.68 -0.41 15.43
C THR A 102 15.79 0.61 15.67
N GLU A 103 16.80 0.61 14.83
CA GLU A 103 17.91 1.59 15.00
C GLU A 103 17.50 2.94 14.42
N ASN A 1 2.02 -22.68 -6.54
CA ASN A 1 2.38 -21.66 -5.51
C ASN A 1 1.24 -20.66 -5.37
N GLN A 2 0.32 -20.65 -6.29
CA GLN A 2 -0.81 -19.69 -6.21
C GLN A 2 -1.75 -20.10 -5.07
N GLY A 3 -1.27 -20.07 -3.85
CA GLY A 3 -2.14 -20.47 -2.71
C GLY A 3 -1.38 -20.29 -1.39
N ASP A 4 -0.40 -19.42 -1.37
CA ASP A 4 0.38 -19.20 -0.13
C ASP A 4 1.37 -18.05 -0.34
N ASN A 5 1.12 -16.91 0.25
CA ASN A 5 2.06 -15.76 0.07
C ASN A 5 1.84 -14.75 1.20
N GLU A 6 2.87 -14.48 1.96
CA GLU A 6 2.73 -13.50 3.08
C GLU A 6 4.13 -12.97 3.45
N ILE A 7 4.19 -11.81 4.05
CA ILE A 7 5.52 -11.22 4.44
C ILE A 7 5.34 -10.37 5.69
N SER A 8 6.42 -10.05 6.35
CA SER A 8 6.35 -9.23 7.61
C SER A 8 7.45 -8.16 7.58
N VAL A 9 7.17 -7.01 8.14
CA VAL A 9 8.19 -5.91 8.18
C VAL A 9 8.00 -5.13 9.48
N GLY A 10 8.73 -5.49 10.50
CA GLY A 10 8.58 -4.77 11.80
C GLY A 10 7.32 -5.28 12.50
N ASN A 11 6.33 -4.42 12.66
CA ASN A 11 5.05 -4.84 13.34
C ASN A 11 3.94 -4.99 12.29
N LEU A 12 4.27 -4.87 11.02
CA LEU A 12 3.25 -4.99 9.94
C LEU A 12 3.30 -6.37 9.30
N ARG A 13 2.21 -7.10 9.33
CA ARG A 13 2.15 -8.46 8.71
C ARG A 13 1.16 -8.44 7.54
N LEU A 14 1.59 -8.92 6.40
CA LEU A 14 0.71 -8.92 5.18
C LEU A 14 0.39 -10.36 4.77
N ASN A 15 -0.83 -10.63 4.40
CA ASN A 15 -1.23 -12.02 3.98
C ASN A 15 -2.07 -11.94 2.70
N VAL A 16 -1.46 -12.14 1.56
CA VAL A 16 -2.21 -12.08 0.28
C VAL A 16 -3.07 -13.33 0.14
N THR A 17 -2.65 -14.40 0.73
CA THR A 17 -3.44 -15.67 0.65
C THR A 17 -4.81 -15.46 1.31
N ARG A 18 -4.81 -15.05 2.55
CA ARG A 18 -6.11 -14.81 3.27
C ARG A 18 -6.57 -13.38 3.02
N ARG A 19 -5.68 -12.56 2.56
CA ARG A 19 -6.02 -11.13 2.27
C ARG A 19 -6.28 -10.42 3.61
N LEU A 20 -5.27 -10.29 4.43
CA LEU A 20 -5.42 -9.59 5.74
C LEU A 20 -4.14 -8.82 6.04
N VAL A 21 -4.26 -7.66 6.64
CA VAL A 21 -3.05 -6.82 6.96
C VAL A 21 -3.14 -6.39 8.44
N TRP A 22 -2.11 -6.63 9.20
CA TRP A 22 -2.11 -6.22 10.65
C TRP A 22 -1.25 -4.97 10.82
N LEU A 23 -1.69 -4.07 11.68
CA LEU A 23 -0.93 -2.80 11.93
C LEU A 23 -0.71 -2.68 13.44
N GLY A 24 0.47 -2.98 13.92
CA GLY A 24 0.70 -2.90 15.38
C GLY A 24 0.05 -4.12 16.03
N GLU A 25 0.30 -5.27 15.47
CA GLU A 25 -0.28 -6.53 16.02
C GLU A 25 -1.82 -6.47 15.99
N THR A 26 -2.39 -5.40 15.46
CA THR A 26 -3.89 -5.29 15.39
C THR A 26 -4.35 -5.43 13.94
N ALA A 27 -5.46 -6.10 13.73
CA ALA A 27 -5.96 -6.29 12.34
C ALA A 27 -6.31 -4.93 11.71
N LEU A 28 -5.61 -4.55 10.68
CA LEU A 28 -5.89 -3.25 10.01
C LEU A 28 -7.07 -3.44 9.05
N ASP A 29 -8.04 -2.56 9.09
CA ASP A 29 -9.23 -2.68 8.18
C ASP A 29 -9.07 -1.71 7.00
N LEU A 30 -8.88 -2.24 5.81
CA LEU A 30 -8.71 -1.37 4.61
C LEU A 30 -9.54 -1.94 3.45
N THR A 31 -10.05 -1.10 2.59
CA THR A 31 -10.85 -1.59 1.45
C THR A 31 -9.99 -2.55 0.62
N PRO A 32 -10.58 -3.51 -0.06
CA PRO A 32 -9.81 -4.48 -0.90
C PRO A 32 -9.02 -3.76 -2.00
N LYS A 33 -9.55 -2.71 -2.53
CA LYS A 33 -8.83 -1.96 -3.60
C LYS A 33 -7.45 -1.54 -3.07
N GLU A 34 -7.41 -0.91 -1.92
CA GLU A 34 -6.11 -0.48 -1.36
C GLU A 34 -5.20 -1.70 -1.22
N TYR A 35 -5.75 -2.83 -0.90
CA TYR A 35 -4.92 -4.06 -0.74
C TYR A 35 -4.14 -4.29 -2.05
N ALA A 36 -4.71 -3.95 -3.17
CA ALA A 36 -4.01 -4.14 -4.47
C ALA A 36 -2.81 -3.19 -4.54
N LEU A 37 -3.06 -1.93 -4.34
CA LEU A 37 -1.94 -0.96 -4.40
C LEU A 37 -0.91 -1.33 -3.32
N LEU A 38 -1.39 -1.88 -2.22
CA LEU A 38 -0.47 -2.29 -1.13
C LEU A 38 0.45 -3.39 -1.62
N SER A 39 -0.08 -4.37 -2.31
CA SER A 39 0.76 -5.48 -2.82
C SER A 39 1.91 -4.90 -3.65
N ARG A 40 1.68 -3.80 -4.30
CA ARG A 40 2.76 -3.17 -5.13
C ARG A 40 3.70 -2.39 -4.22
N LEU A 41 3.17 -1.62 -3.31
CA LEU A 41 4.04 -0.81 -2.40
C LEU A 41 4.97 -1.73 -1.63
N MET A 42 4.45 -2.80 -1.08
CA MET A 42 5.31 -3.72 -0.29
C MET A 42 6.25 -4.49 -1.23
N MET A 43 5.79 -4.83 -2.40
CA MET A 43 6.66 -5.58 -3.36
C MET A 43 7.97 -4.81 -3.54
N LYS A 44 7.91 -3.51 -3.40
CA LYS A 44 9.12 -2.66 -3.54
C LYS A 44 9.34 -1.86 -2.24
N ALA A 45 9.25 -2.53 -1.11
CA ALA A 45 9.45 -1.81 0.18
C ALA A 45 10.89 -1.33 0.29
N GLY A 46 11.08 -0.11 0.72
CA GLY A 46 12.46 0.45 0.85
C GLY A 46 12.88 1.09 -0.47
N SER A 47 12.10 0.89 -1.50
CA SER A 47 12.40 1.48 -2.84
C SER A 47 11.26 2.44 -3.23
N PRO A 48 11.50 3.73 -3.35
CA PRO A 48 10.40 4.68 -3.71
C PRO A 48 9.57 4.18 -4.91
N VAL A 49 8.29 3.97 -4.71
CA VAL A 49 7.41 3.48 -5.81
C VAL A 49 6.66 4.64 -6.45
N HIS A 50 6.59 4.66 -7.76
CA HIS A 50 5.86 5.76 -8.44
C HIS A 50 4.36 5.59 -8.20
N ARG A 51 3.72 6.59 -7.66
CA ARG A 51 2.26 6.50 -7.39
C ARG A 51 1.53 6.04 -8.66
N GLU A 52 2.17 6.15 -9.78
CA GLU A 52 1.53 5.74 -11.05
C GLU A 52 1.35 4.22 -11.07
N ILE A 53 2.36 3.47 -10.73
CA ILE A 53 2.24 1.98 -10.74
C ILE A 53 1.10 1.54 -9.83
N LEU A 54 0.82 2.29 -8.80
CA LEU A 54 -0.29 1.91 -7.88
C LEU A 54 -1.62 2.06 -8.62
N TYR A 55 -1.80 3.16 -9.28
CA TYR A 55 -3.06 3.37 -10.05
C TYR A 55 -3.17 2.27 -11.09
N ASN A 56 -2.06 1.85 -11.63
CA ASN A 56 -2.07 0.77 -12.66
C ASN A 56 -2.44 -0.56 -12.02
N ASP A 57 -2.26 -0.70 -10.73
CA ASP A 57 -2.60 -1.99 -10.09
C ASP A 57 -4.04 -2.38 -10.41
N ILE A 58 -4.96 -1.48 -10.17
CA ILE A 58 -6.41 -1.78 -10.47
C ILE A 58 -6.82 -1.14 -11.80
N TYR A 59 -6.31 0.03 -12.09
CA TYR A 59 -6.69 0.71 -13.38
C TYR A 59 -5.58 0.50 -14.42
N SER A 60 -5.55 -0.64 -15.04
CA SER A 60 -4.50 -0.89 -16.07
C SER A 60 -4.66 0.11 -17.21
N TRP A 61 -5.81 0.13 -17.82
CA TRP A 61 -6.06 1.08 -18.94
C TRP A 61 -6.42 2.45 -18.36
N ASP A 62 -5.64 2.97 -17.47
CA ASP A 62 -5.94 4.29 -16.86
C ASP A 62 -5.91 5.37 -17.96
N ASN A 63 -5.06 6.35 -17.82
CA ASN A 63 -4.98 7.42 -18.85
C ASN A 63 -6.38 8.01 -19.08
N GLU A 64 -6.98 8.56 -18.06
CA GLU A 64 -8.34 9.15 -18.22
C GLU A 64 -8.70 9.95 -16.96
N PRO A 65 -7.94 10.98 -16.66
CA PRO A 65 -8.20 11.83 -15.46
C PRO A 65 -9.35 12.83 -15.69
N ALA A 66 -10.50 12.54 -15.14
CA ALA A 66 -11.66 13.46 -15.33
C ALA A 66 -11.45 14.72 -14.48
N THR A 67 -11.14 14.55 -13.22
CA THR A 67 -10.92 15.74 -12.34
C THR A 67 -10.39 15.28 -10.98
N ASN A 68 -10.26 16.18 -10.05
CA ASN A 68 -9.74 15.80 -8.71
C ASN A 68 -10.59 14.65 -8.14
N THR A 69 -10.06 13.46 -8.11
CA THR A 69 -10.83 12.31 -7.58
C THR A 69 -9.88 11.14 -7.31
N LEU A 70 -9.00 10.88 -8.25
CA LEU A 70 -8.04 9.76 -8.07
C LEU A 70 -7.09 10.10 -6.91
N GLU A 71 -6.54 11.28 -6.91
CA GLU A 71 -5.63 11.68 -5.81
C GLU A 71 -6.43 11.73 -4.51
N VAL A 72 -7.71 11.95 -4.61
CA VAL A 72 -8.56 12.01 -3.39
C VAL A 72 -8.76 10.60 -2.84
N HIS A 73 -8.98 9.63 -3.70
CA HIS A 73 -9.15 8.24 -3.22
C HIS A 73 -7.93 7.90 -2.36
N ILE A 74 -6.78 8.34 -2.79
CA ILE A 74 -5.54 8.08 -2.01
C ILE A 74 -5.66 8.82 -0.68
N HIS A 75 -6.19 10.00 -0.70
CA HIS A 75 -6.32 10.77 0.57
C HIS A 75 -7.35 10.08 1.46
N ASN A 76 -8.43 9.60 0.88
CA ASN A 76 -9.45 8.91 1.71
C ASN A 76 -8.86 7.64 2.30
N LEU A 77 -8.16 6.89 1.51
CA LEU A 77 -7.55 5.62 2.03
C LEU A 77 -6.43 5.97 3.00
N ARG A 78 -5.71 7.03 2.76
CA ARG A 78 -4.59 7.41 3.67
C ARG A 78 -5.08 7.38 5.12
N GLU A 79 -6.18 8.02 5.38
CA GLU A 79 -6.70 8.04 6.78
C GLU A 79 -6.94 6.61 7.27
N LYS A 80 -7.22 5.70 6.38
CA LYS A 80 -7.47 4.30 6.79
C LYS A 80 -6.14 3.60 7.17
N ILE A 81 -5.11 3.80 6.40
CA ILE A 81 -3.81 3.14 6.72
C ILE A 81 -3.04 3.95 7.76
N GLY A 82 -3.13 5.24 7.70
CA GLY A 82 -2.37 6.09 8.66
C GLY A 82 -1.04 6.44 8.00
N LYS A 83 -0.92 7.64 7.51
CA LYS A 83 0.33 8.07 6.81
C LYS A 83 1.57 7.59 7.56
N SER A 84 1.43 7.24 8.81
CA SER A 84 2.62 6.75 9.57
C SER A 84 3.09 5.44 8.95
N ARG A 85 2.21 4.48 8.84
CA ARG A 85 2.58 3.16 8.25
C ARG A 85 3.34 3.34 6.94
N ILE A 86 3.33 4.52 6.37
CA ILE A 86 4.03 4.74 5.07
C ILE A 86 4.82 6.07 5.10
N ARG A 87 5.66 6.27 4.11
CA ARG A 87 6.49 7.51 4.04
C ARG A 87 6.50 8.01 2.59
N THR A 88 6.06 9.23 2.36
CA THR A 88 6.04 9.78 0.97
C THR A 88 7.36 10.49 0.67
N VAL A 89 7.93 10.25 -0.49
CA VAL A 89 9.24 10.91 -0.86
C VAL A 89 8.99 12.08 -1.81
N ARG A 90 9.39 13.26 -1.40
CA ARG A 90 9.21 14.46 -2.26
C ARG A 90 7.77 14.52 -2.77
N GLY A 91 6.83 14.01 -2.02
CA GLY A 91 5.40 14.05 -2.47
C GLY A 91 5.29 13.57 -3.93
N PHE A 92 5.84 12.42 -4.22
CA PHE A 92 5.80 11.87 -5.60
C PHE A 92 5.49 10.37 -5.53
N GLY A 93 6.42 9.60 -5.06
CA GLY A 93 6.21 8.12 -4.95
C GLY A 93 5.84 7.76 -3.52
N TYR A 94 6.15 6.56 -3.10
CA TYR A 94 5.82 6.14 -1.70
C TYR A 94 6.86 5.11 -1.26
N MET A 95 6.97 4.87 0.01
CA MET A 95 7.97 3.88 0.50
C MET A 95 7.64 3.46 1.93
N LEU A 96 7.56 2.18 2.17
CA LEU A 96 7.25 1.69 3.54
C LEU A 96 8.55 1.67 4.36
N ALA A 97 8.50 2.14 5.58
CA ALA A 97 9.73 2.15 6.43
C ALA A 97 10.06 0.73 6.87
N ASN A 98 11.20 0.22 6.49
CA ASN A 98 11.58 -1.16 6.90
C ASN A 98 12.16 -1.14 8.31
N ASN A 99 11.39 -1.55 9.29
CA ASN A 99 11.88 -1.56 10.70
C ASN A 99 12.28 -0.14 11.13
N ILE A 100 11.58 0.42 12.08
CA ILE A 100 11.91 1.79 12.54
C ILE A 100 13.18 1.75 13.40
N ASP A 101 13.69 0.58 13.65
CA ASP A 101 14.92 0.47 14.47
C ASP A 101 15.43 -0.98 14.42
N THR A 102 15.31 -1.63 13.29
CA THR A 102 15.79 -3.04 13.18
C THR A 102 15.17 -3.87 14.30
N GLU A 103 13.88 -4.07 14.26
CA GLU A 103 13.21 -4.88 15.32
C GLU A 103 13.64 -6.34 15.18
N ASN A 1 1.00 -23.84 -3.27
CA ASN A 1 -0.13 -24.62 -2.68
C ASN A 1 -1.14 -23.65 -2.06
N GLN A 2 -2.35 -23.66 -2.56
CA GLN A 2 -3.39 -22.74 -2.00
C GLN A 2 -2.90 -21.29 -2.13
N GLY A 3 -2.31 -20.96 -3.24
CA GLY A 3 -1.80 -19.57 -3.43
C GLY A 3 -0.97 -19.14 -2.23
N ASP A 4 -0.28 -20.06 -1.62
CA ASP A 4 0.55 -19.71 -0.43
C ASP A 4 1.50 -18.56 -0.79
N ASN A 5 1.30 -17.42 -0.20
CA ASN A 5 2.19 -16.25 -0.50
C ASN A 5 1.94 -15.16 0.53
N GLU A 6 2.98 -14.70 1.18
CA GLU A 6 2.81 -13.64 2.21
C GLU A 6 4.16 -12.99 2.52
N ILE A 7 4.15 -11.79 3.03
CA ILE A 7 5.42 -11.08 3.38
C ILE A 7 5.16 -10.12 4.54
N SER A 8 6.20 -9.67 5.20
CA SER A 8 6.02 -8.74 6.36
C SER A 8 7.16 -7.73 6.40
N VAL A 9 6.94 -6.62 7.05
CA VAL A 9 7.99 -5.56 7.15
C VAL A 9 7.77 -4.77 8.44
N GLY A 10 8.47 -5.11 9.49
CA GLY A 10 8.29 -4.39 10.78
C GLY A 10 7.05 -4.94 11.49
N ASN A 11 6.06 -4.11 11.71
CA ASN A 11 4.81 -4.56 12.42
C ASN A 11 3.70 -4.80 11.39
N LEU A 12 4.00 -4.76 10.11
CA LEU A 12 2.94 -4.96 9.06
C LEU A 12 3.10 -6.34 8.43
N ARG A 13 2.04 -7.13 8.42
CA ARG A 13 2.09 -8.50 7.79
C ARG A 13 1.12 -8.53 6.60
N LEU A 14 1.57 -9.00 5.46
CA LEU A 14 0.69 -9.05 4.25
C LEU A 14 0.45 -10.50 3.83
N ASN A 15 -0.79 -10.94 3.86
CA ASN A 15 -1.12 -12.35 3.46
C ASN A 15 -1.93 -12.32 2.15
N VAL A 16 -1.27 -12.51 1.03
CA VAL A 16 -1.99 -12.49 -0.28
C VAL A 16 -2.90 -13.72 -0.38
N THR A 17 -2.53 -14.78 0.27
CA THR A 17 -3.37 -16.01 0.21
C THR A 17 -4.72 -15.74 0.86
N ARG A 18 -4.73 -15.25 2.07
CA ARG A 18 -6.03 -14.96 2.77
C ARG A 18 -6.44 -13.51 2.45
N ARG A 19 -5.57 -12.79 1.82
CA ARG A 19 -5.87 -11.36 1.49
C ARG A 19 -6.23 -10.62 2.77
N LEU A 20 -5.27 -10.44 3.64
CA LEU A 20 -5.51 -9.73 4.94
C LEU A 20 -4.26 -8.93 5.27
N VAL A 21 -4.38 -7.91 6.10
CA VAL A 21 -3.19 -7.07 6.45
C VAL A 21 -3.27 -6.66 7.92
N TRP A 22 -2.25 -6.97 8.69
CA TRP A 22 -2.24 -6.59 10.15
C TRP A 22 -1.40 -5.32 10.32
N LEU A 23 -1.69 -4.55 11.33
CA LEU A 23 -0.91 -3.30 11.59
C LEU A 23 -0.83 -3.09 13.09
N GLY A 24 0.35 -3.12 13.65
CA GLY A 24 0.46 -2.95 15.13
C GLY A 24 -0.28 -4.11 15.78
N GLU A 25 -0.15 -5.27 15.22
CA GLU A 25 -0.83 -6.48 15.76
C GLU A 25 -2.35 -6.33 15.61
N THR A 26 -2.82 -5.19 15.15
CA THR A 26 -4.30 -4.99 14.98
C THR A 26 -4.68 -5.19 13.51
N ALA A 27 -5.78 -5.84 13.25
CA ALA A 27 -6.21 -6.07 11.84
C ALA A 27 -6.42 -4.74 11.13
N LEU A 28 -5.63 -4.46 10.14
CA LEU A 28 -5.79 -3.18 9.38
C LEU A 28 -7.01 -3.30 8.46
N ASP A 29 -7.92 -2.37 8.54
CA ASP A 29 -9.15 -2.43 7.69
C ASP A 29 -8.95 -1.63 6.41
N LEU A 30 -8.67 -2.30 5.32
CA LEU A 30 -8.46 -1.62 4.00
C LEU A 30 -9.35 -2.28 2.95
N THR A 31 -9.99 -1.50 2.11
CA THR A 31 -10.88 -2.11 1.08
C THR A 31 -10.04 -3.00 0.14
N PRO A 32 -10.62 -4.04 -0.44
CA PRO A 32 -9.87 -4.92 -1.38
C PRO A 32 -9.02 -4.14 -2.39
N LYS A 33 -9.59 -3.14 -2.99
CA LYS A 33 -8.82 -2.33 -4.00
C LYS A 33 -7.52 -1.85 -3.36
N GLU A 34 -7.56 -1.40 -2.14
CA GLU A 34 -6.32 -0.92 -1.48
C GLU A 34 -5.33 -2.08 -1.35
N TYR A 35 -5.82 -3.26 -1.11
CA TYR A 35 -4.90 -4.43 -0.97
C TYR A 35 -4.07 -4.57 -2.25
N ALA A 36 -4.61 -4.18 -3.37
CA ALA A 36 -3.84 -4.30 -4.64
C ALA A 36 -2.76 -3.22 -4.70
N LEU A 37 -3.14 -1.98 -4.51
CA LEU A 37 -2.12 -0.90 -4.54
C LEU A 37 -1.13 -1.14 -3.41
N LEU A 38 -1.62 -1.57 -2.28
CA LEU A 38 -0.73 -1.85 -1.12
C LEU A 38 0.20 -3.02 -1.45
N SER A 39 -0.34 -4.08 -2.00
CA SER A 39 0.52 -5.26 -2.33
C SER A 39 1.74 -4.82 -3.14
N ARG A 40 1.64 -3.77 -3.91
CA ARG A 40 2.81 -3.33 -4.71
C ARG A 40 3.79 -2.55 -3.83
N LEU A 41 3.30 -1.77 -2.90
CA LEU A 41 4.23 -0.98 -2.03
C LEU A 41 5.09 -1.92 -1.20
N MET A 42 4.56 -3.01 -0.71
CA MET A 42 5.37 -3.94 0.11
C MET A 42 6.47 -4.56 -0.74
N MET A 43 6.16 -4.96 -1.94
CA MET A 43 7.20 -5.58 -2.82
C MET A 43 8.35 -4.60 -3.03
N LYS A 44 8.04 -3.32 -3.04
CA LYS A 44 9.11 -2.28 -3.24
C LYS A 44 9.39 -1.58 -1.90
N ALA A 45 9.32 -2.29 -0.81
CA ALA A 45 9.59 -1.67 0.51
C ALA A 45 11.08 -1.33 0.65
N GLY A 46 11.43 -0.08 0.49
CA GLY A 46 12.87 0.33 0.61
C GLY A 46 13.17 1.44 -0.41
N SER A 47 12.32 1.60 -1.38
CA SER A 47 12.52 2.65 -2.44
C SER A 47 11.20 3.39 -2.67
N PRO A 48 11.25 4.61 -3.15
CA PRO A 48 10.01 5.40 -3.42
C PRO A 48 9.23 4.84 -4.60
N VAL A 49 8.00 4.45 -4.39
CA VAL A 49 7.17 3.90 -5.49
C VAL A 49 6.38 5.02 -6.15
N HIS A 50 6.32 5.03 -7.46
CA HIS A 50 5.56 6.09 -8.16
C HIS A 50 4.05 5.81 -7.97
N ARG A 51 3.33 6.76 -7.42
CA ARG A 51 1.88 6.56 -7.19
C ARG A 51 1.22 6.12 -8.50
N GLU A 52 1.91 6.29 -9.59
CA GLU A 52 1.34 5.89 -10.90
C GLU A 52 1.26 4.38 -10.99
N ILE A 53 2.31 3.67 -10.65
CA ILE A 53 2.28 2.18 -10.72
C ILE A 53 1.14 1.64 -9.85
N LEU A 54 0.82 2.33 -8.79
CA LEU A 54 -0.29 1.85 -7.92
C LEU A 54 -1.59 1.97 -8.72
N TYR A 55 -1.81 3.11 -9.32
CA TYR A 55 -3.04 3.30 -10.13
C TYR A 55 -3.13 2.19 -11.18
N ASN A 56 -2.01 1.78 -11.70
CA ASN A 56 -2.00 0.70 -12.73
C ASN A 56 -2.44 -0.63 -12.12
N ASP A 57 -2.32 -0.77 -10.83
CA ASP A 57 -2.74 -2.05 -10.19
C ASP A 57 -4.16 -2.41 -10.62
N ILE A 58 -5.08 -1.48 -10.49
CA ILE A 58 -6.50 -1.74 -10.86
C ILE A 58 -6.88 -1.00 -12.15
N TYR A 59 -6.34 0.17 -12.37
CA TYR A 59 -6.68 0.95 -13.61
C TYR A 59 -5.61 0.73 -14.68
N SER A 60 -5.80 -0.25 -15.53
CA SER A 60 -4.81 -0.51 -16.60
C SER A 60 -4.96 0.56 -17.68
N TRP A 61 -4.86 1.81 -17.30
CA TRP A 61 -5.00 2.91 -18.29
C TRP A 61 -6.40 2.87 -18.92
N ASP A 62 -7.42 2.72 -18.11
CA ASP A 62 -8.81 2.67 -18.65
C ASP A 62 -9.28 4.09 -18.96
N ASN A 63 -10.06 4.68 -18.08
CA ASN A 63 -10.56 6.06 -18.32
C ASN A 63 -9.43 7.06 -18.04
N GLU A 64 -8.68 6.84 -17.00
CA GLU A 64 -7.56 7.77 -16.67
C GLU A 64 -8.10 9.20 -16.58
N PRO A 65 -8.88 9.49 -15.57
CA PRO A 65 -9.47 10.84 -15.35
C PRO A 65 -8.44 11.96 -15.55
N ALA A 66 -8.89 13.18 -15.75
CA ALA A 66 -7.95 14.31 -15.96
C ALA A 66 -7.31 14.69 -14.61
N THR A 67 -8.11 14.93 -13.61
CA THR A 67 -7.55 15.31 -12.28
C THR A 67 -8.70 15.44 -11.27
N ASN A 68 -8.38 15.66 -10.02
CA ASN A 68 -9.44 15.79 -8.99
C ASN A 68 -10.37 14.58 -9.06
N THR A 69 -9.86 13.40 -8.83
CA THR A 69 -10.71 12.18 -8.89
C THR A 69 -9.96 11.01 -8.26
N LEU A 70 -9.02 10.45 -8.97
CA LEU A 70 -8.25 9.30 -8.41
C LEU A 70 -7.39 9.76 -7.24
N GLU A 71 -6.82 10.94 -7.34
CA GLU A 71 -5.96 11.45 -6.23
C GLU A 71 -6.78 11.55 -4.95
N VAL A 72 -8.05 11.87 -5.06
CA VAL A 72 -8.89 11.99 -3.84
C VAL A 72 -9.12 10.61 -3.24
N HIS A 73 -9.34 9.63 -4.07
CA HIS A 73 -9.55 8.25 -3.53
C HIS A 73 -8.33 7.90 -2.68
N ILE A 74 -7.18 8.32 -3.12
CA ILE A 74 -5.95 8.04 -2.33
C ILE A 74 -6.03 8.80 -1.01
N HIS A 75 -6.53 10.00 -1.04
CA HIS A 75 -6.63 10.78 0.22
C HIS A 75 -7.50 9.99 1.22
N ASN A 76 -8.51 9.33 0.72
CA ASN A 76 -9.39 8.53 1.62
C ASN A 76 -8.67 7.25 2.02
N LEU A 77 -7.99 6.64 1.11
CA LEU A 77 -7.26 5.38 1.41
C LEU A 77 -6.12 5.71 2.40
N ARG A 78 -5.40 6.77 2.16
CA ARG A 78 -4.29 7.15 3.05
C ARG A 78 -4.76 7.17 4.51
N GLU A 79 -5.84 7.84 4.78
CA GLU A 79 -6.33 7.91 6.19
C GLU A 79 -6.69 6.51 6.72
N LYS A 80 -7.06 5.61 5.85
CA LYS A 80 -7.42 4.24 6.31
C LYS A 80 -6.18 3.44 6.71
N ILE A 81 -5.14 3.49 5.93
CA ILE A 81 -3.92 2.70 6.26
C ILE A 81 -3.17 3.36 7.43
N GLY A 82 -3.39 4.63 7.65
CA GLY A 82 -2.67 5.32 8.77
C GLY A 82 -1.27 5.72 8.29
N LYS A 83 -1.18 6.83 7.60
CA LYS A 83 0.15 7.29 7.09
C LYS A 83 1.21 7.17 8.18
N SER A 84 0.81 7.03 9.41
CA SER A 84 1.82 6.92 10.51
C SER A 84 2.82 5.80 10.20
N ARG A 85 2.32 4.65 9.85
CA ARG A 85 3.24 3.51 9.54
C ARG A 85 3.82 3.64 8.12
N ILE A 86 3.63 4.78 7.49
CA ILE A 86 4.17 4.98 6.11
C ILE A 86 4.76 6.38 5.98
N ARG A 87 5.56 6.63 4.97
CA ARG A 87 6.18 7.98 4.78
C ARG A 87 6.14 8.37 3.30
N THR A 88 5.61 9.54 3.00
CA THR A 88 5.54 10.00 1.58
C THR A 88 6.77 10.83 1.25
N VAL A 89 7.30 10.71 0.05
CA VAL A 89 8.51 11.48 -0.34
C VAL A 89 8.13 12.68 -1.22
N ARG A 90 8.35 13.87 -0.73
CA ARG A 90 8.01 15.09 -1.52
C ARG A 90 6.58 14.99 -2.08
N GLY A 91 5.71 14.29 -1.40
CA GLY A 91 4.31 14.16 -1.90
C GLY A 91 4.32 13.72 -3.37
N PHE A 92 4.96 12.62 -3.66
CA PHE A 92 5.03 12.11 -5.07
C PHE A 92 4.83 10.60 -5.05
N GLY A 93 5.78 9.87 -4.50
CA GLY A 93 5.67 8.38 -4.44
C GLY A 93 5.36 7.94 -3.02
N TYR A 94 5.77 6.76 -2.65
CA TYR A 94 5.50 6.26 -1.26
C TYR A 94 6.63 5.29 -0.87
N MET A 95 6.84 5.09 0.40
CA MET A 95 7.91 4.15 0.84
C MET A 95 7.61 3.68 2.27
N LEU A 96 7.51 2.40 2.46
CA LEU A 96 7.23 1.85 3.82
C LEU A 96 8.55 1.79 4.61
N ALA A 97 8.52 2.14 5.86
CA ALA A 97 9.77 2.10 6.68
C ALA A 97 10.36 0.69 6.63
N ASN A 98 11.51 0.53 6.03
CA ASN A 98 12.14 -0.81 5.94
C ASN A 98 12.59 -1.24 7.34
N ASN A 99 11.67 -1.48 8.23
CA ASN A 99 12.06 -1.90 9.61
C ASN A 99 13.10 -0.94 10.19
N ILE A 100 12.90 0.33 10.02
CA ILE A 100 13.87 1.33 10.55
C ILE A 100 13.71 1.40 12.06
N ASP A 101 12.70 0.76 12.58
CA ASP A 101 12.48 0.79 14.05
C ASP A 101 13.72 0.25 14.77
N THR A 102 14.44 -0.64 14.14
CA THR A 102 15.66 -1.20 14.78
C THR A 102 16.73 -0.11 14.88
N GLU A 103 17.34 0.02 16.03
CA GLU A 103 18.39 1.07 16.19
C GLU A 103 19.63 0.67 15.39
N ASN A 1 -0.64 -26.84 0.00
CA ASN A 1 -0.17 -26.09 -1.21
C ASN A 1 -1.36 -25.39 -1.88
N GLN A 2 -1.47 -24.10 -1.71
CA GLN A 2 -2.61 -23.34 -2.33
C GLN A 2 -2.14 -21.94 -2.72
N GLY A 3 -1.02 -21.85 -3.38
CA GLY A 3 -0.51 -20.50 -3.78
C GLY A 3 -0.37 -19.61 -2.55
N ASP A 4 -0.05 -20.19 -1.42
CA ASP A 4 0.11 -19.37 -0.18
C ASP A 4 1.11 -18.25 -0.44
N ASN A 5 0.94 -17.13 0.18
CA ASN A 5 1.90 -16.00 -0.02
C ASN A 5 1.70 -14.96 1.08
N GLU A 6 2.76 -14.63 1.77
CA GLU A 6 2.65 -13.61 2.86
C GLU A 6 4.05 -13.10 3.23
N ILE A 7 4.13 -11.92 3.78
CA ILE A 7 5.46 -11.36 4.17
C ILE A 7 5.29 -10.48 5.41
N SER A 8 6.38 -10.16 6.08
CA SER A 8 6.30 -9.31 7.32
C SER A 8 7.38 -8.23 7.25
N VAL A 9 7.08 -7.07 7.78
CA VAL A 9 8.07 -5.94 7.77
C VAL A 9 7.96 -5.19 9.09
N GLY A 10 8.76 -5.56 10.06
CA GLY A 10 8.69 -4.88 11.38
C GLY A 10 7.43 -5.33 12.11
N ASN A 11 6.46 -4.45 12.24
CA ASN A 11 5.18 -4.80 12.94
C ASN A 11 4.06 -4.98 11.91
N LEU A 12 4.37 -4.89 10.63
CA LEU A 12 3.32 -5.03 9.57
C LEU A 12 3.35 -6.46 9.02
N ARG A 13 2.27 -7.19 9.17
CA ARG A 13 2.20 -8.60 8.64
C ARG A 13 1.23 -8.59 7.45
N LEU A 14 1.73 -8.88 6.27
CA LEU A 14 0.85 -8.89 5.05
C LEU A 14 0.52 -10.34 4.67
N ASN A 15 -0.72 -10.61 4.33
CA ASN A 15 -1.13 -11.99 3.93
C ASN A 15 -2.02 -11.90 2.69
N VAL A 16 -1.45 -12.13 1.53
CA VAL A 16 -2.23 -12.06 0.27
C VAL A 16 -3.16 -13.26 0.18
N THR A 17 -2.78 -14.36 0.77
CA THR A 17 -3.64 -15.58 0.74
C THR A 17 -5.01 -15.24 1.32
N ARG A 18 -5.05 -14.68 2.50
CA ARG A 18 -6.36 -14.31 3.14
C ARG A 18 -6.62 -12.83 2.87
N ARG A 19 -5.67 -12.16 2.31
CA ARG A 19 -5.83 -10.71 2.02
C ARG A 19 -6.19 -9.98 3.31
N LEU A 20 -5.21 -9.67 4.11
CA LEU A 20 -5.47 -8.97 5.39
C LEU A 20 -4.12 -8.47 5.95
N VAL A 21 -4.06 -7.23 6.37
CA VAL A 21 -2.77 -6.67 6.92
C VAL A 21 -2.98 -6.26 8.38
N TRP A 22 -2.07 -6.64 9.25
CA TRP A 22 -2.18 -6.26 10.70
C TRP A 22 -1.20 -5.14 11.00
N LEU A 23 -1.68 -4.04 11.52
CA LEU A 23 -0.79 -2.88 11.85
C LEU A 23 -0.57 -2.85 13.36
N GLY A 24 0.61 -3.11 13.83
CA GLY A 24 0.82 -3.12 15.29
C GLY A 24 0.01 -4.27 15.87
N GLU A 25 -0.03 -5.36 15.13
CA GLU A 25 -0.80 -6.55 15.58
C GLU A 25 -2.31 -6.26 15.50
N THR A 26 -2.69 -5.08 15.05
CA THR A 26 -4.15 -4.75 14.95
C THR A 26 -4.61 -4.83 13.50
N ALA A 27 -5.76 -5.38 13.27
CA ALA A 27 -6.28 -5.51 11.88
C ALA A 27 -6.60 -4.13 11.30
N LEU A 28 -5.86 -3.69 10.31
CA LEU A 28 -6.13 -2.37 9.69
C LEU A 28 -7.28 -2.54 8.69
N ASP A 29 -8.22 -1.63 8.68
CA ASP A 29 -9.38 -1.75 7.74
C ASP A 29 -9.10 -0.98 6.44
N LEU A 30 -8.75 -1.70 5.39
CA LEU A 30 -8.46 -1.04 4.07
C LEU A 30 -9.28 -1.74 2.99
N THR A 31 -9.88 -0.99 2.10
CA THR A 31 -10.71 -1.62 1.02
C THR A 31 -9.83 -2.65 0.27
N PRO A 32 -10.43 -3.67 -0.31
CA PRO A 32 -9.65 -4.71 -1.07
C PRO A 32 -8.90 -4.09 -2.25
N LYS A 33 -9.52 -3.18 -2.95
CA LYS A 33 -8.84 -2.53 -4.11
C LYS A 33 -7.52 -1.92 -3.60
N GLU A 34 -7.55 -1.30 -2.46
CA GLU A 34 -6.30 -0.69 -1.91
C GLU A 34 -5.29 -1.80 -1.64
N TYR A 35 -5.74 -2.95 -1.20
CA TYR A 35 -4.80 -4.06 -0.93
C TYR A 35 -4.00 -4.34 -2.20
N ALA A 36 -4.57 -4.08 -3.35
CA ALA A 36 -3.84 -4.32 -4.63
C ALA A 36 -2.71 -3.29 -4.75
N LEU A 37 -3.02 -2.04 -4.58
CA LEU A 37 -1.96 -1.00 -4.68
C LEU A 37 -0.89 -1.33 -3.64
N LEU A 38 -1.31 -1.75 -2.48
CA LEU A 38 -0.34 -2.11 -1.41
C LEU A 38 0.59 -3.20 -1.93
N SER A 39 0.05 -4.17 -2.62
CA SER A 39 0.89 -5.28 -3.15
C SER A 39 2.07 -4.66 -3.92
N ARG A 40 1.85 -3.58 -4.60
CA ARG A 40 2.96 -2.92 -5.36
C ARG A 40 3.87 -2.18 -4.37
N LEU A 41 3.30 -1.49 -3.42
CA LEU A 41 4.15 -0.75 -2.44
C LEU A 41 5.06 -1.72 -1.69
N MET A 42 4.51 -2.77 -1.14
CA MET A 42 5.36 -3.74 -0.39
C MET A 42 6.31 -4.47 -1.34
N MET A 43 5.87 -4.77 -2.52
CA MET A 43 6.75 -5.48 -3.49
C MET A 43 8.06 -4.69 -3.63
N LYS A 44 7.99 -3.41 -3.43
CA LYS A 44 9.20 -2.53 -3.56
C LYS A 44 9.41 -1.78 -2.23
N ALA A 45 9.29 -2.48 -1.12
CA ALA A 45 9.46 -1.81 0.20
C ALA A 45 10.90 -1.32 0.34
N GLY A 46 11.09 -0.08 0.75
CA GLY A 46 12.46 0.49 0.92
C GLY A 46 12.81 1.36 -0.28
N SER A 47 11.96 1.38 -1.29
CA SER A 47 12.22 2.20 -2.51
C SER A 47 10.94 2.97 -2.86
N PRO A 48 11.06 4.14 -3.48
CA PRO A 48 9.86 4.96 -3.85
C PRO A 48 9.13 4.40 -5.07
N VAL A 49 7.89 4.04 -4.91
CA VAL A 49 7.11 3.50 -6.08
C VAL A 49 6.36 4.64 -6.75
N HIS A 50 6.33 4.65 -8.06
CA HIS A 50 5.61 5.74 -8.78
C HIS A 50 4.10 5.56 -8.54
N ARG A 51 3.45 6.56 -7.99
CA ARG A 51 1.99 6.45 -7.73
C ARG A 51 1.28 6.03 -9.01
N GLU A 52 1.93 6.16 -10.13
CA GLU A 52 1.30 5.76 -11.42
C GLU A 52 1.10 4.25 -11.43
N ILE A 53 2.12 3.49 -11.12
CA ILE A 53 1.98 2.00 -11.12
C ILE A 53 0.83 1.60 -10.20
N LEU A 54 0.57 2.37 -9.18
CA LEU A 54 -0.53 2.02 -8.25
C LEU A 54 -1.88 2.28 -8.93
N TYR A 55 -1.94 3.23 -9.82
CA TYR A 55 -3.23 3.49 -10.52
C TYR A 55 -3.48 2.33 -11.49
N ASN A 56 -2.43 1.80 -12.05
CA ASN A 56 -2.57 0.67 -12.99
C ASN A 56 -3.17 -0.55 -12.27
N ASP A 57 -3.07 -0.59 -10.97
CA ASP A 57 -3.64 -1.74 -10.23
C ASP A 57 -5.15 -1.82 -10.48
N ILE A 58 -5.86 -0.76 -10.23
CA ILE A 58 -7.34 -0.77 -10.41
C ILE A 58 -7.69 -0.57 -11.90
N TYR A 59 -6.95 0.27 -12.59
CA TYR A 59 -7.25 0.54 -14.05
C TYR A 59 -6.15 -0.05 -14.92
N SER A 60 -6.40 -0.22 -16.18
CA SER A 60 -5.35 -0.80 -17.08
C SER A 60 -5.80 -0.64 -18.54
N TRP A 61 -7.06 -0.79 -18.80
CA TRP A 61 -7.57 -0.65 -20.20
C TRP A 61 -7.77 0.83 -20.54
N ASP A 62 -8.02 1.65 -19.55
CA ASP A 62 -8.22 3.10 -19.81
C ASP A 62 -7.94 3.90 -18.53
N ASN A 63 -7.00 4.79 -18.57
CA ASN A 63 -6.69 5.60 -17.36
C ASN A 63 -7.92 6.40 -16.95
N GLU A 64 -8.55 7.06 -17.88
CA GLU A 64 -9.76 7.87 -17.55
C GLU A 64 -9.42 8.84 -16.41
N PRO A 65 -8.53 9.76 -16.66
CA PRO A 65 -8.12 10.77 -15.62
C PRO A 65 -9.16 11.88 -15.45
N ALA A 66 -9.91 11.83 -14.37
CA ALA A 66 -10.94 12.88 -14.14
C ALA A 66 -10.26 14.18 -13.68
N THR A 67 -9.01 14.10 -13.32
CA THR A 67 -8.28 15.31 -12.85
C THR A 67 -8.98 15.90 -11.62
N ASN A 68 -9.70 15.08 -10.89
CA ASN A 68 -10.39 15.59 -9.67
C ASN A 68 -10.97 14.42 -8.88
N THR A 69 -10.23 13.35 -8.76
CA THR A 69 -10.72 12.16 -8.01
C THR A 69 -9.55 11.21 -7.75
N LEU A 70 -8.64 11.12 -8.69
CA LEU A 70 -7.48 10.20 -8.52
C LEU A 70 -6.68 10.60 -7.29
N GLU A 71 -6.33 11.85 -7.16
CA GLU A 71 -5.54 12.30 -5.98
C GLU A 71 -6.41 12.24 -4.73
N VAL A 72 -7.70 12.35 -4.88
CA VAL A 72 -8.59 12.29 -3.69
C VAL A 72 -8.71 10.86 -3.21
N HIS A 73 -8.92 9.94 -4.11
CA HIS A 73 -9.02 8.51 -3.69
C HIS A 73 -7.75 8.18 -2.90
N ILE A 74 -6.64 8.71 -3.34
CA ILE A 74 -5.36 8.47 -2.64
C ILE A 74 -5.43 9.12 -1.27
N HIS A 75 -5.99 10.30 -1.19
CA HIS A 75 -6.09 10.97 0.13
C HIS A 75 -6.91 10.09 1.07
N ASN A 76 -7.92 9.45 0.56
CA ASN A 76 -8.75 8.57 1.41
C ASN A 76 -7.95 7.30 1.74
N LEU A 77 -7.27 6.77 0.77
CA LEU A 77 -6.46 5.53 1.01
C LEU A 77 -5.36 5.87 2.01
N ARG A 78 -4.75 7.01 1.87
CA ARG A 78 -3.67 7.41 2.81
C ARG A 78 -4.13 7.22 4.26
N GLU A 79 -5.28 7.74 4.59
CA GLU A 79 -5.79 7.61 5.99
C GLU A 79 -5.95 6.14 6.37
N LYS A 80 -6.27 5.29 5.42
CA LYS A 80 -6.46 3.85 5.76
C LYS A 80 -5.10 3.23 6.16
N ILE A 81 -4.07 3.48 5.41
CA ILE A 81 -2.73 2.89 5.75
C ILE A 81 -2.13 3.60 6.96
N GLY A 82 -2.41 4.87 7.11
CA GLY A 82 -1.84 5.62 8.27
C GLY A 82 -0.44 6.14 7.91
N LYS A 83 -0.38 7.30 7.31
CA LYS A 83 0.94 7.88 6.91
C LYS A 83 1.96 7.73 8.05
N SER A 84 1.48 7.50 9.24
CA SER A 84 2.42 7.35 10.39
C SER A 84 3.45 6.26 10.10
N ARG A 85 3.00 5.09 9.73
CA ARG A 85 3.95 3.97 9.45
C ARG A 85 4.43 3.99 8.00
N ILE A 86 4.14 5.05 7.27
CA ILE A 86 4.59 5.14 5.83
C ILE A 86 5.20 6.54 5.62
N ARG A 87 5.94 6.73 4.55
CA ARG A 87 6.57 8.08 4.30
C ARG A 87 6.50 8.42 2.81
N THR A 88 5.99 9.58 2.49
CA THR A 88 5.89 9.99 1.05
C THR A 88 7.20 10.70 0.65
N VAL A 89 7.66 10.48 -0.56
CA VAL A 89 8.93 11.13 -1.03
C VAL A 89 8.61 12.33 -1.94
N ARG A 90 8.90 13.52 -1.48
CA ARG A 90 8.65 14.73 -2.30
C ARG A 90 7.25 14.68 -2.91
N GLY A 91 6.29 14.13 -2.22
CA GLY A 91 4.90 14.07 -2.76
C GLY A 91 4.93 13.54 -4.19
N PHE A 92 5.52 12.39 -4.40
CA PHE A 92 5.59 11.77 -5.76
C PHE A 92 5.26 10.29 -5.66
N GLY A 93 6.17 9.51 -5.14
CA GLY A 93 5.93 8.03 -5.02
C GLY A 93 5.61 7.70 -3.55
N TYR A 94 5.89 6.51 -3.14
CA TYR A 94 5.62 6.10 -1.74
C TYR A 94 6.63 5.01 -1.34
N MET A 95 6.98 4.94 -0.08
CA MET A 95 7.96 3.91 0.37
C MET A 95 7.65 3.50 1.81
N LEU A 96 7.51 2.23 2.05
CA LEU A 96 7.22 1.75 3.43
C LEU A 96 8.51 1.73 4.24
N ALA A 97 8.49 2.25 5.44
CA ALA A 97 9.73 2.27 6.26
C ALA A 97 10.26 0.84 6.41
N ASN A 98 11.54 0.66 6.19
CA ASN A 98 12.12 -0.70 6.32
C ASN A 98 11.80 -1.28 7.71
N ASN A 99 12.62 -0.97 8.68
CA ASN A 99 12.37 -1.48 10.06
C ASN A 99 13.05 -0.56 11.08
N ILE A 100 12.84 0.72 10.97
CA ILE A 100 13.47 1.67 11.93
C ILE A 100 12.84 1.46 13.30
N ASP A 101 11.76 0.73 13.34
CA ASP A 101 11.08 0.48 14.64
C ASP A 101 11.87 -0.55 15.44
N THR A 102 12.87 -1.14 14.84
CA THR A 102 13.69 -2.15 15.57
C THR A 102 14.30 -1.52 16.82
N GLU A 103 15.15 -2.23 17.51
CA GLU A 103 15.77 -1.67 18.74
C GLU A 103 16.66 -0.49 18.36
N ASN A 1 4.40 -19.15 -4.93
CA ASN A 1 4.31 -19.99 -6.16
C ASN A 1 4.34 -21.47 -5.77
N GLN A 2 3.72 -21.82 -4.69
CA GLN A 2 3.70 -23.25 -4.26
C GLN A 2 2.47 -23.51 -3.40
N GLY A 3 1.32 -23.05 -3.83
CA GLY A 3 0.08 -23.27 -3.05
C GLY A 3 -0.05 -22.21 -1.95
N ASP A 4 0.72 -21.15 -2.05
CA ASP A 4 0.65 -20.08 -1.02
C ASP A 4 1.37 -18.83 -1.53
N ASN A 5 1.33 -17.76 -0.79
CA ASN A 5 2.00 -16.51 -1.23
C ASN A 5 1.83 -15.45 -0.14
N GLU A 6 2.91 -15.08 0.52
CA GLU A 6 2.81 -14.05 1.60
C GLU A 6 4.18 -13.49 1.92
N ILE A 7 4.25 -12.29 2.45
CA ILE A 7 5.56 -11.67 2.80
C ILE A 7 5.39 -10.80 4.06
N SER A 8 6.47 -10.46 4.70
CA SER A 8 6.39 -9.62 5.95
C SER A 8 7.43 -8.51 5.89
N VAL A 9 7.07 -7.34 6.38
CA VAL A 9 8.02 -6.18 6.37
C VAL A 9 7.89 -5.43 7.70
N GLY A 10 8.71 -5.78 8.65
CA GLY A 10 8.64 -5.11 9.98
C GLY A 10 7.45 -5.67 10.77
N ASN A 11 6.50 -4.84 11.12
CA ASN A 11 5.31 -5.30 11.89
C ASN A 11 4.11 -5.47 10.94
N LEU A 12 4.34 -5.40 9.65
CA LEU A 12 3.22 -5.52 8.66
C LEU A 12 3.32 -6.88 7.94
N ARG A 13 2.28 -7.67 8.00
CA ARG A 13 2.28 -9.00 7.30
C ARG A 13 1.33 -8.90 6.10
N LEU A 14 1.64 -9.60 5.03
CA LEU A 14 0.78 -9.55 3.79
C LEU A 14 0.48 -10.98 3.34
N ASN A 15 -0.78 -11.35 3.26
CA ASN A 15 -1.16 -12.73 2.82
C ASN A 15 -2.01 -12.64 1.54
N VAL A 16 -1.40 -12.83 0.40
CA VAL A 16 -2.15 -12.77 -0.88
C VAL A 16 -3.02 -14.00 -1.00
N THR A 17 -2.63 -15.08 -0.39
CA THR A 17 -3.43 -16.34 -0.46
C THR A 17 -4.80 -16.10 0.18
N ARG A 18 -4.83 -15.63 1.41
CA ARG A 18 -6.13 -15.38 2.09
C ARG A 18 -6.55 -13.94 1.86
N ARG A 19 -5.63 -13.13 1.41
CA ARG A 19 -5.93 -11.70 1.15
C ARG A 19 -6.19 -10.97 2.47
N LEU A 20 -5.21 -10.95 3.34
CA LEU A 20 -5.36 -10.26 4.66
C LEU A 20 -4.06 -9.50 4.99
N VAL A 21 -4.14 -8.48 5.82
CA VAL A 21 -2.93 -7.69 6.17
C VAL A 21 -3.01 -7.28 7.64
N TRP A 22 -1.97 -7.54 8.42
CA TRP A 22 -1.97 -7.15 9.85
C TRP A 22 -1.11 -5.91 10.03
N LEU A 23 -1.36 -5.12 11.05
CA LEU A 23 -0.56 -3.89 11.29
C LEU A 23 -0.42 -3.70 12.80
N GLY A 24 0.78 -3.78 13.32
CA GLY A 24 0.94 -3.63 14.79
C GLY A 24 0.21 -4.79 15.46
N GLU A 25 0.38 -5.96 14.91
CA GLU A 25 -0.30 -7.17 15.48
C GLU A 25 -1.82 -7.00 15.42
N THR A 26 -2.32 -5.88 14.91
CA THR A 26 -3.81 -5.68 14.82
C THR A 26 -4.25 -5.82 13.36
N ALA A 27 -5.37 -6.46 13.13
CA ALA A 27 -5.85 -6.64 11.74
C ALA A 27 -6.12 -5.29 11.07
N LEU A 28 -5.37 -4.96 10.05
CA LEU A 28 -5.58 -3.66 9.35
C LEU A 28 -6.84 -3.78 8.48
N ASP A 29 -7.75 -2.85 8.60
CA ASP A 29 -9.01 -2.91 7.78
C ASP A 29 -8.86 -2.02 6.55
N LEU A 30 -8.65 -2.60 5.40
CA LEU A 30 -8.50 -1.80 4.13
C LEU A 30 -9.40 -2.38 3.04
N THR A 31 -9.99 -1.55 2.24
CA THR A 31 -10.91 -2.05 1.17
C THR A 31 -10.12 -2.94 0.18
N PRO A 32 -10.75 -3.89 -0.47
CA PRO A 32 -10.06 -4.77 -1.46
C PRO A 32 -9.15 -3.98 -2.41
N LYS A 33 -9.64 -2.88 -2.92
CA LYS A 33 -8.82 -2.05 -3.85
C LYS A 33 -7.48 -1.72 -3.18
N GLU A 34 -7.51 -1.26 -1.96
CA GLU A 34 -6.26 -0.91 -1.25
C GLU A 34 -5.34 -2.13 -1.22
N TYR A 35 -5.90 -3.31 -1.10
CA TYR A 35 -5.05 -4.54 -1.06
C TYR A 35 -4.24 -4.63 -2.37
N ALA A 36 -4.80 -4.18 -3.46
CA ALA A 36 -4.07 -4.24 -4.75
C ALA A 36 -2.99 -3.15 -4.76
N LEU A 37 -3.38 -1.94 -4.49
CA LEU A 37 -2.39 -0.83 -4.46
C LEU A 37 -1.30 -1.20 -3.44
N LEU A 38 -1.72 -1.68 -2.31
CA LEU A 38 -0.76 -2.09 -1.24
C LEU A 38 0.10 -3.26 -1.74
N SER A 39 -0.52 -4.24 -2.33
CA SER A 39 0.26 -5.42 -2.83
C SER A 39 1.45 -4.98 -3.68
N ARG A 40 1.28 -3.97 -4.49
CA ARG A 40 2.42 -3.51 -5.34
C ARG A 40 3.36 -2.62 -4.51
N LEU A 41 2.81 -1.76 -3.71
CA LEU A 41 3.67 -0.87 -2.89
C LEU A 41 4.56 -1.72 -1.97
N MET A 42 4.01 -2.75 -1.38
CA MET A 42 4.83 -3.61 -0.48
C MET A 42 5.80 -4.44 -1.33
N MET A 43 5.36 -4.89 -2.48
CA MET A 43 6.26 -5.70 -3.35
C MET A 43 7.58 -4.95 -3.54
N LYS A 44 7.52 -3.64 -3.45
CA LYS A 44 8.75 -2.80 -3.61
C LYS A 44 8.97 -2.02 -2.31
N ALA A 45 8.87 -2.66 -1.18
CA ALA A 45 9.06 -1.96 0.12
C ALA A 45 10.53 -1.60 0.32
N GLY A 46 10.78 -0.45 0.88
CA GLY A 46 12.19 0.00 1.13
C GLY A 46 12.66 0.88 -0.01
N SER A 47 12.05 0.77 -1.17
CA SER A 47 12.45 1.61 -2.35
C SER A 47 11.28 2.54 -2.70
N PRO A 48 11.54 3.68 -3.29
CA PRO A 48 10.46 4.64 -3.65
C PRO A 48 9.63 4.14 -4.84
N VAL A 49 8.35 3.94 -4.65
CA VAL A 49 7.49 3.44 -5.76
C VAL A 49 6.76 4.62 -6.43
N HIS A 50 6.76 4.66 -7.73
CA HIS A 50 6.06 5.77 -8.43
C HIS A 50 4.55 5.61 -8.21
N ARG A 51 3.91 6.63 -7.70
CA ARG A 51 2.45 6.55 -7.45
C ARG A 51 1.76 6.11 -8.73
N GLU A 52 2.42 6.24 -9.83
CA GLU A 52 1.80 5.82 -11.12
C GLU A 52 1.48 4.33 -11.08
N ILE A 53 2.46 3.50 -10.82
CA ILE A 53 2.21 2.04 -10.76
C ILE A 53 1.13 1.74 -9.72
N LEU A 54 1.04 2.54 -8.70
CA LEU A 54 0.00 2.29 -7.66
C LEU A 54 -1.38 2.57 -8.26
N TYR A 55 -1.46 3.51 -9.16
CA TYR A 55 -2.78 3.82 -9.79
C TYR A 55 -3.11 2.69 -10.77
N ASN A 56 -2.11 2.16 -11.42
CA ASN A 56 -2.35 1.05 -12.39
C ASN A 56 -2.95 -0.15 -11.64
N ASP A 57 -2.76 -0.19 -10.35
CA ASP A 57 -3.30 -1.33 -9.56
C ASP A 57 -4.82 -1.19 -9.45
N ILE A 58 -5.30 -0.06 -9.00
CA ILE A 58 -6.77 0.13 -8.86
C ILE A 58 -7.41 0.43 -10.22
N TYR A 59 -6.65 0.97 -11.14
CA TYR A 59 -7.23 1.28 -12.50
C TYR A 59 -6.16 1.01 -13.57
N SER A 60 -6.38 1.52 -14.76
CA SER A 60 -5.39 1.30 -15.86
C SER A 60 -5.94 1.90 -17.15
N TRP A 61 -7.24 1.88 -17.31
CA TRP A 61 -7.85 2.46 -18.56
C TRP A 61 -7.87 3.98 -18.46
N ASP A 62 -7.69 4.51 -17.29
CA ASP A 62 -7.70 6.00 -17.12
C ASP A 62 -8.96 6.58 -17.75
N ASN A 63 -9.93 6.91 -16.94
CA ASN A 63 -11.19 7.50 -17.49
C ASN A 63 -10.95 8.93 -17.95
N GLU A 64 -11.19 9.89 -17.08
CA GLU A 64 -10.96 11.31 -17.47
C GLU A 64 -10.96 12.19 -16.21
N PRO A 65 -10.02 11.96 -15.33
CA PRO A 65 -9.90 12.75 -14.06
C PRO A 65 -9.28 14.14 -14.30
N ALA A 66 -10.03 15.18 -14.13
CA ALA A 66 -9.49 16.54 -14.35
C ALA A 66 -8.56 16.92 -13.19
N THR A 67 -8.99 16.69 -11.97
CA THR A 67 -8.14 17.04 -10.80
C THR A 67 -8.69 16.35 -9.55
N ASN A 68 -9.61 16.99 -8.87
CA ASN A 68 -10.18 16.36 -7.64
C ASN A 68 -10.89 15.07 -8.02
N THR A 69 -10.27 13.94 -7.78
CA THR A 69 -10.91 12.64 -8.13
C THR A 69 -10.16 11.50 -7.44
N LEU A 70 -9.14 10.99 -8.07
CA LEU A 70 -8.37 9.87 -7.44
C LEU A 70 -7.63 10.39 -6.20
N GLU A 71 -7.19 11.61 -6.22
CA GLU A 71 -6.45 12.16 -5.06
C GLU A 71 -7.33 12.11 -3.81
N VAL A 72 -8.61 12.27 -3.96
CA VAL A 72 -9.51 12.23 -2.77
C VAL A 72 -9.64 10.79 -2.29
N HIS A 73 -9.85 9.87 -3.19
CA HIS A 73 -9.96 8.44 -2.77
C HIS A 73 -8.69 8.10 -2.02
N ILE A 74 -7.58 8.62 -2.47
CA ILE A 74 -6.30 8.34 -1.78
C ILE A 74 -6.33 9.00 -0.40
N HIS A 75 -6.86 10.18 -0.30
CA HIS A 75 -6.92 10.85 1.03
C HIS A 75 -7.75 9.98 1.97
N ASN A 76 -8.77 9.35 1.46
CA ASN A 76 -9.63 8.48 2.32
C ASN A 76 -8.87 7.18 2.60
N LEU A 77 -8.22 6.65 1.62
CA LEU A 77 -7.47 5.37 1.83
C LEU A 77 -6.27 5.64 2.74
N ARG A 78 -5.58 6.71 2.52
CA ARG A 78 -4.39 7.04 3.35
C ARG A 78 -4.73 6.97 4.85
N GLU A 79 -5.79 7.62 5.26
CA GLU A 79 -6.14 7.61 6.72
C GLU A 79 -6.51 6.19 7.17
N LYS A 80 -6.97 5.35 6.27
CA LYS A 80 -7.35 3.97 6.68
C LYS A 80 -6.08 3.15 6.99
N ILE A 81 -5.09 3.23 6.16
CA ILE A 81 -3.84 2.44 6.40
C ILE A 81 -3.03 3.07 7.53
N GLY A 82 -3.23 4.34 7.79
CA GLY A 82 -2.45 5.01 8.87
C GLY A 82 -1.09 5.41 8.30
N LYS A 83 -1.03 6.54 7.66
CA LYS A 83 0.25 7.01 7.06
C LYS A 83 1.41 6.82 8.05
N SER A 84 1.10 6.65 9.31
CA SER A 84 2.19 6.48 10.32
C SER A 84 3.11 5.33 9.91
N ARG A 85 2.54 4.20 9.56
CA ARG A 85 3.40 3.04 9.15
C ARG A 85 3.89 3.22 7.70
N ILE A 86 3.67 4.39 7.13
CA ILE A 86 4.13 4.63 5.71
C ILE A 86 4.82 6.00 5.63
N ARG A 87 5.62 6.21 4.62
CA ARG A 87 6.35 7.51 4.47
C ARG A 87 6.37 7.92 2.99
N THR A 88 5.89 9.10 2.69
CA THR A 88 5.88 9.57 1.27
C THR A 88 7.23 10.25 0.95
N VAL A 89 7.77 9.99 -0.21
CA VAL A 89 9.09 10.60 -0.59
C VAL A 89 8.89 11.79 -1.53
N ARG A 90 9.35 12.95 -1.13
CA ARG A 90 9.20 14.17 -1.99
C ARG A 90 7.77 14.29 -2.53
N GLY A 91 6.80 13.78 -1.80
CA GLY A 91 5.39 13.88 -2.27
C GLY A 91 5.30 13.44 -3.74
N PHE A 92 5.87 12.30 -4.05
CA PHE A 92 5.83 11.78 -5.45
C PHE A 92 5.54 10.29 -5.41
N GLY A 93 6.47 9.51 -4.93
CA GLY A 93 6.26 8.03 -4.84
C GLY A 93 5.88 7.65 -3.42
N TYR A 94 6.21 6.45 -3.01
CA TYR A 94 5.89 6.01 -1.61
C TYR A 94 6.95 5.02 -1.17
N MET A 95 7.13 4.84 0.11
CA MET A 95 8.16 3.89 0.60
C MET A 95 7.86 3.47 2.04
N LEU A 96 7.79 2.19 2.27
CA LEU A 96 7.52 1.68 3.65
C LEU A 96 8.84 1.64 4.44
N ALA A 97 8.84 2.16 5.63
CA ALA A 97 10.09 2.14 6.44
C ALA A 97 10.59 0.71 6.56
N ASN A 98 11.84 0.46 6.22
CA ASN A 98 12.38 -0.92 6.31
C ASN A 98 12.11 -1.49 7.69
N ASN A 99 12.76 -0.98 8.70
CA ASN A 99 12.54 -1.48 10.08
C ASN A 99 12.97 -0.41 11.09
N ILE A 100 12.68 0.82 10.81
CA ILE A 100 13.07 1.94 11.73
C ILE A 100 12.00 2.07 12.81
N ASP A 101 10.90 1.40 12.63
CA ASP A 101 9.80 1.47 13.62
C ASP A 101 10.30 0.94 14.97
N THR A 102 11.18 -0.03 14.94
CA THR A 102 11.71 -0.59 16.22
C THR A 102 12.72 0.39 16.83
N GLU A 103 13.12 0.15 18.04
CA GLU A 103 14.10 1.06 18.70
C GLU A 103 14.63 0.42 19.98
N ASN A 1 -2.02 -21.57 -5.76
CA ASN A 1 -2.06 -22.34 -4.49
C ASN A 1 -0.84 -23.26 -4.41
N GLN A 2 -0.67 -23.93 -3.30
CA GLN A 2 0.51 -24.83 -3.13
C GLN A 2 1.77 -23.97 -3.07
N GLY A 3 1.84 -23.08 -2.13
CA GLY A 3 3.03 -22.20 -1.99
C GLY A 3 2.67 -21.00 -1.11
N ASP A 4 1.47 -20.49 -1.26
CA ASP A 4 1.05 -19.32 -0.43
C ASP A 4 2.11 -18.21 -0.53
N ASN A 5 1.89 -17.11 0.14
CA ASN A 5 2.87 -16.00 0.10
C ASN A 5 2.63 -15.06 1.29
N GLU A 6 3.63 -14.82 2.08
CA GLU A 6 3.47 -13.93 3.27
C GLU A 6 4.80 -13.23 3.57
N ILE A 7 4.75 -12.01 4.05
CA ILE A 7 6.01 -11.26 4.38
C ILE A 7 5.73 -10.32 5.55
N SER A 8 6.77 -9.83 6.20
CA SER A 8 6.56 -8.90 7.36
C SER A 8 7.65 -7.83 7.35
N VAL A 9 7.36 -6.69 7.90
CA VAL A 9 8.35 -5.57 7.95
C VAL A 9 8.12 -4.77 9.24
N GLY A 10 8.82 -5.12 10.28
CA GLY A 10 8.63 -4.38 11.57
C GLY A 10 7.35 -4.88 12.24
N ASN A 11 6.36 -4.03 12.38
CA ASN A 11 5.07 -4.44 13.03
C ASN A 11 4.00 -4.67 11.95
N LEU A 12 4.37 -4.60 10.69
CA LEU A 12 3.37 -4.79 9.59
C LEU A 12 3.49 -6.20 9.01
N ARG A 13 2.44 -6.98 9.10
CA ARG A 13 2.46 -8.37 8.54
C ARG A 13 1.52 -8.42 7.34
N LEU A 14 2.04 -8.74 6.17
CA LEU A 14 1.20 -8.80 4.93
C LEU A 14 0.98 -10.27 4.53
N ASN A 15 -0.25 -10.67 4.37
CA ASN A 15 -0.57 -12.09 3.97
C ASN A 15 -1.38 -12.07 2.67
N VAL A 16 -0.73 -12.26 1.55
CA VAL A 16 -1.45 -12.26 0.26
C VAL A 16 -2.30 -13.52 0.13
N THR A 17 -1.90 -14.58 0.78
CA THR A 17 -2.67 -15.85 0.70
C THR A 17 -4.07 -15.65 1.30
N ARG A 18 -4.14 -15.09 2.49
CA ARG A 18 -5.47 -14.85 3.13
C ARG A 18 -5.91 -13.41 2.87
N ARG A 19 -5.02 -12.65 2.30
CA ARG A 19 -5.33 -11.21 2.00
C ARG A 19 -5.76 -10.52 3.30
N LEU A 20 -4.82 -10.26 4.16
CA LEU A 20 -5.14 -9.57 5.45
C LEU A 20 -3.86 -8.92 5.99
N VAL A 21 -3.92 -7.64 6.32
CA VAL A 21 -2.71 -6.93 6.83
C VAL A 21 -2.93 -6.49 8.29
N TRP A 22 -1.93 -6.67 9.13
CA TRP A 22 -2.05 -6.26 10.56
C TRP A 22 -1.17 -5.02 10.79
N LEU A 23 -1.71 -4.03 11.46
CA LEU A 23 -0.95 -2.77 11.74
C LEU A 23 -0.74 -2.67 13.25
N GLY A 24 0.48 -2.83 13.70
CA GLY A 24 0.71 -2.76 15.18
C GLY A 24 0.02 -3.97 15.80
N GLU A 25 0.11 -5.09 15.13
CA GLU A 25 -0.52 -6.34 15.63
C GLU A 25 -2.04 -6.23 15.55
N THR A 26 -2.57 -5.11 15.09
CA THR A 26 -4.07 -4.96 14.99
C THR A 26 -4.51 -5.16 13.54
N ALA A 27 -5.59 -5.86 13.33
CA ALA A 27 -6.08 -6.09 11.93
C ALA A 27 -6.29 -4.75 11.23
N LEU A 28 -5.49 -4.46 10.24
CA LEU A 28 -5.66 -3.18 9.49
C LEU A 28 -6.87 -3.30 8.57
N ASP A 29 -7.78 -2.35 8.64
CA ASP A 29 -9.00 -2.42 7.76
C ASP A 29 -8.75 -1.64 6.47
N LEU A 30 -8.41 -2.34 5.41
CA LEU A 30 -8.14 -1.68 4.09
C LEU A 30 -9.06 -2.30 3.03
N THR A 31 -9.68 -1.48 2.22
CA THR A 31 -10.60 -2.03 1.18
C THR A 31 -9.81 -2.98 0.24
N PRO A 32 -10.44 -3.99 -0.31
CA PRO A 32 -9.74 -4.93 -1.24
C PRO A 32 -8.87 -4.20 -2.26
N LYS A 33 -9.42 -3.20 -2.90
CA LYS A 33 -8.64 -2.44 -3.92
C LYS A 33 -7.33 -1.92 -3.29
N GLU A 34 -7.38 -1.51 -2.05
CA GLU A 34 -6.14 -1.00 -1.41
C GLU A 34 -5.14 -2.15 -1.24
N TYR A 35 -5.61 -3.33 -0.98
CA TYR A 35 -4.67 -4.48 -0.81
C TYR A 35 -3.87 -4.65 -2.09
N ALA A 36 -4.46 -4.36 -3.22
CA ALA A 36 -3.72 -4.49 -4.51
C ALA A 36 -2.68 -3.39 -4.57
N LEU A 37 -3.11 -2.16 -4.37
CA LEU A 37 -2.16 -1.02 -4.38
C LEU A 37 -1.02 -1.36 -3.41
N LEU A 38 -1.38 -1.74 -2.22
CA LEU A 38 -0.36 -2.10 -1.20
C LEU A 38 0.56 -3.20 -1.75
N SER A 39 0.01 -4.15 -2.45
CA SER A 39 0.85 -5.26 -2.99
C SER A 39 2.03 -4.67 -3.78
N ARG A 40 1.84 -3.56 -4.41
CA ARG A 40 2.94 -2.94 -5.19
C ARG A 40 3.90 -2.22 -4.24
N LEU A 41 3.38 -1.50 -3.27
CA LEU A 41 4.28 -0.79 -2.33
C LEU A 41 5.20 -1.78 -1.61
N MET A 42 4.66 -2.84 -1.09
CA MET A 42 5.51 -3.84 -0.38
C MET A 42 6.40 -4.57 -1.39
N MET A 43 5.98 -4.66 -2.62
CA MET A 43 6.80 -5.37 -3.64
C MET A 43 8.14 -4.63 -3.78
N LYS A 44 8.12 -3.33 -3.61
CA LYS A 44 9.37 -2.51 -3.74
C LYS A 44 9.65 -1.84 -2.39
N ALA A 45 9.42 -2.53 -1.30
CA ALA A 45 9.68 -1.93 0.04
C ALA A 45 11.13 -1.46 0.13
N GLY A 46 11.34 -0.19 0.38
CA GLY A 46 12.74 0.35 0.51
C GLY A 46 13.04 1.25 -0.69
N SER A 47 12.15 1.30 -1.66
CA SER A 47 12.37 2.16 -2.87
C SER A 47 11.10 3.01 -3.12
N PRO A 48 11.23 4.18 -3.71
CA PRO A 48 10.06 5.06 -3.97
C PRO A 48 9.23 4.57 -5.17
N VAL A 49 7.97 4.27 -4.96
CA VAL A 49 7.11 3.79 -6.07
C VAL A 49 6.48 4.98 -6.79
N HIS A 50 6.55 5.02 -8.09
CA HIS A 50 5.94 6.15 -8.84
C HIS A 50 4.41 6.06 -8.68
N ARG A 51 3.80 7.14 -8.29
CA ARG A 51 2.33 7.15 -8.10
C ARG A 51 1.65 6.66 -9.37
N GLU A 52 2.32 6.75 -10.48
CA GLU A 52 1.72 6.29 -11.75
C GLU A 52 1.65 4.76 -11.79
N ILE A 53 2.63 4.08 -11.25
CA ILE A 53 2.64 2.58 -11.29
C ILE A 53 1.65 1.98 -10.28
N LEU A 54 1.48 2.59 -9.15
CA LEU A 54 0.53 2.03 -8.14
C LEU A 54 -0.91 2.33 -8.57
N TYR A 55 -1.08 3.33 -9.39
CA TYR A 55 -2.47 3.69 -9.83
C TYR A 55 -3.02 2.54 -10.68
N ASN A 56 -2.19 1.86 -11.42
CA ASN A 56 -2.69 0.75 -12.27
C ASN A 56 -3.32 -0.34 -11.40
N ASP A 57 -2.93 -0.39 -10.15
CA ASP A 57 -3.50 -1.42 -9.25
C ASP A 57 -5.02 -1.29 -9.16
N ILE A 58 -5.49 -0.13 -8.77
CA ILE A 58 -6.97 0.06 -8.64
C ILE A 58 -7.62 0.17 -10.01
N TYR A 59 -6.95 0.81 -10.95
CA TYR A 59 -7.54 0.97 -12.34
C TYR A 59 -6.74 0.12 -13.33
N SER A 60 -7.41 -0.61 -14.17
CA SER A 60 -6.70 -1.45 -15.17
C SER A 60 -6.19 -0.56 -16.31
N TRP A 61 -5.65 0.58 -15.97
CA TRP A 61 -5.14 1.50 -17.03
C TRP A 61 -6.24 1.77 -18.06
N ASP A 62 -7.44 2.01 -17.61
CA ASP A 62 -8.56 2.28 -18.56
C ASP A 62 -8.51 3.73 -19.02
N ASN A 63 -8.08 4.62 -18.16
CA ASN A 63 -8.00 6.07 -18.54
C ASN A 63 -9.39 6.58 -18.91
N GLU A 64 -9.87 7.59 -18.21
CA GLU A 64 -11.22 8.14 -18.52
C GLU A 64 -11.51 9.32 -17.57
N PRO A 65 -11.36 9.16 -16.27
CA PRO A 65 -11.63 10.24 -15.29
C PRO A 65 -10.42 11.17 -15.11
N ALA A 66 -10.24 12.11 -16.00
CA ALA A 66 -9.08 13.04 -15.86
C ALA A 66 -9.36 14.06 -14.76
N THR A 67 -10.60 14.24 -14.41
CA THR A 67 -10.94 15.22 -13.34
C THR A 67 -10.27 14.81 -12.03
N ASN A 68 -10.38 15.62 -11.01
CA ASN A 68 -9.74 15.27 -9.71
C ASN A 68 -10.58 14.21 -8.99
N THR A 69 -10.06 13.01 -8.90
CA THR A 69 -10.82 11.92 -8.21
C THR A 69 -9.88 10.75 -7.93
N LEU A 70 -8.95 10.51 -8.81
CA LEU A 70 -8.00 9.39 -8.60
C LEU A 70 -7.05 9.74 -7.44
N GLU A 71 -6.47 10.92 -7.48
CA GLU A 71 -5.54 11.32 -6.40
C GLU A 71 -6.32 11.56 -5.10
N VAL A 72 -7.55 12.00 -5.22
CA VAL A 72 -8.36 12.24 -3.99
C VAL A 72 -8.75 10.90 -3.38
N HIS A 73 -9.10 9.95 -4.20
CA HIS A 73 -9.46 8.61 -3.66
C HIS A 73 -8.27 8.12 -2.83
N ILE A 74 -7.09 8.36 -3.32
CA ILE A 74 -5.88 7.91 -2.58
C ILE A 74 -5.83 8.66 -1.24
N HIS A 75 -6.25 9.90 -1.22
CA HIS A 75 -6.23 10.65 0.07
C HIS A 75 -7.17 9.94 1.05
N ASN A 76 -8.21 9.34 0.54
CA ASN A 76 -9.16 8.63 1.44
C ASN A 76 -8.52 7.34 1.92
N LEU A 77 -7.85 6.64 1.05
CA LEU A 77 -7.20 5.37 1.47
C LEU A 77 -5.98 5.67 2.34
N ARG A 78 -5.24 6.70 2.02
CA ARG A 78 -4.04 7.04 2.83
C ARG A 78 -4.41 7.12 4.31
N GLU A 79 -5.43 7.86 4.65
CA GLU A 79 -5.82 7.97 6.08
C GLU A 79 -6.28 6.61 6.60
N LYS A 80 -6.74 5.74 5.74
CA LYS A 80 -7.21 4.41 6.19
C LYS A 80 -6.01 3.54 6.64
N ILE A 81 -4.97 3.52 5.85
CA ILE A 81 -3.78 2.69 6.21
C ILE A 81 -2.99 3.36 7.34
N GLY A 82 -3.18 4.63 7.55
CA GLY A 82 -2.42 5.33 8.61
C GLY A 82 -1.06 5.75 8.05
N LYS A 83 -1.03 6.86 7.36
CA LYS A 83 0.25 7.34 6.75
C LYS A 83 1.40 7.21 7.74
N SER A 84 1.11 7.06 9.00
CA SER A 84 2.19 6.96 10.01
C SER A 84 3.10 5.76 9.72
N ARG A 85 2.53 4.61 9.48
CA ARG A 85 3.37 3.39 9.22
C ARG A 85 4.05 3.47 7.84
N ILE A 86 3.97 4.59 7.18
CA ILE A 86 4.61 4.71 5.82
C ILE A 86 5.11 6.15 5.63
N ARG A 87 6.02 6.36 4.70
CA ARG A 87 6.57 7.73 4.46
C ARG A 87 6.22 8.18 3.04
N THR A 88 5.73 9.39 2.89
CA THR A 88 5.37 9.91 1.53
C THR A 88 6.54 10.72 0.99
N VAL A 89 6.80 10.64 -0.29
CA VAL A 89 7.93 11.40 -0.90
C VAL A 89 7.40 12.64 -1.63
N ARG A 90 7.34 13.76 -0.95
CA ARG A 90 6.85 15.00 -1.59
C ARG A 90 5.53 14.74 -2.34
N GLY A 91 4.74 13.83 -1.85
CA GLY A 91 3.44 13.53 -2.53
C GLY A 91 3.70 12.93 -3.91
N PHE A 92 4.94 12.76 -4.28
CA PHE A 92 5.26 12.17 -5.61
C PHE A 92 4.97 10.67 -5.55
N GLY A 93 5.89 9.90 -5.03
CA GLY A 93 5.69 8.42 -4.93
C GLY A 93 5.39 8.04 -3.48
N TYR A 94 5.77 6.86 -3.08
CA TYR A 94 5.51 6.40 -1.68
C TYR A 94 6.61 5.41 -1.30
N MET A 95 6.77 5.15 -0.03
CA MET A 95 7.84 4.18 0.38
C MET A 95 7.61 3.71 1.81
N LEU A 96 7.59 2.42 2.01
CA LEU A 96 7.37 1.86 3.38
C LEU A 96 8.68 1.96 4.18
N ALA A 97 8.59 2.28 5.45
CA ALA A 97 9.83 2.39 6.27
C ALA A 97 10.38 0.99 6.57
N ASN A 98 11.59 0.72 6.17
CA ASN A 98 12.17 -0.63 6.43
C ASN A 98 12.08 -0.95 7.92
N ASN A 99 12.00 0.05 8.75
CA ASN A 99 11.90 -0.21 10.21
C ASN A 99 11.62 1.11 10.94
N ILE A 100 10.44 1.25 11.49
CA ILE A 100 10.10 2.51 12.21
C ILE A 100 10.91 2.57 13.51
N ASP A 101 11.49 1.46 13.86
CA ASP A 101 12.31 1.42 15.11
C ASP A 101 13.01 0.06 15.20
N THR A 102 12.54 -0.91 14.46
CA THR A 102 13.18 -2.27 14.50
C THR A 102 14.51 -2.22 13.76
N GLU A 103 15.39 -1.33 14.16
CA GLU A 103 16.71 -1.24 13.47
C GLU A 103 17.60 -2.41 13.91
N ASN A 1 2.36 -25.74 0.15
CA ASN A 1 3.19 -24.73 -0.58
C ASN A 1 2.50 -24.37 -1.89
N GLN A 2 3.17 -23.62 -2.74
CA GLN A 2 2.55 -23.22 -4.04
C GLN A 2 1.14 -22.67 -3.78
N GLY A 3 1.03 -21.61 -3.03
CA GLY A 3 -0.31 -21.02 -2.75
C GLY A 3 -0.21 -20.06 -1.58
N ASP A 4 0.61 -20.38 -0.61
CA ASP A 4 0.76 -19.48 0.58
C ASP A 4 1.65 -18.30 0.20
N ASN A 5 1.35 -17.12 0.70
CA ASN A 5 2.17 -15.93 0.36
C ASN A 5 1.98 -14.86 1.44
N GLU A 6 3.03 -14.47 2.11
CA GLU A 6 2.91 -13.43 3.17
C GLU A 6 4.29 -12.84 3.48
N ILE A 7 4.33 -11.63 3.98
CA ILE A 7 5.63 -10.98 4.32
C ILE A 7 5.40 -10.00 5.47
N SER A 8 6.46 -9.56 6.12
CA SER A 8 6.30 -8.61 7.28
C SER A 8 7.40 -7.56 7.23
N VAL A 9 7.13 -6.41 7.80
CA VAL A 9 8.14 -5.31 7.82
C VAL A 9 7.94 -4.50 9.09
N GLY A 10 8.66 -4.82 10.13
CA GLY A 10 8.52 -4.07 11.41
C GLY A 10 7.24 -4.55 12.12
N ASN A 11 6.28 -3.68 12.27
CA ASN A 11 4.99 -4.07 12.95
C ASN A 11 3.91 -4.33 11.91
N LEU A 12 4.25 -4.30 10.64
CA LEU A 12 3.23 -4.52 9.56
C LEU A 12 3.36 -5.95 9.04
N ARG A 13 2.33 -6.75 9.22
CA ARG A 13 2.34 -8.16 8.73
C ARG A 13 1.37 -8.26 7.55
N LEU A 14 1.86 -8.68 6.40
CA LEU A 14 0.98 -8.77 5.18
C LEU A 14 0.66 -10.24 4.87
N ASN A 15 -0.58 -10.53 4.59
CA ASN A 15 -0.99 -11.94 4.25
C ASN A 15 -1.84 -11.93 2.98
N VAL A 16 -1.23 -12.21 1.86
CA VAL A 16 -1.99 -12.21 0.56
C VAL A 16 -2.90 -13.43 0.52
N THR A 17 -2.52 -14.48 1.20
CA THR A 17 -3.35 -15.72 1.20
C THR A 17 -4.71 -15.42 1.86
N ARG A 18 -4.70 -14.91 3.06
CA ARG A 18 -5.99 -14.59 3.75
C ARG A 18 -6.43 -13.19 3.34
N ARG A 19 -5.56 -12.46 2.71
CA ARG A 19 -5.90 -11.08 2.27
C ARG A 19 -6.25 -10.23 3.50
N LEU A 20 -5.26 -9.89 4.29
CA LEU A 20 -5.51 -9.07 5.50
C LEU A 20 -4.17 -8.56 6.03
N VAL A 21 -4.16 -7.44 6.72
CA VAL A 21 -2.87 -6.88 7.26
C VAL A 21 -3.06 -6.44 8.71
N TRP A 22 -2.12 -6.78 9.57
CA TRP A 22 -2.23 -6.37 11.01
C TRP A 22 -1.36 -5.13 11.25
N LEU A 23 -1.95 -4.05 11.68
CA LEU A 23 -1.18 -2.79 11.94
C LEU A 23 -0.96 -2.67 13.45
N GLY A 24 0.25 -2.81 13.90
CA GLY A 24 0.48 -2.72 15.37
C GLY A 24 -0.26 -3.90 16.01
N GLU A 25 -0.14 -5.05 15.41
CA GLU A 25 -0.82 -6.28 15.92
C GLU A 25 -2.34 -6.11 15.83
N THR A 26 -2.84 -5.00 15.29
CA THR A 26 -4.33 -4.80 15.18
C THR A 26 -4.76 -4.99 13.72
N ALA A 27 -5.86 -5.65 13.51
CA ALA A 27 -6.34 -5.87 12.11
C ALA A 27 -6.58 -4.52 11.42
N LEU A 28 -5.80 -4.21 10.43
CA LEU A 28 -5.98 -2.92 9.71
C LEU A 28 -7.28 -3.02 8.88
N ASP A 29 -8.18 -2.09 9.04
CA ASP A 29 -9.48 -2.14 8.30
C ASP A 29 -9.42 -1.26 7.05
N LEU A 30 -9.29 -1.86 5.89
CA LEU A 30 -9.24 -1.08 4.61
C LEU A 30 -9.98 -1.85 3.52
N THR A 31 -10.53 -1.14 2.56
CA THR A 31 -11.27 -1.83 1.46
C THR A 31 -10.29 -2.73 0.68
N PRO A 32 -10.80 -3.73 0.00
CA PRO A 32 -9.94 -4.68 -0.77
C PRO A 32 -9.15 -3.96 -1.88
N LYS A 33 -9.76 -3.01 -2.55
CA LYS A 33 -9.03 -2.29 -3.63
C LYS A 33 -7.74 -1.71 -3.06
N GLU A 34 -7.77 -1.27 -1.83
CA GLU A 34 -6.53 -0.71 -1.22
C GLU A 34 -5.54 -1.85 -0.98
N TYR A 35 -6.04 -2.99 -0.60
CA TYR A 35 -5.15 -4.16 -0.35
C TYR A 35 -4.32 -4.41 -1.62
N ALA A 36 -4.86 -4.06 -2.76
CA ALA A 36 -4.11 -4.27 -4.03
C ALA A 36 -2.97 -3.26 -4.11
N LEU A 37 -3.27 -2.01 -3.91
CA LEU A 37 -2.21 -0.97 -3.96
C LEU A 37 -1.23 -1.20 -2.81
N LEU A 38 -1.73 -1.60 -1.67
CA LEU A 38 -0.85 -1.84 -0.51
C LEU A 38 0.21 -2.90 -0.87
N SER A 39 -0.18 -3.94 -1.56
CA SER A 39 0.81 -4.99 -1.94
C SER A 39 1.89 -4.37 -2.81
N ARG A 40 1.51 -3.57 -3.77
CA ARG A 40 2.52 -2.94 -4.66
C ARG A 40 3.52 -2.15 -3.80
N LEU A 41 3.04 -1.37 -2.88
CA LEU A 41 3.96 -0.59 -2.02
C LEU A 41 4.85 -1.53 -1.21
N MET A 42 4.32 -2.62 -0.72
CA MET A 42 5.15 -3.56 0.08
C MET A 42 6.09 -4.35 -0.85
N MET A 43 5.63 -4.70 -2.01
CA MET A 43 6.50 -5.47 -2.94
C MET A 43 7.80 -4.69 -3.16
N LYS A 44 7.72 -3.38 -3.06
CA LYS A 44 8.94 -2.52 -3.26
C LYS A 44 9.18 -1.71 -1.98
N ALA A 45 9.15 -2.35 -0.83
CA ALA A 45 9.37 -1.61 0.44
C ALA A 45 10.84 -1.20 0.56
N GLY A 46 11.09 0.05 0.86
CA GLY A 46 12.50 0.54 1.02
C GLY A 46 12.88 1.40 -0.20
N SER A 47 12.09 1.35 -1.24
CA SER A 47 12.38 2.16 -2.48
C SER A 47 11.14 3.00 -2.81
N PRO A 48 11.30 4.14 -3.44
CA PRO A 48 10.14 5.01 -3.79
C PRO A 48 9.32 4.43 -4.94
N VAL A 49 8.06 4.15 -4.71
CA VAL A 49 7.20 3.58 -5.78
C VAL A 49 6.44 4.71 -6.49
N HIS A 50 6.38 4.68 -7.79
CA HIS A 50 5.65 5.74 -8.52
C HIS A 50 4.14 5.50 -8.33
N ARG A 51 3.44 6.49 -7.84
CA ARG A 51 1.98 6.35 -7.61
C ARG A 51 1.30 5.80 -8.86
N GLU A 52 1.98 5.84 -9.96
CA GLU A 52 1.38 5.34 -11.23
C GLU A 52 1.17 3.82 -11.13
N ILE A 53 2.18 3.08 -10.72
CA ILE A 53 2.02 1.60 -10.61
C ILE A 53 0.84 1.26 -9.70
N LEU A 54 0.60 2.07 -8.71
CA LEU A 54 -0.54 1.80 -7.79
C LEU A 54 -1.84 1.95 -8.59
N TYR A 55 -1.96 3.02 -9.30
CA TYR A 55 -3.20 3.24 -10.11
C TYR A 55 -3.36 2.06 -11.07
N ASN A 56 -2.28 1.55 -11.58
CA ASN A 56 -2.35 0.41 -12.53
C ASN A 56 -2.86 -0.85 -11.83
N ASP A 57 -2.76 -0.93 -10.53
CA ASP A 57 -3.23 -2.15 -9.83
C ASP A 57 -4.71 -2.39 -10.17
N ILE A 58 -5.53 -1.41 -9.94
CA ILE A 58 -6.99 -1.56 -10.24
C ILE A 58 -7.32 -1.01 -11.62
N TYR A 59 -6.66 0.06 -12.02
CA TYR A 59 -6.93 0.66 -13.37
C TYR A 59 -5.84 0.21 -14.35
N SER A 60 -5.87 0.74 -15.55
CA SER A 60 -4.85 0.35 -16.56
C SER A 60 -5.02 1.23 -17.81
N TRP A 61 -6.22 1.66 -18.08
CA TRP A 61 -6.45 2.52 -19.28
C TRP A 61 -7.73 3.34 -19.08
N ASP A 62 -8.48 3.03 -18.06
CA ASP A 62 -9.75 3.79 -17.80
C ASP A 62 -9.40 5.17 -17.24
N ASN A 63 -8.17 5.58 -17.35
CA ASN A 63 -7.75 6.91 -16.82
C ASN A 63 -8.71 7.99 -17.32
N GLU A 64 -8.37 8.66 -18.39
CA GLU A 64 -9.26 9.73 -18.92
C GLU A 64 -9.59 10.73 -17.79
N PRO A 65 -8.62 11.49 -17.37
CA PRO A 65 -8.80 12.49 -16.28
C PRO A 65 -10.08 13.34 -16.47
N ALA A 66 -11.20 12.82 -16.06
CA ALA A 66 -12.48 13.58 -16.20
C ALA A 66 -12.62 14.56 -15.04
N THR A 67 -12.20 14.17 -13.87
CA THR A 67 -12.32 15.08 -12.69
C THR A 67 -11.44 14.54 -11.55
N ASN A 68 -11.11 15.37 -10.60
CA ASN A 68 -10.27 14.91 -9.47
C ASN A 68 -10.87 13.64 -8.85
N THR A 69 -10.09 12.60 -8.74
CA THR A 69 -10.62 11.34 -8.15
C THR A 69 -9.46 10.41 -7.81
N LEU A 70 -8.53 10.25 -8.71
CA LEU A 70 -7.37 9.35 -8.44
C LEU A 70 -6.68 9.79 -7.14
N GLU A 71 -6.37 11.07 -7.03
CA GLU A 71 -5.69 11.56 -5.79
C GLU A 71 -6.66 11.55 -4.61
N VAL A 72 -7.93 11.68 -4.87
CA VAL A 72 -8.92 11.68 -3.75
C VAL A 72 -9.07 10.27 -3.21
N HIS A 73 -9.26 9.31 -4.07
CA HIS A 73 -9.39 7.91 -3.60
C HIS A 73 -8.15 7.60 -2.76
N ILE A 74 -7.03 8.13 -3.18
CA ILE A 74 -5.78 7.89 -2.41
C ILE A 74 -5.86 8.69 -1.12
N HIS A 75 -6.33 9.90 -1.18
CA HIS A 75 -6.43 10.71 0.06
C HIS A 75 -7.37 10.00 1.04
N ASN A 76 -8.39 9.36 0.53
CA ASN A 76 -9.34 8.64 1.42
C ASN A 76 -8.69 7.37 1.94
N LEU A 77 -7.98 6.67 1.10
CA LEU A 77 -7.32 5.41 1.55
C LEU A 77 -6.22 5.75 2.55
N ARG A 78 -5.47 6.78 2.27
CA ARG A 78 -4.37 7.19 3.19
C ARG A 78 -4.89 7.30 4.63
N GLU A 79 -5.95 8.02 4.84
CA GLU A 79 -6.48 8.18 6.22
C GLU A 79 -6.91 6.83 6.80
N LYS A 80 -7.28 5.90 5.96
CA LYS A 80 -7.73 4.57 6.48
C LYS A 80 -6.53 3.74 6.95
N ILE A 81 -5.46 3.69 6.20
CA ILE A 81 -4.29 2.87 6.62
C ILE A 81 -3.50 3.59 7.71
N GLY A 82 -3.63 4.88 7.82
CA GLY A 82 -2.86 5.62 8.86
C GLY A 82 -1.46 5.91 8.31
N LYS A 83 -1.34 6.95 7.53
CA LYS A 83 -0.03 7.33 6.93
C LYS A 83 1.08 7.26 7.98
N SER A 84 0.74 7.19 9.24
CA SER A 84 1.79 7.13 10.30
C SER A 84 2.80 6.04 9.97
N ARG A 85 2.33 4.88 9.57
CA ARG A 85 3.28 3.77 9.24
C ARG A 85 3.77 3.91 7.79
N ILE A 86 3.49 5.01 7.14
CA ILE A 86 3.94 5.22 5.72
C ILE A 86 4.90 6.41 5.65
N ARG A 87 5.67 6.50 4.60
CA ARG A 87 6.63 7.64 4.42
C ARG A 87 6.49 8.17 2.99
N THR A 88 5.95 9.36 2.82
CA THR A 88 5.77 9.92 1.45
C THR A 88 7.04 10.66 1.01
N VAL A 89 7.43 10.49 -0.22
CA VAL A 89 8.66 11.17 -0.75
C VAL A 89 8.25 12.39 -1.60
N ARG A 90 8.32 13.56 -1.04
CA ARG A 90 7.94 14.78 -1.82
C ARG A 90 6.56 14.58 -2.43
N GLY A 91 5.73 13.79 -1.82
CA GLY A 91 4.36 13.58 -2.38
C GLY A 91 4.49 12.95 -3.77
N PHE A 92 5.69 12.68 -4.22
CA PHE A 92 5.88 12.07 -5.55
C PHE A 92 5.48 10.59 -5.48
N GLY A 93 6.40 9.74 -5.11
CA GLY A 93 6.09 8.28 -5.00
C GLY A 93 5.74 7.96 -3.55
N TYR A 94 6.02 6.76 -3.13
CA TYR A 94 5.71 6.36 -1.72
C TYR A 94 6.71 5.30 -1.28
N MET A 95 6.87 5.13 0.00
CA MET A 95 7.85 4.11 0.49
C MET A 95 7.54 3.74 1.94
N LEU A 96 7.50 2.47 2.23
CA LEU A 96 7.21 2.02 3.63
C LEU A 96 8.55 1.89 4.38
N ALA A 97 8.62 2.41 5.57
CA ALA A 97 9.88 2.33 6.35
C ALA A 97 10.30 0.87 6.48
N ASN A 98 11.41 0.51 5.89
CA ASN A 98 11.89 -0.89 5.97
C ASN A 98 12.53 -1.13 7.35
N ASN A 99 11.81 -1.71 8.27
CA ASN A 99 12.38 -1.96 9.63
C ASN A 99 13.00 -0.66 10.17
N ILE A 100 12.25 0.08 10.94
CA ILE A 100 12.80 1.35 11.50
C ILE A 100 14.05 1.03 12.32
N ASP A 101 14.25 -0.23 12.58
CA ASP A 101 15.45 -0.64 13.37
C ASP A 101 16.70 -0.52 12.49
N THR A 102 16.58 -0.85 11.23
CA THR A 102 17.75 -0.76 10.32
C THR A 102 18.93 -1.52 10.93
N GLU A 103 18.96 -2.82 10.77
CA GLU A 103 20.08 -3.62 11.33
C GLU A 103 21.41 -3.09 10.78
N ASN A 1 7.26 -24.25 -0.51
CA ASN A 1 6.64 -22.91 -0.23
C ASN A 1 5.89 -22.44 -1.47
N GLN A 2 5.98 -23.16 -2.55
CA GLN A 2 5.27 -22.74 -3.79
C GLN A 2 3.76 -22.98 -3.62
N GLY A 3 3.17 -22.39 -2.62
CA GLY A 3 1.70 -22.58 -2.39
C GLY A 3 1.16 -21.41 -1.57
N ASP A 4 1.87 -20.32 -1.54
CA ASP A 4 1.40 -19.13 -0.77
C ASP A 4 2.30 -17.94 -1.06
N ASN A 5 1.95 -16.77 -0.58
CA ASN A 5 2.79 -15.56 -0.84
C ASN A 5 2.47 -14.51 0.24
N GLU A 6 3.47 -14.06 0.94
CA GLU A 6 3.24 -13.04 2.00
C GLU A 6 4.56 -12.35 2.35
N ILE A 7 4.49 -11.12 2.81
CA ILE A 7 5.75 -10.37 3.19
C ILE A 7 5.49 -9.63 4.49
N SER A 8 6.54 -9.26 5.19
CA SER A 8 6.38 -8.53 6.49
C SER A 8 7.47 -7.48 6.63
N VAL A 9 7.16 -6.39 7.26
CA VAL A 9 8.16 -5.29 7.45
C VAL A 9 7.95 -4.67 8.84
N GLY A 10 8.69 -5.14 9.82
CA GLY A 10 8.54 -4.58 11.20
C GLY A 10 7.32 -5.22 11.86
N ASN A 11 6.34 -4.42 12.23
CA ASN A 11 5.12 -4.97 12.89
C ASN A 11 3.98 -5.05 11.86
N LEU A 12 4.30 -4.85 10.59
CA LEU A 12 3.26 -4.89 9.52
C LEU A 12 3.41 -6.22 8.76
N ARG A 13 2.32 -6.94 8.63
CA ARG A 13 2.34 -8.25 7.90
C ARG A 13 1.31 -8.20 6.78
N LEU A 14 1.67 -8.67 5.61
CA LEU A 14 0.71 -8.65 4.44
C LEU A 14 0.65 -10.04 3.81
N ASN A 15 -0.52 -10.63 3.75
CA ASN A 15 -0.69 -12.00 3.17
C ASN A 15 -1.49 -11.93 1.86
N VAL A 16 -0.83 -12.10 0.74
CA VAL A 16 -1.55 -12.05 -0.57
C VAL A 16 -2.41 -13.29 -0.73
N THR A 17 -2.01 -14.38 -0.14
CA THR A 17 -2.80 -15.63 -0.25
C THR A 17 -4.15 -15.46 0.45
N ARG A 18 -4.15 -15.07 1.70
CA ARG A 18 -5.42 -14.86 2.43
C ARG A 18 -5.94 -13.47 2.12
N ARG A 19 -5.08 -12.60 1.65
CA ARG A 19 -5.50 -11.21 1.32
C ARG A 19 -5.88 -10.49 2.63
N LEU A 20 -4.94 -10.28 3.50
CA LEU A 20 -5.22 -9.58 4.79
C LEU A 20 -3.98 -8.79 5.20
N VAL A 21 -4.14 -7.78 6.02
CA VAL A 21 -2.97 -6.96 6.47
C VAL A 21 -3.11 -6.63 7.96
N TRP A 22 -2.09 -6.88 8.74
CA TRP A 22 -2.14 -6.58 10.21
C TRP A 22 -1.33 -5.31 10.49
N LEU A 23 -1.74 -4.55 11.47
CA LEU A 23 -1.01 -3.29 11.84
C LEU A 23 -0.86 -3.27 13.36
N GLY A 24 0.31 -3.59 13.86
CA GLY A 24 0.49 -3.59 15.34
C GLY A 24 -0.25 -4.81 15.91
N GLU A 25 -0.16 -5.92 15.22
CA GLU A 25 -0.85 -7.17 15.66
C GLU A 25 -2.37 -7.02 15.49
N THR A 26 -2.83 -5.82 15.20
CA THR A 26 -4.30 -5.61 15.01
C THR A 26 -4.66 -5.74 13.54
N ALA A 27 -5.79 -6.31 13.22
CA ALA A 27 -6.19 -6.48 11.80
C ALA A 27 -6.41 -5.11 11.15
N LEU A 28 -5.62 -4.77 10.17
CA LEU A 28 -5.80 -3.46 9.48
C LEU A 28 -7.03 -3.54 8.57
N ASP A 29 -7.92 -2.59 8.66
CA ASP A 29 -9.14 -2.61 7.79
C ASP A 29 -8.94 -1.73 6.57
N LEU A 30 -8.69 -2.34 5.43
CA LEU A 30 -8.48 -1.57 4.16
C LEU A 30 -9.33 -2.19 3.05
N THR A 31 -9.92 -1.38 2.21
CA THR A 31 -10.78 -1.93 1.12
C THR A 31 -9.93 -2.78 0.16
N PRO A 32 -10.50 -3.78 -0.48
CA PRO A 32 -9.73 -4.62 -1.45
C PRO A 32 -8.85 -3.78 -2.39
N LYS A 33 -9.39 -2.71 -2.92
CA LYS A 33 -8.61 -1.85 -3.84
C LYS A 33 -7.29 -1.45 -3.16
N GLU A 34 -7.36 -1.02 -1.93
CA GLU A 34 -6.12 -0.61 -1.21
C GLU A 34 -5.10 -1.75 -1.24
N TYR A 35 -5.54 -2.95 -0.97
CA TYR A 35 -4.61 -4.10 -0.97
C TYR A 35 -3.88 -4.20 -2.33
N ALA A 36 -4.50 -3.74 -3.38
CA ALA A 36 -3.84 -3.81 -4.72
C ALA A 36 -2.74 -2.74 -4.81
N LEU A 37 -3.07 -1.51 -4.55
CA LEU A 37 -2.03 -0.44 -4.62
C LEU A 37 -0.92 -0.80 -3.62
N LEU A 38 -1.32 -1.25 -2.47
CA LEU A 38 -0.32 -1.64 -1.43
C LEU A 38 0.54 -2.80 -1.95
N SER A 39 -0.08 -3.77 -2.58
CA SER A 39 0.69 -4.93 -3.10
C SER A 39 1.88 -4.46 -3.95
N ARG A 40 1.73 -3.40 -4.69
CA ARG A 40 2.88 -2.93 -5.53
C ARG A 40 3.89 -2.20 -4.66
N LEU A 41 3.44 -1.43 -3.71
CA LEU A 41 4.39 -0.70 -2.83
C LEU A 41 5.32 -1.73 -2.15
N MET A 42 4.78 -2.81 -1.67
CA MET A 42 5.64 -3.83 -1.00
C MET A 42 6.55 -4.50 -2.04
N MET A 43 6.12 -4.56 -3.27
CA MET A 43 6.96 -5.20 -4.31
C MET A 43 8.26 -4.41 -4.44
N LYS A 44 8.19 -3.12 -4.24
CA LYS A 44 9.41 -2.25 -4.35
C LYS A 44 9.62 -1.47 -3.04
N ALA A 45 9.54 -2.14 -1.92
CA ALA A 45 9.72 -1.43 -0.62
C ALA A 45 11.18 -1.00 -0.46
N GLY A 46 11.39 0.22 0.02
CA GLY A 46 12.78 0.73 0.22
C GLY A 46 13.18 1.63 -0.95
N SER A 47 12.43 1.59 -2.02
CA SER A 47 12.74 2.45 -3.23
C SER A 47 11.55 3.37 -3.49
N PRO A 48 11.76 4.53 -4.06
CA PRO A 48 10.65 5.49 -4.35
C PRO A 48 9.82 5.03 -5.55
N VAL A 49 8.55 4.79 -5.36
CA VAL A 49 7.67 4.34 -6.48
C VAL A 49 6.87 5.52 -7.02
N HIS A 50 6.74 5.61 -8.32
CA HIS A 50 5.96 6.73 -8.92
C HIS A 50 4.47 6.39 -8.81
N ARG A 51 3.69 7.28 -8.25
CA ARG A 51 2.23 7.02 -8.11
C ARG A 51 1.67 6.62 -9.46
N GLU A 52 2.41 6.89 -10.50
CA GLU A 52 1.94 6.51 -11.85
C GLU A 52 1.88 4.98 -11.92
N ILE A 53 2.84 4.33 -11.32
CA ILE A 53 2.86 2.83 -11.33
C ILE A 53 1.79 2.30 -10.38
N LEU A 54 1.55 2.99 -9.29
CA LEU A 54 0.50 2.54 -8.33
C LEU A 54 -0.88 2.81 -8.93
N TYR A 55 -0.97 3.77 -9.80
CA TYR A 55 -2.27 4.09 -10.43
C TYR A 55 -2.80 2.86 -11.18
N ASN A 56 -1.90 2.12 -11.79
CA ASN A 56 -2.33 0.91 -12.55
C ASN A 56 -3.04 -0.07 -11.62
N ASP A 57 -2.71 -0.04 -10.36
CA ASP A 57 -3.37 -0.98 -9.40
C ASP A 57 -4.85 -0.61 -9.24
N ILE A 58 -5.14 0.61 -8.91
CA ILE A 58 -6.56 1.04 -8.72
C ILE A 58 -7.27 1.10 -10.07
N TYR A 59 -6.55 1.36 -11.13
CA TYR A 59 -7.21 1.44 -12.47
C TYR A 59 -8.08 0.20 -12.69
N SER A 60 -7.47 -0.95 -12.81
CA SER A 60 -8.24 -2.20 -13.03
C SER A 60 -9.14 -2.04 -14.26
N TRP A 61 -8.91 -1.03 -15.05
CA TRP A 61 -9.75 -0.82 -16.26
C TRP A 61 -11.23 -0.81 -15.87
N ASP A 62 -11.59 -0.04 -14.88
CA ASP A 62 -13.01 0.02 -14.44
C ASP A 62 -13.28 1.33 -13.71
N ASN A 63 -12.32 1.83 -13.00
CA ASN A 63 -12.52 3.11 -12.26
C ASN A 63 -12.88 4.22 -13.24
N GLU A 64 -12.31 4.19 -14.42
CA GLU A 64 -12.62 5.24 -15.43
C GLU A 64 -12.40 6.63 -14.81
N PRO A 65 -11.16 7.04 -14.67
CA PRO A 65 -10.82 8.37 -14.08
C PRO A 65 -11.68 9.50 -14.66
N ALA A 66 -12.63 9.99 -13.91
CA ALA A 66 -13.51 11.09 -14.40
C ALA A 66 -12.79 12.43 -14.24
N THR A 67 -12.30 12.72 -13.06
CA THR A 67 -11.59 14.01 -12.83
C THR A 67 -10.95 14.01 -11.45
N ASN A 68 -10.76 15.17 -10.87
CA ASN A 68 -10.13 15.22 -9.52
C ASN A 68 -10.96 14.40 -8.53
N THR A 69 -10.55 13.18 -8.28
CA THR A 69 -11.31 12.33 -7.33
C THR A 69 -10.47 11.11 -6.97
N LEU A 70 -9.73 10.59 -7.91
CA LEU A 70 -8.90 9.40 -7.64
C LEU A 70 -7.81 9.78 -6.61
N GLU A 71 -7.12 10.86 -6.82
CA GLU A 71 -6.07 11.25 -5.84
C GLU A 71 -6.75 11.56 -4.50
N VAL A 72 -7.93 12.11 -4.54
CA VAL A 72 -8.64 12.40 -3.27
C VAL A 72 -9.03 11.09 -2.62
N HIS A 73 -9.38 10.11 -3.42
CA HIS A 73 -9.74 8.79 -2.86
C HIS A 73 -8.53 8.29 -2.07
N ILE A 74 -7.35 8.53 -2.58
CA ILE A 74 -6.14 8.09 -1.87
C ILE A 74 -6.07 8.85 -0.54
N HIS A 75 -6.47 10.08 -0.54
CA HIS A 75 -6.43 10.85 0.73
C HIS A 75 -7.37 10.20 1.74
N ASN A 76 -8.46 9.65 1.26
CA ASN A 76 -9.41 8.97 2.18
C ASN A 76 -8.87 7.60 2.56
N LEU A 77 -8.31 6.89 1.62
CA LEU A 77 -7.77 5.53 1.92
C LEU A 77 -6.49 5.66 2.75
N ARG A 78 -5.70 6.63 2.44
CA ARG A 78 -4.42 6.84 3.20
C ARG A 78 -4.69 7.02 4.69
N GLU A 79 -5.64 7.84 5.05
CA GLU A 79 -5.93 8.06 6.50
C GLU A 79 -6.40 6.76 7.16
N LYS A 80 -6.78 5.76 6.39
CA LYS A 80 -7.25 4.49 7.00
C LYS A 80 -6.07 3.54 7.26
N ILE A 81 -5.12 3.48 6.37
CA ILE A 81 -3.97 2.55 6.56
C ILE A 81 -2.94 3.19 7.49
N GLY A 82 -3.02 4.47 7.70
CA GLY A 82 -2.03 5.13 8.59
C GLY A 82 -0.74 5.36 7.80
N LYS A 83 -0.66 6.45 7.10
CA LYS A 83 0.55 6.77 6.28
C LYS A 83 1.82 6.51 7.09
N SER A 84 1.71 6.39 8.38
CA SER A 84 2.91 6.15 9.23
C SER A 84 3.72 4.98 8.64
N ARG A 85 3.05 3.92 8.26
CA ARG A 85 3.78 2.75 7.69
C ARG A 85 4.22 3.06 6.25
N ILE A 86 4.06 4.28 5.82
CA ILE A 86 4.46 4.67 4.42
C ILE A 86 5.17 6.03 4.46
N ARG A 87 6.34 6.12 3.89
CA ARG A 87 7.10 7.41 3.88
C ARG A 87 6.86 8.11 2.55
N THR A 88 5.95 9.05 2.50
CA THR A 88 5.67 9.77 1.22
C THR A 88 6.89 10.62 0.84
N VAL A 89 7.33 10.52 -0.38
CA VAL A 89 8.54 11.30 -0.83
C VAL A 89 8.11 12.53 -1.63
N ARG A 90 8.30 13.70 -1.07
CA ARG A 90 7.91 14.95 -1.78
C ARG A 90 6.50 14.83 -2.35
N GLY A 91 5.71 13.93 -1.84
CA GLY A 91 4.33 13.77 -2.36
C GLY A 91 4.38 13.31 -3.81
N PHE A 92 5.56 13.18 -4.36
CA PHE A 92 5.69 12.73 -5.77
C PHE A 92 5.43 11.22 -5.82
N GLY A 93 6.40 10.44 -5.42
CA GLY A 93 6.24 8.95 -5.43
C GLY A 93 5.89 8.48 -4.03
N TYR A 94 6.29 7.29 -3.67
CA TYR A 94 5.98 6.77 -2.30
C TYR A 94 7.07 5.78 -1.90
N MET A 95 7.22 5.53 -0.63
CA MET A 95 8.27 4.56 -0.18
C MET A 95 7.99 4.08 1.23
N LEU A 96 8.11 2.80 1.46
CA LEU A 96 7.85 2.24 2.82
C LEU A 96 9.18 2.17 3.59
N ALA A 97 9.20 2.66 4.80
CA ALA A 97 10.47 2.63 5.60
C ALA A 97 10.71 1.21 6.11
N ASN A 98 11.85 0.65 5.81
CA ASN A 98 12.14 -0.74 6.28
C ASN A 98 12.61 -0.69 7.73
N ASN A 99 11.79 -1.14 8.63
CA ASN A 99 12.18 -1.14 10.08
C ASN A 99 12.68 0.26 10.47
N ILE A 100 11.81 1.08 10.99
CA ILE A 100 12.22 2.45 11.40
C ILE A 100 13.15 2.32 12.63
N ASP A 101 13.40 1.11 13.03
CA ASP A 101 14.28 0.85 14.21
C ASP A 101 13.53 1.23 15.48
N THR A 102 12.29 0.82 15.60
CA THR A 102 11.50 1.15 16.82
C THR A 102 10.27 0.24 16.88
N GLU A 103 9.86 -0.14 18.06
CA GLU A 103 8.67 -1.03 18.20
C GLU A 103 8.21 -1.05 19.66
#